data_6JPR
#
_entry.id   6JPR
#
_cell.length_a   67.136
_cell.length_b   186.158
_cell.length_c   85.532
_cell.angle_alpha   90.00
_cell.angle_beta   94.33
_cell.angle_gamma   90.00
#
_symmetry.space_group_name_H-M   'P 1 21 1'
#
loop_
_entity.id
_entity.type
_entity.pdbx_description
1 polymer Phycocyanin
2 polymer Phycocyanin
3 non-polymer PHYCOCYANOBILIN
4 non-polymer 'SODIUM ION'
5 non-polymer GLYCEROL
6 water water
#
loop_
_entity_poly.entity_id
_entity_poly.type
_entity_poly.pdbx_seq_one_letter_code
_entity_poly.pdbx_strand_id
1 'polypeptide(L)'
;KKTPLTEAISAADSQGRYLSSTEIQVAFGRFRQAPASLQAAKSLSANASRLTEGAAQAVYNKFPYTTQQQGPNFAYDQRG
KAKCVRDVGYYLRIITYALVVGGTGPLDDYLISGLAEINKTFDLSPSWYIEALKYIKANHGLSGDPAVEANSYIDYVINT
LS
;
A,C,E,G,I,K
2 'polypeptide(L)'
;MLDAFAKVVAQADTRGEYLTDAQLDALSELVKEGNKRADAVNRITSNASAIVAAAVRDLWAEQPQLIAPGG(MEN)AYTS
RRAAACIRDLDIILRYVTYAIFAGDSSVLDDRALNGLRETYLALGTPGASVAVGIQKLKDASLKIVNDPNGITRGDCSAL
AAEIASYFDRAAAAVA
;
B,D,F,H,J,L
#
loop_
_chem_comp.id
_chem_comp.type
_chem_comp.name
_chem_comp.formula
CYC non-polymer PHYCOCYANOBILIN 'C33 H40 N4 O6'
GOL non-polymer GLYCEROL 'C3 H8 O3'
NA non-polymer 'SODIUM ION' 'Na 1'
#
# COMPACT_ATOMS: atom_id res chain seq x y z
N LYS A 1 -19.81 -21.66 -3.32
CA LYS A 1 -18.76 -21.60 -2.30
C LYS A 1 -19.30 -21.13 -0.95
N LYS A 2 -20.04 -20.01 -0.94
CA LYS A 2 -20.53 -19.43 0.30
C LYS A 2 -21.66 -20.29 0.87
N THR A 3 -21.35 -21.05 1.91
CA THR A 3 -22.30 -21.84 2.68
C THR A 3 -22.11 -21.49 4.14
N PRO A 4 -23.01 -21.97 5.02
CA PRO A 4 -22.72 -21.81 6.46
C PRO A 4 -21.41 -22.43 6.88
N LEU A 5 -21.05 -23.58 6.31
CA LEU A 5 -19.81 -24.24 6.72
C LEU A 5 -18.58 -23.52 6.18
N THR A 6 -18.61 -23.07 4.92
CA THR A 6 -17.43 -22.44 4.34
C THR A 6 -17.21 -21.05 4.91
N GLU A 7 -18.29 -20.30 5.14
CA GLU A 7 -18.15 -18.99 5.77
C GLU A 7 -17.54 -19.11 7.16
N ALA A 8 -17.92 -20.16 7.91
CA ALA A 8 -17.32 -20.39 9.22
C ALA A 8 -15.82 -20.63 9.08
N ILE A 9 -15.42 -21.44 8.10
CA ILE A 9 -14.00 -21.70 7.88
C ILE A 9 -13.29 -20.43 7.40
N SER A 10 -13.90 -19.72 6.44
CA SER A 10 -13.28 -18.51 5.91
C SER A 10 -13.09 -17.47 6.99
N ALA A 11 -14.09 -17.26 7.84
CA ALA A 11 -13.96 -16.31 8.94
C ALA A 11 -12.84 -16.71 9.88
N ALA A 12 -12.78 -17.98 10.26
CA ALA A 12 -11.73 -18.43 11.17
C ALA A 12 -10.35 -18.32 10.53
N ASP A 13 -10.23 -18.71 9.25
CA ASP A 13 -8.93 -18.73 8.60
C ASP A 13 -8.40 -17.32 8.35
N SER A 14 -9.29 -16.37 8.04
CA SER A 14 -8.88 -14.97 7.94
C SER A 14 -8.33 -14.45 9.26
N GLN A 15 -8.74 -15.03 10.38
CA GLN A 15 -8.18 -14.72 11.69
C GLN A 15 -7.09 -15.70 12.09
N GLY A 16 -6.70 -16.61 11.21
CA GLY A 16 -5.66 -17.58 11.48
C GLY A 16 -5.88 -18.39 12.75
N ARG A 17 -7.03 -19.04 12.86
CA ARG A 17 -7.40 -19.67 14.12
C ARG A 17 -8.24 -20.91 13.86
N TYR A 18 -8.30 -21.77 14.88
CA TYR A 18 -9.11 -22.97 14.81
C TYR A 18 -10.59 -22.63 14.94
N LEU A 19 -11.43 -23.57 14.50
CA LEU A 19 -12.85 -23.48 14.77
C LEU A 19 -13.09 -23.67 16.25
N SER A 20 -14.08 -22.95 16.78
CA SER A 20 -14.47 -23.04 18.18
C SER A 20 -15.91 -23.54 18.26
N SER A 21 -16.50 -23.40 19.45
CA SER A 21 -17.91 -23.79 19.63
C SER A 21 -18.85 -22.87 18.87
N THR A 22 -18.40 -21.65 18.53
CA THR A 22 -19.21 -20.79 17.68
C THR A 22 -19.50 -21.46 16.34
N GLU A 23 -18.44 -21.89 15.65
CA GLU A 23 -18.61 -22.49 14.33
C GLU A 23 -19.32 -23.83 14.41
N ILE A 24 -19.18 -24.55 15.53
CA ILE A 24 -19.95 -25.78 15.71
C ILE A 24 -21.44 -25.48 15.76
N GLN A 25 -21.82 -24.42 16.47
CA GLN A 25 -23.23 -24.03 16.52
C GLN A 25 -23.73 -23.62 15.13
N VAL A 26 -22.85 -23.07 14.29
CA VAL A 26 -23.21 -22.83 12.90
C VAL A 26 -23.51 -24.15 12.19
N ALA A 27 -22.69 -25.17 12.43
CA ALA A 27 -22.93 -26.46 11.81
C ALA A 27 -24.16 -27.14 12.41
N PHE A 28 -24.41 -26.94 13.70
CA PHE A 28 -25.63 -27.48 14.31
C PHE A 28 -26.87 -26.86 13.70
N GLY A 29 -26.84 -25.55 13.46
CA GLY A 29 -28.00 -24.89 12.87
C GLY A 29 -28.22 -25.29 11.42
N ARG A 30 -27.14 -25.34 10.65
CA ARG A 30 -27.25 -25.82 9.27
C ARG A 30 -27.76 -27.25 9.22
N PHE A 31 -27.27 -28.12 10.11
CA PHE A 31 -27.70 -29.52 10.08
C PHE A 31 -29.13 -29.68 10.58
N ARG A 32 -29.55 -28.85 11.53
CA ARG A 32 -30.94 -28.85 11.95
C ARG A 32 -31.87 -28.41 10.81
N GLN A 33 -31.40 -27.53 9.98
CA GLN A 33 -32.18 -27.03 8.88
C GLN A 33 -32.11 -27.82 7.56
N ALA A 34 -30.98 -28.43 7.25
CA ALA A 34 -30.78 -29.18 6.01
C ALA A 34 -31.89 -30.11 5.52
N PRO A 35 -32.45 -30.94 6.48
CA PRO A 35 -33.54 -31.81 6.02
C PRO A 35 -34.73 -31.16 5.30
N ALA A 36 -35.36 -30.14 5.85
CA ALA A 36 -36.48 -29.52 5.17
C ALA A 36 -36.09 -28.71 3.94
N SER A 37 -34.81 -28.55 3.73
CA SER A 37 -34.31 -27.86 2.59
C SER A 37 -34.01 -28.92 1.57
N LEU A 38 -33.38 -29.98 1.96
CA LEU A 38 -33.06 -31.00 1.03
C LEU A 38 -34.32 -31.49 0.41
N GLN A 39 -35.36 -31.57 1.19
CA GLN A 39 -36.58 -32.06 0.60
C GLN A 39 -37.32 -30.98 -0.17
N ALA A 40 -36.94 -29.74 -0.01
CA ALA A 40 -37.52 -28.67 -0.76
C ALA A 40 -36.95 -28.85 -2.16
N ALA A 41 -35.64 -28.97 -2.23
CA ALA A 41 -34.97 -29.15 -3.51
C ALA A 41 -35.50 -30.37 -4.24
N LYS A 42 -35.88 -31.42 -3.50
CA LYS A 42 -36.45 -32.60 -4.14
C LYS A 42 -37.81 -32.30 -4.76
N SER A 43 -38.57 -31.38 -4.15
CA SER A 43 -39.86 -31.00 -4.70
C SER A 43 -39.69 -30.07 -5.89
N LEU A 44 -38.84 -29.06 -5.77
CA LEU A 44 -38.58 -28.13 -6.87
C LEU A 44 -37.99 -28.86 -8.08
N SER A 45 -37.16 -29.87 -7.84
CA SER A 45 -36.62 -30.66 -8.94
C SER A 45 -37.75 -31.36 -9.71
N ALA A 46 -38.63 -32.05 -8.98
CA ALA A 46 -39.71 -32.79 -9.64
C ALA A 46 -40.68 -31.87 -10.37
N ASN A 47 -40.87 -30.66 -9.87
CA ASN A 47 -41.82 -29.71 -10.47
C ASN A 47 -41.14 -28.64 -11.31
N ALA A 48 -39.86 -28.83 -11.65
CA ALA A 48 -39.13 -27.79 -12.39
C ALA A 48 -39.79 -27.51 -13.74
N SER A 49 -40.21 -28.55 -14.45
CA SER A 49 -40.81 -28.36 -15.77
C SER A 49 -42.08 -27.53 -15.67
N ARG A 50 -42.97 -27.88 -14.75
CA ARG A 50 -44.22 -27.15 -14.62
C ARG A 50 -44.00 -25.72 -14.14
N LEU A 51 -43.04 -25.52 -13.23
CA LEU A 51 -42.80 -24.18 -12.69
C LEU A 51 -42.18 -23.28 -13.74
N THR A 52 -41.19 -23.77 -14.49
CA THR A 52 -40.50 -22.91 -15.45
C THR A 52 -41.35 -22.64 -16.69
N GLU A 53 -42.11 -23.64 -17.16
CA GLU A 53 -43.02 -23.39 -18.27
C GLU A 53 -44.10 -22.39 -17.88
N GLY A 54 -44.61 -22.49 -16.66
CA GLY A 54 -45.60 -21.54 -16.20
C GLY A 54 -45.02 -20.18 -15.89
N ALA A 55 -43.78 -20.14 -15.41
CA ALA A 55 -43.14 -18.87 -15.09
C ALA A 55 -42.92 -18.03 -16.34
N ALA A 56 -42.43 -18.65 -17.43
CA ALA A 56 -42.32 -17.93 -18.69
C ALA A 56 -43.69 -17.54 -19.22
N GLN A 57 -44.67 -18.45 -19.12
CA GLN A 57 -46.02 -18.13 -19.54
C GLN A 57 -46.57 -16.94 -18.77
N ALA A 58 -46.25 -16.84 -17.48
CA ALA A 58 -46.70 -15.71 -16.68
C ALA A 58 -46.08 -14.40 -17.18
N VAL A 59 -44.82 -14.45 -17.62
CA VAL A 59 -44.19 -13.23 -18.14
C VAL A 59 -44.83 -12.82 -19.45
N TYR A 60 -45.15 -13.79 -20.32
CA TYR A 60 -45.82 -13.46 -21.58
C TYR A 60 -47.18 -12.84 -21.33
N ASN A 61 -47.91 -13.34 -20.34
CA ASN A 61 -49.24 -12.79 -20.05
C ASN A 61 -49.15 -11.34 -19.56
N LYS A 62 -48.19 -11.05 -18.69
CA LYS A 62 -48.06 -9.70 -18.18
C LYS A 62 -47.43 -8.76 -19.21
N PHE A 63 -46.51 -9.29 -20.02
CA PHE A 63 -45.74 -8.50 -20.98
C PHE A 63 -45.92 -9.12 -22.35
N PRO A 64 -47.07 -8.91 -22.99
CA PRO A 64 -47.35 -9.59 -24.26
C PRO A 64 -46.36 -9.25 -25.37
N TYR A 65 -45.81 -8.03 -25.35
CA TYR A 65 -44.85 -7.64 -26.39
C TYR A 65 -43.65 -8.58 -26.46
N THR A 66 -43.35 -9.30 -25.37
CA THR A 66 -42.24 -10.24 -25.36
C THR A 66 -42.50 -11.46 -26.25
N THR A 67 -43.72 -11.66 -26.73
CA THR A 67 -44.04 -12.74 -27.67
C THR A 67 -44.41 -12.23 -29.05
N GLN A 68 -44.23 -10.93 -29.30
CA GLN A 68 -44.73 -10.30 -30.51
C GLN A 68 -43.64 -9.51 -31.23
N GLN A 69 -42.98 -8.60 -30.53
CA GLN A 69 -41.91 -7.81 -31.15
C GLN A 69 -40.80 -8.72 -31.64
N GLN A 70 -40.34 -8.45 -32.86
CA GLN A 70 -39.47 -9.37 -33.58
C GLN A 70 -38.03 -8.89 -33.46
N GLY A 71 -37.43 -9.23 -32.32
CA GLY A 71 -36.03 -8.98 -32.06
C GLY A 71 -35.41 -10.18 -31.37
N PRO A 72 -34.08 -10.28 -31.38
CA PRO A 72 -33.43 -11.47 -30.80
C PRO A 72 -33.61 -11.57 -29.29
N ASN A 73 -33.78 -10.44 -28.59
CA ASN A 73 -33.99 -10.51 -27.15
C ASN A 73 -35.37 -11.03 -26.75
N PHE A 74 -36.26 -11.27 -27.71
CA PHE A 74 -37.66 -11.54 -27.42
C PHE A 74 -38.03 -12.98 -27.74
N ALA A 75 -39.05 -13.48 -27.03
CA ALA A 75 -39.58 -14.83 -27.22
C ALA A 75 -40.74 -14.85 -28.21
N TYR A 76 -40.62 -14.14 -29.33
CA TYR A 76 -41.70 -14.12 -30.32
C TYR A 76 -41.71 -15.38 -31.19
N ASP A 77 -40.59 -16.08 -31.24
CA ASP A 77 -40.46 -17.27 -32.02
C ASP A 77 -40.16 -18.46 -31.13
N GLN A 78 -40.04 -19.65 -31.70
CA GLN A 78 -39.79 -20.85 -30.96
C GLN A 78 -38.42 -20.80 -30.31
N ARG A 79 -37.51 -20.13 -30.93
CA ARG A 79 -36.19 -19.97 -30.43
C ARG A 79 -36.17 -19.09 -29.22
N GLY A 80 -36.90 -18.01 -29.29
CA GLY A 80 -36.99 -17.07 -28.20
C GLY A 80 -37.57 -17.67 -26.96
N LYS A 81 -38.62 -18.45 -27.15
CA LYS A 81 -39.30 -19.15 -26.10
C LYS A 81 -38.44 -20.16 -25.45
N ALA A 82 -37.66 -20.90 -26.23
CA ALA A 82 -36.73 -21.89 -25.68
C ALA A 82 -35.65 -21.21 -24.84
N LYS A 83 -35.09 -20.11 -25.34
CA LYS A 83 -34.13 -19.34 -24.54
C LYS A 83 -34.75 -18.89 -23.23
N CYS A 84 -36.03 -18.49 -23.26
CA CYS A 84 -36.66 -17.94 -22.06
C CYS A 84 -36.88 -19.01 -21.01
N VAL A 85 -37.53 -20.12 -21.40
CA VAL A 85 -37.75 -21.21 -20.44
C VAL A 85 -36.42 -21.79 -19.99
N ARG A 86 -35.40 -21.72 -20.85
CA ARG A 86 -34.06 -22.15 -20.46
C ARG A 86 -33.52 -21.27 -19.34
N ASP A 87 -33.59 -19.95 -19.53
CA ASP A 87 -33.18 -19.01 -18.48
C ASP A 87 -33.89 -19.31 -17.18
N VAL A 88 -35.23 -19.45 -17.24
CA VAL A 88 -36.01 -19.64 -16.02
C VAL A 88 -35.60 -20.93 -15.33
N GLY A 89 -35.28 -21.96 -16.11
CA GLY A 89 -34.76 -23.19 -15.53
C GLY A 89 -33.41 -22.97 -14.85
N TYR A 90 -32.53 -22.19 -15.48
CA TYR A 90 -31.27 -21.81 -14.84
C TYR A 90 -31.52 -21.14 -13.50
N TYR A 91 -32.38 -20.11 -13.48
CA TYR A 91 -32.74 -19.46 -12.24
C TYR A 91 -33.20 -20.48 -11.19
N LEU A 92 -34.14 -21.34 -11.57
CA LEU A 92 -34.73 -22.26 -10.59
C LEU A 92 -33.73 -23.30 -10.12
N ARG A 93 -33.01 -23.93 -11.05
CA ARG A 93 -32.06 -24.98 -10.69
C ARG A 93 -31.00 -24.46 -9.74
N ILE A 94 -30.50 -23.25 -9.99
CA ILE A 94 -29.49 -22.69 -9.10
C ILE A 94 -30.10 -22.28 -7.77
N ILE A 95 -31.36 -21.86 -7.77
CA ILE A 95 -32.04 -21.57 -6.52
C ILE A 95 -32.14 -22.83 -5.66
N THR A 96 -32.38 -23.98 -6.28
CA THR A 96 -32.39 -25.23 -5.51
C THR A 96 -31.00 -25.58 -5.02
N TYR A 97 -29.97 -25.28 -5.82
CA TYR A 97 -28.60 -25.43 -5.35
C TYR A 97 -28.37 -24.67 -4.06
N ALA A 98 -28.91 -23.45 -3.96
CA ALA A 98 -28.78 -22.66 -2.75
C ALA A 98 -29.43 -23.35 -1.57
N LEU A 99 -30.58 -24.00 -1.80
CA LEU A 99 -31.23 -24.76 -0.74
C LEU A 99 -30.41 -25.96 -0.32
N VAL A 100 -29.80 -26.65 -1.29
CA VAL A 100 -28.99 -27.83 -0.98
C VAL A 100 -27.85 -27.46 -0.03
N VAL A 101 -27.16 -26.35 -0.30
CA VAL A 101 -26.02 -25.96 0.52
C VAL A 101 -26.40 -25.04 1.67
N GLY A 102 -27.61 -24.50 1.68
CA GLY A 102 -28.02 -23.60 2.74
C GLY A 102 -27.39 -22.23 2.65
N GLY A 103 -27.08 -21.76 1.45
CA GLY A 103 -26.50 -20.44 1.31
C GLY A 103 -26.61 -19.93 -0.12
N THR A 104 -26.40 -18.62 -0.26
CA THR A 104 -26.54 -17.95 -1.55
C THR A 104 -25.33 -18.14 -2.46
N GLY A 105 -24.32 -18.89 -2.03
CA GLY A 105 -23.11 -19.12 -2.80
C GLY A 105 -23.35 -19.53 -4.26
N PRO A 106 -24.13 -20.60 -4.48
CA PRO A 106 -24.43 -20.97 -5.86
C PRO A 106 -25.15 -19.88 -6.64
N LEU A 107 -26.06 -19.16 -5.98
CA LEU A 107 -26.70 -18.03 -6.64
C LEU A 107 -25.70 -16.95 -6.96
N ASP A 108 -24.79 -16.66 -6.04
CA ASP A 108 -23.79 -15.62 -6.28
C ASP A 108 -22.83 -16.01 -7.39
N ASP A 109 -22.39 -17.26 -7.41
CA ASP A 109 -21.29 -17.66 -8.29
C ASP A 109 -21.77 -18.07 -9.68
N TYR A 110 -22.89 -18.79 -9.77
CA TYR A 110 -23.33 -19.31 -11.06
C TYR A 110 -24.34 -18.41 -11.76
N LEU A 111 -25.00 -17.51 -11.03
CA LEU A 111 -26.15 -16.81 -11.59
C LEU A 111 -26.04 -15.29 -11.52
N ILE A 112 -25.74 -14.76 -10.35
CA ILE A 112 -25.88 -13.32 -10.12
C ILE A 112 -24.65 -12.54 -10.59
N SER A 113 -23.45 -13.04 -10.32
CA SER A 113 -22.24 -12.38 -10.78
C SER A 113 -22.25 -12.28 -12.30
N GLY A 114 -22.14 -11.06 -12.82
CA GLY A 114 -22.23 -10.82 -14.24
C GLY A 114 -23.62 -10.80 -14.81
N LEU A 115 -24.66 -11.05 -14.01
CA LEU A 115 -26.01 -11.11 -14.55
C LEU A 115 -26.47 -9.74 -15.05
N ALA A 116 -26.17 -8.68 -14.30
CA ALA A 116 -26.54 -7.33 -14.74
C ALA A 116 -25.90 -7.00 -16.08
N GLU A 117 -24.69 -7.50 -16.34
CA GLU A 117 -24.05 -7.28 -17.63
C GLU A 117 -24.73 -8.07 -18.74
N ILE A 118 -25.17 -9.29 -18.42
CA ILE A 118 -25.89 -10.10 -19.41
C ILE A 118 -27.18 -9.42 -19.83
N ASN A 119 -28.01 -9.03 -18.85
CA ASN A 119 -29.29 -8.43 -19.17
C ASN A 119 -29.12 -7.12 -19.94
N LYS A 120 -28.06 -6.37 -19.64
CA LYS A 120 -27.77 -5.14 -20.38
C LYS A 120 -27.36 -5.45 -21.82
N THR A 121 -26.34 -6.30 -21.98
CA THR A 121 -25.78 -6.58 -23.30
C THR A 121 -26.82 -7.13 -24.26
N PHE A 122 -27.71 -8.01 -23.78
CA PHE A 122 -28.67 -8.68 -24.64
C PHE A 122 -30.06 -8.06 -24.56
N ASP A 123 -30.21 -6.90 -23.94
CA ASP A 123 -31.48 -6.19 -23.87
C ASP A 123 -32.57 -7.08 -23.28
N LEU A 124 -32.20 -7.82 -22.24
CA LEU A 124 -33.15 -8.58 -21.45
C LEU A 124 -33.63 -7.71 -20.29
N SER A 125 -34.91 -7.78 -20.00
CA SER A 125 -35.33 -6.83 -18.99
C SER A 125 -35.40 -7.50 -17.61
N PRO A 126 -34.94 -6.82 -16.56
CA PRO A 126 -35.00 -7.43 -15.22
C PRO A 126 -36.41 -7.71 -14.74
N SER A 127 -37.39 -6.90 -15.16
CA SER A 127 -38.77 -7.15 -14.76
C SER A 127 -39.27 -8.48 -15.30
N TRP A 128 -38.78 -8.91 -16.47
CA TRP A 128 -39.18 -10.20 -17.02
C TRP A 128 -38.84 -11.33 -16.06
N TYR A 129 -37.66 -11.29 -15.44
CA TYR A 129 -37.26 -12.35 -14.54
C TYR A 129 -37.79 -12.13 -13.13
N ILE A 130 -38.02 -10.88 -12.73
CA ILE A 130 -38.70 -10.63 -11.47
C ILE A 130 -40.10 -11.22 -11.50
N GLU A 131 -40.82 -11.01 -12.60
CA GLU A 131 -42.17 -11.56 -12.73
C GLU A 131 -42.14 -13.07 -12.77
N ALA A 132 -41.15 -13.65 -13.46
CA ALA A 132 -41.04 -15.10 -13.49
C ALA A 132 -40.77 -15.68 -12.11
N LEU A 133 -39.95 -14.98 -11.31
CA LEU A 133 -39.67 -15.44 -9.95
C LEU A 133 -40.89 -15.28 -9.06
N LYS A 134 -41.65 -14.19 -9.23
CA LYS A 134 -42.89 -14.05 -8.47
C LYS A 134 -43.83 -15.21 -8.75
N TYR A 135 -43.88 -15.68 -10.00
CA TYR A 135 -44.72 -16.83 -10.32
C TYR A 135 -44.22 -18.09 -9.63
N ILE A 136 -42.90 -18.27 -9.55
CA ILE A 136 -42.35 -19.47 -8.94
C ILE A 136 -42.61 -19.47 -7.44
N LYS A 137 -42.56 -18.30 -6.81
CA LYS A 137 -42.85 -18.21 -5.39
C LYS A 137 -44.29 -18.59 -5.09
N ALA A 138 -45.21 -18.17 -5.96
CA ALA A 138 -46.64 -18.38 -5.72
C ALA A 138 -47.09 -19.79 -6.07
N ASN A 139 -46.25 -20.60 -6.73
CA ASN A 139 -46.71 -21.88 -7.25
C ASN A 139 -45.82 -23.07 -6.91
N HIS A 140 -44.69 -22.87 -6.22
CA HIS A 140 -43.89 -24.03 -5.86
C HIS A 140 -44.58 -24.91 -4.82
N GLY A 141 -45.59 -24.39 -4.13
CA GLY A 141 -46.37 -25.19 -3.20
C GLY A 141 -45.64 -25.72 -1.99
N LEU A 142 -44.41 -25.25 -1.74
CA LEU A 142 -43.71 -25.64 -0.53
C LEU A 142 -44.38 -25.03 0.69
N SER A 143 -44.03 -25.55 1.86
CA SER A 143 -44.65 -25.11 3.11
C SER A 143 -43.63 -25.19 4.24
N GLY A 144 -43.90 -24.45 5.32
CA GLY A 144 -43.02 -24.49 6.48
C GLY A 144 -41.67 -23.84 6.21
N ASP A 145 -40.66 -24.34 6.92
CA ASP A 145 -39.29 -23.83 6.74
C ASP A 145 -38.80 -23.89 5.30
N PRO A 146 -38.97 -24.98 4.54
CA PRO A 146 -38.51 -24.98 3.14
C PRO A 146 -39.06 -23.84 2.31
N ALA A 147 -40.35 -23.53 2.46
CA ALA A 147 -40.92 -22.41 1.72
C ALA A 147 -40.27 -21.10 2.12
N VAL A 148 -40.05 -20.90 3.41
CA VAL A 148 -39.44 -19.65 3.89
C VAL A 148 -38.03 -19.50 3.32
N GLU A 149 -37.21 -20.54 3.46
CA GLU A 149 -35.82 -20.45 2.98
C GLU A 149 -35.77 -20.33 1.46
N ALA A 150 -36.62 -21.08 0.75
CA ALA A 150 -36.65 -20.95 -0.71
C ALA A 150 -37.09 -19.55 -1.14
N ASN A 151 -38.12 -19.01 -0.49
CA ASN A 151 -38.58 -17.66 -0.81
C ASN A 151 -37.49 -16.62 -0.53
N SER A 152 -36.65 -16.86 0.48
CA SER A 152 -35.57 -15.93 0.75
C SER A 152 -34.58 -15.90 -0.42
N TYR A 153 -34.35 -17.06 -1.04
CA TYR A 153 -33.45 -17.12 -2.19
C TYR A 153 -34.11 -16.54 -3.44
N ILE A 154 -35.41 -16.75 -3.58
CA ILE A 154 -36.14 -16.11 -4.67
C ILE A 154 -36.09 -14.60 -4.53
N ASP A 155 -36.41 -14.09 -3.34
CA ASP A 155 -36.37 -12.64 -3.11
C ASP A 155 -34.95 -12.10 -3.16
N TYR A 156 -33.97 -12.94 -2.78
CA TYR A 156 -32.57 -12.54 -2.93
C TYR A 156 -32.25 -12.23 -4.39
N VAL A 157 -32.70 -13.06 -5.32
CA VAL A 157 -32.49 -12.78 -6.73
C VAL A 157 -33.28 -11.55 -7.16
N ILE A 158 -34.54 -11.44 -6.70
CA ILE A 158 -35.35 -10.26 -7.02
C ILE A 158 -34.66 -8.98 -6.51
N ASN A 159 -34.07 -9.05 -5.32
CA ASN A 159 -33.35 -7.89 -4.79
C ASN A 159 -32.19 -7.48 -5.69
N THR A 160 -31.56 -8.45 -6.36
CA THR A 160 -30.46 -8.12 -7.26
C THR A 160 -30.96 -7.45 -8.53
N LEU A 161 -32.11 -7.89 -9.04
CA LEU A 161 -32.68 -7.36 -10.27
C LEU A 161 -33.39 -6.03 -10.08
N SER A 162 -33.34 -5.45 -8.88
CA SER A 162 -34.03 -4.18 -8.63
C SER A 162 -33.32 -3.35 -7.56
N MET B 1 -13.03 -23.51 0.66
CA MET B 1 -13.83 -22.95 -0.43
C MET B 1 -15.09 -23.75 -0.63
N LEU B 2 -14.99 -25.07 -0.63
CA LEU B 2 -16.14 -25.91 -0.76
C LEU B 2 -16.37 -26.88 0.37
N ASP B 3 -17.62 -27.15 0.69
CA ASP B 3 -17.96 -28.22 1.61
C ASP B 3 -18.64 -29.34 0.83
N ALA B 4 -19.02 -30.40 1.56
CA ALA B 4 -19.54 -31.59 0.91
C ALA B 4 -20.78 -31.28 0.07
N PHE B 5 -21.61 -30.35 0.54
CA PHE B 5 -22.82 -29.99 -0.20
C PHE B 5 -22.49 -29.19 -1.45
N ALA B 6 -21.60 -28.20 -1.32
CA ALA B 6 -21.22 -27.37 -2.47
C ALA B 6 -20.49 -28.18 -3.53
N LYS B 7 -19.73 -29.19 -3.12
CA LYS B 7 -19.03 -30.04 -4.08
C LYS B 7 -20.01 -30.70 -5.04
N VAL B 8 -21.07 -31.32 -4.50
CA VAL B 8 -22.07 -31.98 -5.32
C VAL B 8 -22.81 -30.97 -6.19
N VAL B 9 -23.14 -29.81 -5.62
CA VAL B 9 -23.78 -28.75 -6.39
C VAL B 9 -22.88 -28.32 -7.55
N ALA B 10 -21.60 -28.10 -7.27
CA ALA B 10 -20.67 -27.70 -8.33
C ALA B 10 -20.59 -28.74 -9.42
N GLN B 11 -20.56 -30.03 -9.05
CA GLN B 11 -20.59 -31.09 -10.04
C GLN B 11 -21.91 -31.14 -10.79
N ALA B 12 -23.01 -30.81 -10.11
CA ALA B 12 -24.31 -30.83 -10.76
C ALA B 12 -24.43 -29.71 -11.78
N ASP B 13 -23.86 -28.53 -11.49
CA ASP B 13 -23.99 -27.40 -12.39
C ASP B 13 -23.24 -27.63 -13.70
N THR B 14 -22.04 -28.22 -13.62
CA THR B 14 -21.29 -28.49 -14.84
C THR B 14 -22.05 -29.40 -15.80
N ARG B 15 -22.98 -30.20 -15.29
CA ARG B 15 -23.88 -30.98 -16.13
C ARG B 15 -25.24 -30.33 -16.29
N GLY B 16 -25.49 -29.21 -15.60
CA GLY B 16 -26.77 -28.52 -15.71
C GLY B 16 -27.94 -29.34 -15.22
N GLU B 17 -27.74 -30.14 -14.18
CA GLU B 17 -28.74 -31.06 -13.69
C GLU B 17 -29.09 -30.75 -12.24
N TYR B 18 -30.32 -31.04 -11.87
CA TYR B 18 -30.70 -31.05 -10.47
C TYR B 18 -30.03 -32.23 -9.77
N LEU B 19 -29.92 -32.12 -8.44
CA LEU B 19 -29.47 -33.26 -7.65
C LEU B 19 -30.53 -34.35 -7.72
N THR B 20 -30.09 -35.58 -7.96
CA THR B 20 -31.02 -36.71 -7.95
C THR B 20 -31.46 -37.00 -6.51
N ASP B 21 -32.56 -37.75 -6.39
CA ASP B 21 -33.03 -38.17 -5.08
C ASP B 21 -31.95 -38.95 -4.34
N ALA B 22 -31.16 -39.75 -5.07
CA ALA B 22 -30.07 -40.48 -4.44
C ALA B 22 -29.01 -39.53 -3.88
N GLN B 23 -28.64 -38.52 -4.67
CA GLN B 23 -27.64 -37.57 -4.20
C GLN B 23 -28.12 -36.76 -3.01
N LEU B 24 -29.43 -36.49 -2.94
CA LEU B 24 -29.97 -35.77 -1.79
C LEU B 24 -29.95 -36.65 -0.54
N ASP B 25 -30.41 -37.90 -0.65
CA ASP B 25 -30.42 -38.79 0.50
C ASP B 25 -29.02 -39.06 1.02
N ALA B 26 -28.03 -39.11 0.13
CA ALA B 26 -26.64 -39.23 0.57
C ALA B 26 -26.22 -38.02 1.38
N LEU B 27 -26.51 -36.82 0.87
CA LEU B 27 -26.21 -35.60 1.62
C LEU B 27 -26.98 -35.56 2.93
N SER B 28 -28.22 -36.04 2.93
CA SER B 28 -28.99 -36.12 4.16
C SER B 28 -28.37 -37.11 5.14
N GLU B 29 -27.69 -38.14 4.63
CA GLU B 29 -27.00 -39.08 5.51
C GLU B 29 -25.82 -38.42 6.21
N LEU B 30 -25.11 -37.54 5.49
CA LEU B 30 -24.01 -36.80 6.11
C LEU B 30 -24.51 -35.91 7.24
N VAL B 31 -25.67 -35.27 7.02
CA VAL B 31 -26.28 -34.43 8.06
C VAL B 31 -26.60 -35.25 9.30
N LYS B 32 -27.07 -36.49 9.11
CA LYS B 32 -27.42 -37.32 10.25
C LYS B 32 -26.20 -37.66 11.09
N GLU B 33 -25.04 -37.83 10.46
CA GLU B 33 -23.78 -38.07 11.16
C GLU B 33 -23.11 -36.77 11.60
N GLY B 34 -23.85 -35.65 11.60
CA GLY B 34 -23.23 -34.35 11.82
C GLY B 34 -22.70 -34.14 13.21
N ASN B 35 -23.26 -34.83 14.21
CA ASN B 35 -22.77 -34.69 15.57
C ASN B 35 -21.42 -35.36 15.76
N LYS B 36 -21.23 -36.54 15.16
CA LYS B 36 -19.91 -37.19 15.19
C LYS B 36 -18.85 -36.31 14.57
N ARG B 37 -19.19 -35.64 13.46
CA ARG B 37 -18.25 -34.76 12.78
C ARG B 37 -17.91 -33.55 13.65
N ALA B 38 -18.89 -33.02 14.38
CA ALA B 38 -18.61 -31.95 15.33
C ALA B 38 -17.69 -32.44 16.45
N ASP B 39 -17.91 -33.66 16.94
CA ASP B 39 -17.04 -34.20 17.99
C ASP B 39 -15.60 -34.29 17.52
N ALA B 40 -15.39 -34.71 16.28
CA ALA B 40 -14.02 -34.82 15.77
C ALA B 40 -13.35 -33.46 15.68
N VAL B 41 -14.07 -32.45 15.18
CA VAL B 41 -13.51 -31.11 15.09
C VAL B 41 -13.22 -30.55 16.48
N ASN B 42 -14.17 -30.71 17.41
CA ASN B 42 -13.98 -30.15 18.75
C ASN B 42 -12.88 -30.89 19.51
N ARG B 43 -12.78 -32.22 19.33
CA ARG B 43 -11.81 -33.00 20.09
C ARG B 43 -10.38 -32.72 19.61
N ILE B 44 -10.17 -32.68 18.30
CA ILE B 44 -8.84 -32.37 17.79
C ILE B 44 -8.44 -30.95 18.17
N THR B 45 -9.36 -30.01 17.96
CA THR B 45 -9.10 -28.60 18.31
C THR B 45 -8.79 -28.46 19.79
N SER B 46 -9.59 -29.10 20.65
CA SER B 46 -9.39 -28.96 22.09
C SER B 46 -8.09 -29.59 22.57
N ASN B 47 -7.39 -30.35 21.73
CA ASN B 47 -6.12 -30.96 22.09
C ASN B 47 -4.97 -30.55 21.18
N ALA B 48 -5.17 -29.55 20.31
CA ALA B 48 -4.22 -29.30 19.22
C ALA B 48 -2.84 -28.90 19.73
N SER B 49 -2.77 -28.17 20.84
CA SER B 49 -1.45 -27.79 21.36
C SER B 49 -0.67 -29.03 21.79
N ALA B 50 -1.34 -29.99 22.44
CA ALA B 50 -0.65 -31.20 22.87
C ALA B 50 -0.35 -32.11 21.67
N ILE B 51 -1.27 -32.21 20.72
CA ILE B 51 -1.06 -33.02 19.53
C ILE B 51 0.19 -32.57 18.78
N VAL B 52 0.28 -31.27 18.51
CA VAL B 52 1.45 -30.74 17.80
C VAL B 52 2.72 -30.96 18.61
N ALA B 53 2.69 -30.57 19.89
CA ALA B 53 3.87 -30.74 20.74
C ALA B 53 4.33 -32.20 20.76
N ALA B 54 3.38 -33.14 20.84
CA ALA B 54 3.74 -34.54 20.80
C ALA B 54 4.32 -34.92 19.44
N ALA B 55 3.79 -34.32 18.36
CA ALA B 55 4.25 -34.64 17.02
C ALA B 55 5.68 -34.17 16.80
N VAL B 56 5.97 -32.89 17.11
CA VAL B 56 7.33 -32.40 16.90
C VAL B 56 8.29 -33.08 17.87
N ARG B 57 7.86 -33.35 19.10
CA ARG B 57 8.72 -34.04 20.05
C ARG B 57 9.12 -35.41 19.51
N ASP B 58 8.14 -36.21 19.12
CA ASP B 58 8.45 -37.55 18.61
C ASP B 58 9.24 -37.48 17.31
N LEU B 59 8.90 -36.53 16.43
CA LEU B 59 9.65 -36.39 15.19
C LEU B 59 11.10 -36.02 15.45
N TRP B 60 11.32 -35.08 16.39
CA TRP B 60 12.68 -34.66 16.69
C TRP B 60 13.45 -35.73 17.44
N ALA B 61 12.79 -36.48 18.33
CA ALA B 61 13.42 -37.63 18.97
C ALA B 61 13.76 -38.70 17.95
N GLU B 62 13.00 -38.76 16.86
CA GLU B 62 13.20 -39.75 15.81
C GLU B 62 14.32 -39.33 14.88
N GLN B 63 14.39 -38.04 14.52
CA GLN B 63 15.38 -37.51 13.60
C GLN B 63 16.16 -36.40 14.32
N PRO B 64 17.10 -36.76 15.18
CA PRO B 64 17.81 -35.73 15.95
C PRO B 64 18.61 -34.77 15.09
N GLN B 65 18.92 -35.13 13.84
CA GLN B 65 19.69 -34.23 12.98
C GLN B 65 18.91 -32.97 12.62
N LEU B 66 17.59 -32.98 12.80
CA LEU B 66 16.80 -31.78 12.49
C LEU B 66 17.06 -30.67 13.51
N ILE B 67 17.12 -31.00 14.80
CA ILE B 67 17.30 -29.99 15.84
C ILE B 67 18.74 -29.87 16.31
N ALA B 68 19.64 -30.75 15.87
CA ALA B 68 21.04 -30.61 16.20
C ALA B 68 21.61 -29.36 15.52
N PRO B 69 22.66 -28.76 16.08
CA PRO B 69 23.29 -27.61 15.42
C PRO B 69 23.54 -27.89 13.96
N GLY B 70 23.18 -26.92 13.12
CA GLY B 70 23.24 -27.09 11.68
C GLY B 70 21.99 -27.70 11.07
N GLY B 71 21.04 -28.15 11.88
CA GLY B 71 19.83 -28.76 11.37
C GLY B 71 18.77 -27.76 10.94
N MEN B 72 17.76 -28.25 10.23
CA MEN B 72 16.74 -27.39 9.68
C MEN B 72 15.89 -26.80 10.80
O MEN B 72 15.34 -25.70 10.73
CB MEN B 72 15.76 -27.99 8.65
CG MEN B 72 15.10 -26.89 7.83
OD1 MEN B 72 13.85 -26.85 7.71
ND2 MEN B 72 15.91 -25.93 7.25
CE2 MEN B 72 15.42 -24.86 6.45
N ALA B 73 15.79 -27.55 11.88
CA ALA B 73 14.98 -27.14 13.03
C ALA B 73 15.84 -26.68 14.20
N TYR B 74 17.12 -26.46 13.95
CA TYR B 74 17.98 -25.91 14.99
C TYR B 74 17.76 -24.40 15.10
N THR B 75 18.14 -23.85 16.26
CA THR B 75 17.85 -22.49 16.71
C THR B 75 16.37 -22.36 17.06
N SER B 76 16.03 -21.39 17.92
CA SER B 76 14.66 -21.27 18.39
C SER B 76 13.70 -20.83 17.28
N ARG B 77 14.17 -19.98 16.36
CA ARG B 77 13.28 -19.48 15.32
C ARG B 77 12.82 -20.61 14.40
N ARG B 78 13.75 -21.45 13.97
CA ARG B 78 13.38 -22.54 13.06
C ARG B 78 12.63 -23.65 13.79
N ALA B 79 12.96 -23.90 15.06
CA ALA B 79 12.15 -24.80 15.85
C ALA B 79 10.71 -24.30 15.97
N ALA B 80 10.54 -23.00 16.23
CA ALA B 80 9.21 -22.43 16.29
C ALA B 80 8.51 -22.49 14.93
N ALA B 81 9.26 -22.32 13.84
CA ALA B 81 8.67 -22.40 12.51
C ALA B 81 8.22 -23.82 12.21
N CYS B 82 8.99 -24.82 12.62
CA CYS B 82 8.62 -26.22 12.43
C CYS B 82 7.38 -26.57 13.25
N ILE B 83 7.32 -26.09 14.49
CA ILE B 83 6.12 -26.28 15.30
C ILE B 83 4.91 -25.65 14.62
N ARG B 84 5.09 -24.41 14.14
CA ARG B 84 3.98 -23.67 13.52
C ARG B 84 3.48 -24.35 12.25
N ASP B 85 4.38 -24.97 11.48
CA ASP B 85 3.97 -25.67 10.27
C ASP B 85 3.02 -26.82 10.59
N LEU B 86 3.41 -27.68 11.55
CA LEU B 86 2.55 -28.80 11.93
C LEU B 86 1.25 -28.31 12.55
N ASP B 87 1.28 -27.15 13.21
CA ASP B 87 0.04 -26.55 13.71
C ASP B 87 -0.86 -26.08 12.57
N ILE B 88 -0.27 -25.35 11.61
CA ILE B 88 -1.01 -24.87 10.45
C ILE B 88 -1.68 -26.03 9.71
N ILE B 89 -0.92 -27.11 9.49
CA ILE B 89 -1.46 -28.27 8.79
C ILE B 89 -2.60 -28.91 9.58
N LEU B 90 -2.42 -29.06 10.90
CA LEU B 90 -3.51 -29.61 11.71
C LEU B 90 -4.75 -28.72 11.65
N ARG B 91 -4.55 -27.40 11.71
CA ARG B 91 -5.67 -26.47 11.65
C ARG B 91 -6.48 -26.64 10.37
N TYR B 92 -5.81 -26.72 9.21
CA TYR B 92 -6.55 -26.90 7.97
C TYR B 92 -7.22 -28.26 7.90
N VAL B 93 -6.61 -29.29 8.50
CA VAL B 93 -7.26 -30.59 8.52
C VAL B 93 -8.54 -30.55 9.35
N THR B 94 -8.54 -29.79 10.44
CA THR B 94 -9.79 -29.58 11.19
C THR B 94 -10.81 -28.85 10.33
N TYR B 95 -10.37 -27.93 9.47
CA TYR B 95 -11.29 -27.30 8.52
C TYR B 95 -11.89 -28.34 7.59
N ALA B 96 -11.05 -29.21 7.02
CA ALA B 96 -11.54 -30.18 6.05
C ALA B 96 -12.55 -31.14 6.67
N ILE B 97 -12.34 -31.51 7.93
CA ILE B 97 -13.30 -32.35 8.64
C ILE B 97 -14.63 -31.63 8.79
N PHE B 98 -14.57 -30.37 9.20
CA PHE B 98 -15.77 -29.55 9.35
C PHE B 98 -16.50 -29.38 8.02
N ALA B 99 -15.75 -29.16 6.95
CA ALA B 99 -16.38 -28.99 5.64
C ALA B 99 -16.88 -30.31 5.08
N GLY B 100 -16.28 -31.44 5.48
CA GLY B 100 -16.54 -32.67 4.78
C GLY B 100 -15.97 -32.68 3.38
N ASP B 101 -14.89 -31.91 3.16
CA ASP B 101 -14.27 -31.79 1.85
C ASP B 101 -12.87 -31.23 2.04
N SER B 102 -11.91 -31.73 1.26
CA SER B 102 -10.51 -31.38 1.42
C SER B 102 -10.09 -30.16 0.61
N SER B 103 -11.03 -29.47 -0.04
CA SER B 103 -10.67 -28.36 -0.92
C SER B 103 -9.98 -27.24 -0.15
N VAL B 104 -10.45 -26.94 1.06
CA VAL B 104 -9.81 -25.89 1.86
C VAL B 104 -8.38 -26.30 2.20
N LEU B 105 -8.16 -27.58 2.44
CA LEU B 105 -6.82 -28.08 2.71
C LEU B 105 -5.95 -27.97 1.46
N ASP B 106 -6.47 -28.46 0.33
CA ASP B 106 -5.71 -28.40 -0.93
C ASP B 106 -5.45 -26.97 -1.35
N ASP B 107 -6.50 -26.15 -1.44
CA ASP B 107 -6.37 -24.82 -2.05
C ASP B 107 -5.48 -23.91 -1.24
N ARG B 108 -5.63 -23.90 0.09
CA ARG B 108 -4.99 -22.88 0.92
C ARG B 108 -3.71 -23.34 1.60
N ALA B 109 -3.58 -24.62 1.92
CA ALA B 109 -2.44 -25.10 2.68
C ALA B 109 -1.47 -25.93 1.85
N LEU B 110 -1.96 -26.93 1.12
CA LEU B 110 -1.06 -27.89 0.49
C LEU B 110 -0.52 -27.40 -0.85
N ASN B 111 -1.26 -26.54 -1.55
CA ASN B 111 -0.86 -26.14 -2.90
C ASN B 111 0.42 -25.32 -2.84
N GLY B 112 1.50 -25.87 -3.39
CA GLY B 112 2.79 -25.21 -3.40
C GLY B 112 3.69 -25.52 -2.22
N LEU B 113 3.21 -26.31 -1.25
CA LEU B 113 3.99 -26.56 -0.05
C LEU B 113 5.21 -27.43 -0.35
N ARG B 114 5.06 -28.40 -1.25
CA ARG B 114 6.20 -29.19 -1.70
C ARG B 114 7.28 -28.29 -2.26
N GLU B 115 6.92 -27.41 -3.21
CA GLU B 115 7.89 -26.52 -3.82
C GLU B 115 8.44 -25.52 -2.80
N THR B 116 7.62 -25.13 -1.82
CA THR B 116 8.08 -24.22 -0.77
C THR B 116 9.20 -24.85 0.05
N TYR B 117 9.00 -26.10 0.49
CA TYR B 117 10.02 -26.75 1.30
C TYR B 117 11.29 -27.02 0.50
N LEU B 118 11.16 -27.25 -0.81
CA LEU B 118 12.35 -27.41 -1.65
C LEU B 118 13.15 -26.13 -1.72
N ALA B 119 12.48 -24.99 -1.91
CA ALA B 119 13.17 -23.72 -1.96
C ALA B 119 13.81 -23.37 -0.62
N LEU B 120 13.24 -23.86 0.48
CA LEU B 120 13.79 -23.56 1.80
C LEU B 120 14.97 -24.46 2.14
N GLY B 121 15.01 -25.67 1.59
CA GLY B 121 15.88 -26.70 2.10
C GLY B 121 15.28 -27.49 3.23
N THR B 122 13.99 -27.33 3.50
CA THR B 122 13.32 -28.05 4.58
C THR B 122 12.95 -29.45 4.10
N PRO B 123 13.35 -30.51 4.84
CA PRO B 123 13.04 -31.87 4.39
C PRO B 123 11.54 -32.17 4.42
N GLY B 124 10.92 -32.16 3.24
CA GLY B 124 9.48 -32.40 3.18
C GLY B 124 9.08 -33.77 3.69
N ALA B 125 9.92 -34.79 3.42
CA ALA B 125 9.63 -36.12 3.92
C ALA B 125 9.67 -36.17 5.44
N SER B 126 10.51 -35.34 6.06
CA SER B 126 10.48 -35.22 7.52
C SER B 126 9.20 -34.55 7.99
N VAL B 127 8.67 -33.59 7.20
CA VAL B 127 7.37 -33.02 7.50
C VAL B 127 6.28 -34.09 7.42
N ALA B 128 6.41 -35.00 6.45
CA ALA B 128 5.42 -36.05 6.28
C ALA B 128 5.36 -36.97 7.50
N VAL B 129 6.52 -37.26 8.09
CA VAL B 129 6.54 -38.05 9.33
C VAL B 129 5.83 -37.30 10.44
N GLY B 130 6.12 -36.00 10.59
CA GLY B 130 5.40 -35.20 11.57
C GLY B 130 3.91 -35.14 11.32
N ILE B 131 3.49 -35.20 10.05
CA ILE B 131 2.06 -35.22 9.74
C ILE B 131 1.46 -36.57 10.13
N GLN B 132 2.22 -37.65 9.95
CA GLN B 132 1.75 -38.98 10.36
C GLN B 132 1.51 -39.03 11.86
N LYS B 133 2.35 -38.34 12.64
CA LYS B 133 2.18 -38.31 14.09
C LYS B 133 1.05 -37.38 14.52
N LEU B 134 0.80 -36.31 13.75
CA LEU B 134 -0.41 -35.52 13.96
C LEU B 134 -1.65 -36.36 13.72
N LYS B 135 -1.59 -37.25 12.73
CA LYS B 135 -2.71 -38.12 12.42
C LYS B 135 -2.94 -39.15 13.52
N ASP B 136 -1.86 -39.78 14.00
CA ASP B 136 -1.99 -40.83 15.00
C ASP B 136 -2.54 -40.28 16.30
N ALA B 137 -1.99 -39.16 16.77
CA ALA B 137 -2.48 -38.57 18.01
C ALA B 137 -3.92 -38.10 17.87
N SER B 138 -4.27 -37.54 16.70
CA SER B 138 -5.63 -37.02 16.50
C SER B 138 -6.65 -38.14 16.45
N LEU B 139 -6.35 -39.23 15.75
CA LEU B 139 -7.31 -40.32 15.62
C LEU B 139 -7.58 -40.99 16.96
N LYS B 140 -6.53 -41.23 17.75
CA LYS B 140 -6.73 -41.82 19.07
C LYS B 140 -7.60 -40.92 19.94
N ILE B 141 -7.48 -39.61 19.79
CA ILE B 141 -8.32 -38.68 20.56
C ILE B 141 -9.74 -38.68 20.03
N VAL B 142 -9.91 -38.77 18.71
CA VAL B 142 -11.25 -38.83 18.15
C VAL B 142 -11.95 -40.12 18.56
N ASN B 143 -11.24 -41.23 18.52
CA ASN B 143 -11.81 -42.53 18.86
C ASN B 143 -11.84 -42.79 20.37
N ASP B 144 -11.56 -41.78 21.18
CA ASP B 144 -11.59 -41.91 22.63
C ASP B 144 -13.01 -42.25 23.10
N PRO B 145 -13.23 -43.42 23.70
CA PRO B 145 -14.61 -43.81 24.05
C PRO B 145 -15.16 -43.19 25.33
N ASN B 146 -14.34 -42.47 26.10
CA ASN B 146 -14.80 -41.90 27.35
C ASN B 146 -15.42 -40.52 27.15
N GLY B 147 -16.42 -40.22 27.96
CA GLY B 147 -17.04 -38.90 27.95
C GLY B 147 -17.80 -38.55 26.69
N ILE B 148 -18.40 -39.54 26.02
CA ILE B 148 -19.07 -39.29 24.76
C ILE B 148 -20.07 -40.41 24.54
N THR B 149 -21.16 -40.11 23.83
CA THR B 149 -22.15 -41.12 23.49
C THR B 149 -21.53 -42.19 22.59
N ARG B 150 -21.49 -43.42 23.07
CA ARG B 150 -20.79 -44.49 22.37
C ARG B 150 -21.51 -44.85 21.07
N GLY B 151 -20.73 -44.91 19.98
CA GLY B 151 -21.30 -45.27 18.70
C GLY B 151 -20.19 -45.51 17.68
N ASP B 152 -20.63 -45.81 16.45
CA ASP B 152 -19.69 -46.10 15.36
C ASP B 152 -19.22 -44.80 14.72
N CYS B 153 -17.88 -44.63 14.67
CA CYS B 153 -17.26 -43.50 13.98
C CYS B 153 -16.15 -43.96 13.05
N SER B 154 -16.18 -45.22 12.61
CA SER B 154 -15.12 -45.74 11.74
C SER B 154 -15.09 -45.01 10.40
N ALA B 155 -16.27 -44.69 9.86
CA ALA B 155 -16.33 -44.02 8.56
C ALA B 155 -15.74 -42.63 8.63
N LEU B 156 -16.13 -41.85 9.64
CA LEU B 156 -15.54 -40.53 9.84
C LEU B 156 -14.04 -40.64 10.08
N ALA B 157 -13.62 -41.64 10.87
CA ALA B 157 -12.20 -41.82 11.15
C ALA B 157 -11.41 -42.16 9.90
N ALA B 158 -12.00 -42.91 8.98
CA ALA B 158 -11.36 -43.14 7.69
C ALA B 158 -11.25 -41.84 6.89
N GLU B 159 -12.32 -41.04 6.87
CA GLU B 159 -12.27 -39.76 6.17
C GLU B 159 -11.19 -38.86 6.74
N ILE B 160 -11.10 -38.77 8.08
CA ILE B 160 -10.09 -37.94 8.72
C ILE B 160 -8.69 -38.42 8.36
N ALA B 161 -8.50 -39.75 8.34
CA ALA B 161 -7.20 -40.29 7.98
C ALA B 161 -6.80 -39.94 6.56
N SER B 162 -7.78 -39.81 5.66
CA SER B 162 -7.46 -39.48 4.27
C SER B 162 -6.99 -38.04 4.13
N TYR B 163 -7.48 -37.13 4.98
CA TYR B 163 -7.00 -35.76 4.94
C TYR B 163 -5.55 -35.65 5.37
N PHE B 164 -5.19 -36.30 6.49
CA PHE B 164 -3.80 -36.29 6.92
C PHE B 164 -2.90 -36.92 5.86
N ASP B 165 -3.24 -38.13 5.39
CA ASP B 165 -2.46 -38.77 4.33
C ASP B 165 -2.36 -37.90 3.09
N ARG B 166 -3.42 -37.14 2.80
CA ARG B 166 -3.38 -36.21 1.67
C ARG B 166 -2.38 -35.10 1.92
N ALA B 167 -2.25 -34.66 3.17
CA ALA B 167 -1.30 -33.60 3.52
C ALA B 167 0.13 -34.13 3.54
N ALA B 168 0.33 -35.37 4.00
CA ALA B 168 1.66 -35.94 4.03
C ALA B 168 2.21 -36.15 2.62
N ALA B 169 1.34 -36.52 1.68
CA ALA B 169 1.78 -36.75 0.31
C ALA B 169 2.16 -35.46 -0.40
N ALA B 170 1.54 -34.33 -0.01
CA ALA B 170 1.68 -33.07 -0.72
C ALA B 170 2.89 -32.25 -0.29
N VAL B 171 3.60 -32.65 0.77
CA VAL B 171 4.73 -31.87 1.26
C VAL B 171 6.05 -32.31 0.65
N ALA B 172 6.12 -33.50 0.07
CA ALA B 172 7.33 -33.95 -0.61
C ALA B 172 6.95 -34.63 -1.91
N LYS C 1 23.92 -11.77 13.05
CA LYS C 1 23.98 -10.82 11.95
C LYS C 1 24.18 -9.38 12.42
N LYS C 2 23.42 -8.95 13.42
CA LYS C 2 23.52 -7.59 13.93
C LYS C 2 24.83 -7.42 14.68
N THR C 3 25.75 -6.65 14.09
CA THR C 3 27.01 -6.26 14.70
C THR C 3 27.11 -4.75 14.56
N PRO C 4 28.13 -4.13 15.16
CA PRO C 4 28.36 -2.71 14.86
C PRO C 4 28.68 -2.47 13.39
N LEU C 5 29.41 -3.39 12.76
CA LEU C 5 29.79 -3.20 11.37
C LEU C 5 28.61 -3.43 10.44
N THR C 6 27.82 -4.50 10.67
CA THR C 6 26.70 -4.77 9.77
C THR C 6 25.59 -3.75 9.93
N GLU C 7 25.35 -3.26 11.16
CA GLU C 7 24.36 -2.21 11.35
C GLU C 7 24.79 -0.93 10.67
N ALA C 8 26.08 -0.59 10.75
CA ALA C 8 26.61 0.55 10.02
C ALA C 8 26.34 0.43 8.52
N ILE C 9 26.63 -0.75 7.96
CA ILE C 9 26.38 -0.98 6.54
C ILE C 9 24.89 -0.91 6.23
N SER C 10 24.08 -1.59 7.05
CA SER C 10 22.65 -1.67 6.80
C SER C 10 21.99 -0.29 6.87
N ALA C 11 22.52 0.61 7.70
CA ALA C 11 22.00 1.97 7.74
C ALA C 11 22.44 2.77 6.52
N ALA C 12 23.70 2.64 6.12
CA ALA C 12 24.17 3.36 4.94
C ALA C 12 23.54 2.83 3.67
N ASP C 13 23.31 1.51 3.61
CA ASP C 13 22.72 0.93 2.41
C ASP C 13 21.23 1.31 2.30
N SER C 14 20.52 1.32 3.43
CA SER C 14 19.11 1.68 3.41
C SER C 14 18.89 3.13 2.96
N GLN C 15 19.93 3.96 2.98
CA GLN C 15 19.86 5.32 2.48
C GLN C 15 20.66 5.51 1.20
N GLY C 16 21.12 4.42 0.58
CA GLY C 16 21.89 4.52 -0.65
C GLY C 16 23.19 5.29 -0.51
N ARG C 17 23.77 5.31 0.68
CA ARG C 17 24.95 6.11 0.96
C ARG C 17 26.21 5.26 1.04
N TYR C 18 27.31 5.83 0.56
CA TYR C 18 28.61 5.30 0.93
C TYR C 18 28.83 5.45 2.43
N LEU C 19 29.81 4.72 2.96
CA LEU C 19 30.16 4.88 4.36
C LEU C 19 30.92 6.19 4.53
N SER C 20 30.54 6.96 5.55
CA SER C 20 31.18 8.22 5.89
C SER C 20 31.93 8.08 7.21
N SER C 21 32.43 9.20 7.73
CA SER C 21 33.23 9.17 8.95
C SER C 21 32.42 8.73 10.16
N THR C 22 31.08 8.82 10.10
CA THR C 22 30.25 8.29 11.17
C THR C 22 30.43 6.79 11.33
N GLU C 23 30.29 6.05 10.22
CA GLU C 23 30.42 4.60 10.29
C GLU C 23 31.84 4.17 10.56
N ILE C 24 32.82 4.99 10.16
CA ILE C 24 34.21 4.67 10.48
C ILE C 24 34.44 4.76 11.98
N GLN C 25 33.82 5.75 12.63
CA GLN C 25 33.89 5.82 14.09
C GLN C 25 33.21 4.63 14.75
N VAL C 26 32.19 4.07 14.09
CA VAL C 26 31.60 2.81 14.57
C VAL C 26 32.65 1.71 14.55
N ALA C 27 33.43 1.62 13.46
CA ALA C 27 34.48 0.61 13.40
C ALA C 27 35.54 0.85 14.47
N PHE C 28 35.94 2.11 14.67
CA PHE C 28 36.90 2.41 15.73
C PHE C 28 36.36 1.97 17.08
N GLY C 29 35.09 2.23 17.35
CA GLY C 29 34.49 1.79 18.60
C GLY C 29 34.47 0.29 18.73
N ARG C 30 34.21 -0.38 17.65
CA ARG C 30 34.20 -1.80 17.69
C ARG C 30 35.59 -2.36 17.92
N PHE C 31 36.59 -1.78 17.33
CA PHE C 31 37.96 -2.29 17.46
C PHE C 31 38.58 -1.95 18.81
N ARG C 32 38.28 -0.77 19.37
CA ARG C 32 38.74 -0.47 20.72
C ARG C 32 38.16 -1.46 21.72
N GLN C 33 36.90 -1.83 21.55
CA GLN C 33 36.21 -2.71 22.49
C GLN C 33 36.47 -4.19 22.22
N ALA C 34 36.88 -4.54 20.99
CA ALA C 34 37.00 -5.96 20.63
C ALA C 34 37.95 -6.74 21.52
N PRO C 35 39.17 -6.27 21.85
CA PRO C 35 40.02 -7.06 22.75
C PRO C 35 39.37 -7.42 24.07
N ALA C 36 38.63 -6.50 24.69
CA ALA C 36 37.90 -6.83 25.90
C ALA C 36 36.78 -7.82 25.62
N SER C 37 36.08 -7.65 24.51
CA SER C 37 35.05 -8.61 24.12
C SER C 37 35.65 -9.98 23.84
N LEU C 38 36.77 -10.00 23.08
CA LEU C 38 37.41 -11.27 22.78
C LEU C 38 38.01 -11.90 24.01
N GLN C 39 38.35 -11.08 25.02
CA GLN C 39 38.82 -11.62 26.30
C GLN C 39 37.71 -12.37 27.00
N ALA C 40 36.54 -11.75 27.13
CA ALA C 40 35.42 -12.42 27.78
C ALA C 40 35.05 -13.71 27.06
N ALA C 41 35.04 -13.69 25.73
CA ALA C 41 34.65 -14.88 24.97
C ALA C 41 35.63 -16.02 25.17
N LYS C 42 36.93 -15.72 25.23
CA LYS C 42 37.93 -16.77 25.44
C LYS C 42 37.82 -17.36 26.83
N SER C 43 37.52 -16.52 27.83
CA SER C 43 37.41 -16.99 29.20
C SER C 43 36.17 -17.85 29.39
N LEU C 44 35.03 -17.38 28.88
CA LEU C 44 33.80 -18.15 29.00
C LEU C 44 33.92 -19.50 28.30
N SER C 45 34.60 -19.52 27.15
CA SER C 45 34.77 -20.78 26.42
C SER C 45 35.62 -21.76 27.22
N ALA C 46 36.72 -21.28 27.82
CA ALA C 46 37.58 -22.15 28.60
C ALA C 46 36.88 -22.68 29.84
N ASN C 47 35.96 -21.91 30.40
CA ASN C 47 35.20 -22.30 31.58
C ASN C 47 33.77 -22.72 31.25
N ALA C 48 33.51 -23.12 30.00
CA ALA C 48 32.14 -23.38 29.58
C ALA C 48 31.57 -24.61 30.26
N SER C 49 32.40 -25.64 30.46
CA SER C 49 31.90 -26.87 31.07
C SER C 49 31.44 -26.65 32.50
N ARG C 50 32.29 -26.04 33.34
CA ARG C 50 31.92 -25.86 34.74
C ARG C 50 30.82 -24.81 34.90
N LEU C 51 30.79 -23.80 34.02
CA LEU C 51 29.71 -22.82 34.10
C LEU C 51 28.39 -23.42 33.65
N THR C 52 28.42 -24.34 32.69
CA THR C 52 27.17 -24.92 32.17
C THR C 52 26.58 -25.91 33.16
N GLU C 53 27.39 -26.86 33.63
CA GLU C 53 26.93 -27.79 34.65
C GLU C 53 26.58 -27.04 35.94
N GLY C 54 27.38 -26.06 36.31
CA GLY C 54 27.09 -25.28 37.51
C GLY C 54 25.79 -24.50 37.42
N ALA C 55 25.53 -23.90 36.26
CA ALA C 55 24.31 -23.12 36.09
C ALA C 55 23.08 -24.01 36.15
N ALA C 56 23.11 -25.14 35.43
CA ALA C 56 21.98 -26.06 35.47
C ALA C 56 21.75 -26.62 36.86
N GLN C 57 22.81 -26.80 37.65
CA GLN C 57 22.63 -27.25 39.02
C GLN C 57 22.04 -26.15 39.90
N ALA C 58 22.39 -24.88 39.64
CA ALA C 58 21.75 -23.78 40.37
C ALA C 58 20.26 -23.75 40.13
N VAL C 59 19.81 -24.12 38.91
CA VAL C 59 18.39 -24.23 38.63
C VAL C 59 17.78 -25.36 39.44
N TYR C 60 18.47 -26.50 39.52
CA TYR C 60 17.95 -27.63 40.27
C TYR C 60 17.81 -27.31 41.74
N ASN C 61 18.77 -26.56 42.30
CA ASN C 61 18.67 -26.15 43.68
C ASN C 61 17.54 -25.13 43.88
N LYS C 62 17.50 -24.11 43.02
CA LYS C 62 16.48 -23.08 43.14
C LYS C 62 15.07 -23.64 42.94
N PHE C 63 14.91 -24.57 41.99
CA PHE C 63 13.62 -25.20 41.70
C PHE C 63 13.78 -26.71 41.81
N PRO C 64 13.73 -27.26 43.02
CA PRO C 64 13.96 -28.70 43.18
C PRO C 64 12.93 -29.57 42.47
N TYR C 65 11.74 -29.04 42.21
CA TYR C 65 10.70 -29.86 41.59
C TYR C 65 11.07 -30.27 40.17
N THR C 66 12.03 -29.60 39.53
CA THR C 66 12.39 -29.92 38.16
C THR C 66 13.16 -31.24 38.06
N THR C 67 13.91 -31.60 39.09
CA THR C 67 14.56 -32.90 39.17
C THR C 67 13.69 -33.93 39.88
N GLN C 68 12.41 -33.61 40.08
CA GLN C 68 11.57 -34.35 41.01
C GLN C 68 10.26 -34.74 40.34
N GLN C 69 9.56 -33.76 39.77
CA GLN C 69 8.33 -34.04 39.05
C GLN C 69 8.62 -34.80 37.77
N GLN C 70 7.67 -35.65 37.39
CA GLN C 70 7.83 -36.55 36.25
C GLN C 70 7.07 -35.98 35.05
N GLY C 71 7.81 -35.62 34.01
CA GLY C 71 7.24 -35.05 32.82
C GLY C 71 8.32 -34.82 31.77
N PRO C 72 7.90 -34.75 30.50
CA PRO C 72 8.90 -34.52 29.44
C PRO C 72 9.71 -33.26 29.66
N ASN C 73 9.08 -32.19 30.15
CA ASN C 73 9.73 -30.91 30.33
C ASN C 73 10.70 -30.88 31.51
N PHE C 74 10.71 -31.89 32.37
CA PHE C 74 11.48 -31.83 33.59
C PHE C 74 12.75 -32.67 33.48
N ALA C 75 13.75 -32.26 34.26
CA ALA C 75 15.04 -32.94 34.35
C ALA C 75 15.09 -33.92 35.52
N TYR C 76 14.05 -34.72 35.63
CA TYR C 76 14.00 -35.68 36.69
C TYR C 76 14.72 -36.95 36.28
N ASP C 77 14.78 -37.20 34.99
CA ASP C 77 15.51 -38.35 34.53
C ASP C 77 16.82 -37.86 33.90
N GLN C 78 17.63 -38.78 33.42
CA GLN C 78 18.91 -38.44 32.86
C GLN C 78 18.72 -37.79 31.52
N ARG C 79 17.61 -38.12 30.89
CA ARG C 79 17.24 -37.55 29.64
C ARG C 79 16.95 -36.06 29.83
N GLY C 80 16.27 -35.73 30.88
CA GLY C 80 15.94 -34.37 31.19
C GLY C 80 17.11 -33.52 31.55
N LYS C 81 18.01 -34.06 32.34
CA LYS C 81 19.16 -33.34 32.77
C LYS C 81 20.08 -33.12 31.61
N ALA C 82 20.14 -34.06 30.68
CA ALA C 82 20.97 -33.87 29.54
C ALA C 82 20.43 -32.71 28.70
N LYS C 83 19.14 -32.74 28.40
CA LYS C 83 18.51 -31.63 27.70
C LYS C 83 18.81 -30.30 28.37
N CYS C 84 18.70 -30.26 29.70
CA CYS C 84 18.87 -29.00 30.42
C CYS C 84 20.27 -28.44 30.23
N VAL C 85 21.29 -29.25 30.51
CA VAL C 85 22.68 -28.83 30.30
C VAL C 85 22.89 -28.36 28.87
N ARG C 86 22.27 -29.05 27.91
CA ARG C 86 22.38 -28.64 26.51
C ARG C 86 21.82 -27.24 26.31
N ASP C 87 20.62 -26.97 26.83
CA ASP C 87 20.02 -25.64 26.72
C ASP C 87 20.94 -24.59 27.33
N VAL C 88 21.37 -24.79 28.59
CA VAL C 88 22.27 -23.83 29.23
C VAL C 88 23.52 -23.65 28.40
N GLY C 89 24.07 -24.75 27.88
CA GLY C 89 25.23 -24.65 27.00
C GLY C 89 24.94 -23.88 25.73
N TYR C 90 23.70 -23.96 25.24
CA TYR C 90 23.30 -23.16 24.10
C TYR C 90 23.30 -21.67 24.44
N TYR C 91 22.63 -21.30 25.54
CA TYR C 91 22.62 -19.92 25.98
C TYR C 91 24.03 -19.36 26.12
N LEU C 92 24.89 -20.07 26.84
CA LEU C 92 26.24 -19.56 27.09
C LEU C 92 27.04 -19.45 25.80
N ARG C 93 26.94 -20.46 24.92
CA ARG C 93 27.72 -20.43 23.69
C ARG C 93 27.29 -19.28 22.79
N ILE C 94 25.98 -19.08 22.64
CA ILE C 94 25.51 -17.99 21.80
C ILE C 94 25.83 -16.64 22.43
N ILE C 95 25.90 -16.59 23.77
CA ILE C 95 26.34 -15.37 24.44
C ILE C 95 27.77 -15.03 24.06
N THR C 96 28.65 -16.05 24.03
CA THR C 96 30.03 -15.81 23.60
C THR C 96 30.08 -15.33 22.16
N TYR C 97 29.17 -15.79 21.31
CA TYR C 97 29.09 -15.29 19.94
C TYR C 97 28.82 -13.80 19.92
N ALA C 98 27.87 -13.34 20.76
CA ALA C 98 27.57 -11.92 20.84
C ALA C 98 28.83 -11.11 21.17
N LEU C 99 29.60 -11.58 22.15
CA LEU C 99 30.85 -10.91 22.49
C LEU C 99 31.82 -10.92 21.31
N VAL C 100 31.85 -12.02 20.55
CA VAL C 100 32.83 -12.14 19.46
C VAL C 100 32.54 -11.11 18.37
N VAL C 101 31.25 -10.85 18.10
CA VAL C 101 30.87 -9.87 17.09
C VAL C 101 30.58 -8.49 17.68
N GLY C 102 30.47 -8.38 19.01
CA GLY C 102 30.15 -7.10 19.64
C GLY C 102 28.73 -6.65 19.46
N GLY C 103 27.78 -7.59 19.52
CA GLY C 103 26.39 -7.23 19.27
C GLY C 103 25.48 -8.41 19.51
N THR C 104 24.19 -8.10 19.59
CA THR C 104 23.16 -9.06 19.94
C THR C 104 22.69 -9.89 18.75
N GLY C 105 23.31 -9.75 17.58
CA GLY C 105 22.93 -10.48 16.39
C GLY C 105 22.82 -11.98 16.60
N PRO C 106 23.92 -12.62 17.02
CA PRO C 106 23.86 -14.06 17.28
C PRO C 106 22.79 -14.46 18.30
N LEU C 107 22.60 -13.65 19.33
CA LEU C 107 21.56 -13.96 20.31
C LEU C 107 20.18 -13.84 19.71
N ASP C 108 19.93 -12.75 18.98
CA ASP C 108 18.61 -12.53 18.37
C ASP C 108 18.28 -13.63 17.38
N ASP C 109 19.20 -13.95 16.48
CA ASP C 109 18.91 -14.87 15.39
C ASP C 109 18.92 -16.32 15.87
N TYR C 110 19.94 -16.70 16.64
CA TYR C 110 20.12 -18.11 16.97
C TYR C 110 19.36 -18.54 18.23
N LEU C 111 19.02 -17.61 19.13
CA LEU C 111 18.48 -17.97 20.43
C LEU C 111 17.14 -17.31 20.73
N ILE C 112 17.02 -16.00 20.54
CA ILE C 112 15.87 -15.28 21.10
C ILE C 112 14.67 -15.35 20.17
N SER C 113 14.89 -15.23 18.86
CA SER C 113 13.77 -15.30 17.92
C SER C 113 13.08 -16.64 18.05
N GLY C 114 11.80 -16.60 18.42
CA GLY C 114 11.03 -17.81 18.62
C GLY C 114 11.15 -18.43 19.99
N LEU C 115 11.94 -17.84 20.90
CA LEU C 115 12.19 -18.47 22.19
C LEU C 115 10.93 -18.56 23.03
N ALA C 116 10.08 -17.53 22.95
CA ALA C 116 8.86 -17.52 23.76
C ALA C 116 7.91 -18.64 23.34
N GLU C 117 7.80 -18.89 22.03
CA GLU C 117 6.94 -19.98 21.56
C GLU C 117 7.51 -21.34 21.93
N ILE C 118 8.84 -21.47 21.91
CA ILE C 118 9.47 -22.74 22.30
C ILE C 118 9.22 -23.03 23.77
N ASN C 119 9.50 -22.07 24.64
CA ASN C 119 9.35 -22.29 26.08
C ASN C 119 7.89 -22.53 26.44
N LYS C 120 6.97 -21.85 25.75
CA LYS C 120 5.55 -22.06 26.03
C LYS C 120 5.09 -23.43 25.54
N THR C 121 5.58 -23.86 24.37
CA THR C 121 5.12 -25.11 23.79
C THR C 121 5.59 -26.32 24.60
N PHE C 122 6.85 -26.32 25.04
CA PHE C 122 7.40 -27.45 25.78
C PHE C 122 7.33 -27.24 27.28
N ASP C 123 6.59 -26.23 27.75
CA ASP C 123 6.37 -26.01 29.18
C ASP C 123 7.70 -25.86 29.91
N LEU C 124 8.60 -25.09 29.33
CA LEU C 124 9.86 -24.71 29.97
C LEU C 124 9.69 -23.32 30.56
N SER C 125 10.00 -23.17 31.83
CA SER C 125 9.79 -21.90 32.49
C SER C 125 10.92 -20.93 32.15
N PRO C 126 10.60 -19.72 31.68
CA PRO C 126 11.65 -18.69 31.58
C PRO C 126 12.41 -18.50 32.88
N SER C 127 11.77 -18.74 33.97
CA SER C 127 12.36 -18.58 35.25
C SER C 127 13.52 -19.53 35.51
N TRP C 128 13.54 -20.68 34.86
CA TRP C 128 14.63 -21.63 34.98
C TRP C 128 15.91 -21.13 34.37
N TYR C 129 15.82 -20.53 33.19
CA TYR C 129 16.99 -20.01 32.48
C TYR C 129 17.44 -18.66 33.02
N ILE C 130 16.51 -17.88 33.61
CA ILE C 130 16.92 -16.67 34.31
C ILE C 130 17.87 -17.00 35.47
N GLU C 131 17.54 -18.05 36.23
CA GLU C 131 18.42 -18.47 37.32
C GLU C 131 19.75 -19.00 36.79
N ALA C 132 19.71 -19.77 35.71
CA ALA C 132 20.95 -20.23 35.08
C ALA C 132 21.79 -19.04 34.63
N LEU C 133 21.14 -18.03 34.03
CA LEU C 133 21.87 -16.85 33.59
C LEU C 133 22.42 -16.06 34.77
N LYS C 134 21.62 -15.89 35.82
CA LYS C 134 22.10 -15.23 37.02
C LYS C 134 23.35 -15.94 37.58
N TYR C 135 23.33 -17.27 37.59
CA TYR C 135 24.48 -18.03 38.06
C TYR C 135 25.70 -17.75 37.19
N ILE C 136 25.53 -17.73 35.87
CA ILE C 136 26.65 -17.48 34.97
C ILE C 136 27.25 -16.11 35.24
N LYS C 137 26.41 -15.09 35.43
CA LYS C 137 26.91 -13.76 35.73
C LYS C 137 27.74 -13.75 37.01
N ALA C 138 27.22 -14.38 38.07
CA ALA C 138 27.89 -14.34 39.36
C ALA C 138 29.15 -15.19 39.43
N ASN C 139 29.40 -16.05 38.44
CA ASN C 139 30.49 -17.01 38.54
C ASN C 139 31.48 -16.99 37.39
N HIS C 140 31.23 -16.24 36.31
CA HIS C 140 32.18 -16.27 35.20
C HIS C 140 33.52 -15.64 35.55
N GLY C 141 33.59 -14.88 36.64
CA GLY C 141 34.87 -14.40 37.14
C GLY C 141 35.55 -13.34 36.32
N LEU C 142 34.87 -12.79 35.30
CA LEU C 142 35.42 -11.71 34.52
C LEU C 142 35.47 -10.42 35.33
N SER C 143 36.37 -9.54 34.92
CA SER C 143 36.49 -8.21 35.51
C SER C 143 36.57 -7.18 34.40
N GLY C 144 36.56 -5.91 34.78
CA GLY C 144 36.74 -4.83 33.85
C GLY C 144 35.68 -4.80 32.76
N ASP C 145 36.06 -4.21 31.63
CA ASP C 145 35.13 -4.10 30.50
C ASP C 145 34.61 -5.45 30.01
N PRO C 146 35.42 -6.51 29.88
CA PRO C 146 34.84 -7.81 29.47
C PRO C 146 33.70 -8.27 30.36
N ALA C 147 33.80 -8.06 31.68
CA ALA C 147 32.69 -8.39 32.56
C ALA C 147 31.47 -7.53 32.26
N VAL C 148 31.68 -6.22 32.05
CA VAL C 148 30.56 -5.32 31.80
C VAL C 148 29.83 -5.72 30.52
N GLU C 149 30.58 -6.00 29.46
CA GLU C 149 29.92 -6.31 28.19
C GLU C 149 29.28 -7.69 28.23
N ALA C 150 29.96 -8.68 28.82
CA ALA C 150 29.37 -10.00 28.97
C ALA C 150 28.05 -9.92 29.74
N ASN C 151 28.04 -9.19 30.86
CA ASN C 151 26.83 -9.08 31.67
C ASN C 151 25.70 -8.43 30.90
N SER C 152 26.03 -7.44 30.05
CA SER C 152 25.00 -6.79 29.23
C SER C 152 24.25 -7.80 28.38
N TYR C 153 24.97 -8.74 27.77
CA TYR C 153 24.31 -9.78 26.98
C TYR C 153 23.56 -10.76 27.87
N ILE C 154 24.14 -11.09 29.03
CA ILE C 154 23.44 -11.93 30.00
C ILE C 154 22.13 -11.25 30.43
N ASP C 155 22.20 -9.96 30.76
CA ASP C 155 20.99 -9.22 31.11
C ASP C 155 20.08 -9.02 29.91
N TYR C 156 20.64 -8.99 28.70
CA TYR C 156 19.81 -8.93 27.50
C TYR C 156 18.90 -10.15 27.41
N VAL C 157 19.48 -11.35 27.57
CA VAL C 157 18.67 -12.57 27.49
C VAL C 157 17.68 -12.62 28.64
N ILE C 158 18.11 -12.24 29.85
CA ILE C 158 17.20 -12.21 31.00
C ILE C 158 16.04 -11.27 30.73
N ASN C 159 16.32 -10.07 30.19
CA ASN C 159 15.25 -9.14 29.84
C ASN C 159 14.23 -9.78 28.91
N THR C 160 14.70 -10.58 27.94
CA THR C 160 13.80 -11.24 27.01
C THR C 160 12.92 -12.26 27.71
N LEU C 161 13.47 -12.99 28.67
CA LEU C 161 12.73 -13.98 29.44
C LEU C 161 11.82 -13.37 30.50
N SER C 162 11.69 -12.04 30.53
CA SER C 162 10.87 -11.39 31.55
C SER C 162 10.34 -10.04 31.06
N MET D 1 24.99 -8.87 5.46
CA MET D 1 24.56 -9.61 6.65
C MET D 1 25.70 -9.88 7.64
N LEU D 2 26.82 -10.39 7.14
CA LEU D 2 27.91 -10.84 8.01
C LEU D 2 29.14 -9.95 7.85
N ASP D 3 29.83 -9.70 8.97
CA ASP D 3 31.20 -9.23 8.94
C ASP D 3 32.13 -10.41 9.22
N ALA D 4 33.43 -10.12 9.28
CA ALA D 4 34.42 -11.19 9.48
C ALA D 4 34.16 -11.96 10.77
N PHE D 5 33.75 -11.25 11.83
CA PHE D 5 33.46 -11.92 13.09
C PHE D 5 32.24 -12.80 12.97
N ALA D 6 31.12 -12.23 12.49
CA ALA D 6 29.89 -13.01 12.35
C ALA D 6 30.07 -14.20 11.42
N LYS D 7 30.91 -14.07 10.40
CA LYS D 7 31.17 -15.19 9.50
C LYS D 7 31.72 -16.39 10.25
N VAL D 8 32.71 -16.16 11.12
CA VAL D 8 33.27 -17.25 11.91
C VAL D 8 32.25 -17.77 12.91
N VAL D 9 31.40 -16.89 13.45
CA VAL D 9 30.37 -17.30 14.39
C VAL D 9 29.33 -18.17 13.71
N ALA D 10 28.89 -17.78 12.51
CA ALA D 10 27.89 -18.55 11.80
C ALA D 10 28.38 -19.96 11.51
N GLN D 11 29.66 -20.10 11.17
CA GLN D 11 30.21 -21.42 10.89
C GLN D 11 30.34 -22.23 12.17
N ALA D 12 30.66 -21.57 13.29
CA ALA D 12 30.79 -22.29 14.55
C ALA D 12 29.44 -22.72 15.10
N ASP D 13 28.38 -21.98 14.80
CA ASP D 13 27.06 -22.35 15.31
C ASP D 13 26.54 -23.60 14.62
N THR D 14 26.77 -23.73 13.30
CA THR D 14 26.33 -24.93 12.60
C THR D 14 27.04 -26.17 13.13
N ARG D 15 28.24 -26.00 13.68
CA ARG D 15 28.96 -27.08 14.34
C ARG D 15 28.65 -27.17 15.83
N GLY D 16 27.90 -26.22 16.37
CA GLY D 16 27.60 -26.22 17.80
C GLY D 16 28.82 -26.09 18.68
N GLU D 17 29.81 -25.29 18.25
CA GLU D 17 31.09 -25.20 18.93
C GLU D 17 31.41 -23.76 19.29
N TYR D 18 32.09 -23.59 20.42
CA TYR D 18 32.70 -22.31 20.73
C TYR D 18 33.85 -22.05 19.76
N LEU D 19 34.22 -20.77 19.63
CA LEU D 19 35.39 -20.45 18.83
C LEU D 19 36.64 -21.01 19.49
N THR D 20 37.56 -21.49 18.66
CA THR D 20 38.84 -21.96 19.19
C THR D 20 39.71 -20.76 19.57
N ASP D 21 40.74 -21.02 20.37
CA ASP D 21 41.68 -19.96 20.73
C ASP D 21 42.36 -19.39 19.49
N ALA D 22 42.65 -20.25 18.50
CA ALA D 22 43.26 -19.76 17.27
C ALA D 22 42.31 -18.87 16.49
N GLN D 23 41.04 -19.26 16.39
CA GLN D 23 40.06 -18.45 15.68
C GLN D 23 39.93 -17.07 16.31
N LEU D 24 39.84 -17.02 17.65
CA LEU D 24 39.80 -15.74 18.34
C LEU D 24 41.02 -14.91 18.02
N ASP D 25 42.21 -15.52 18.09
CA ASP D 25 43.44 -14.78 17.84
C ASP D 25 43.49 -14.23 16.43
N ALA D 26 42.97 -14.98 15.45
CA ALA D 26 42.91 -14.46 14.09
C ALA D 26 42.04 -13.20 14.03
N LEU D 27 40.89 -13.25 14.70
CA LEU D 27 39.99 -12.09 14.70
C LEU D 27 40.62 -10.92 15.45
N SER D 28 41.34 -11.19 16.54
CA SER D 28 42.08 -10.14 17.24
C SER D 28 43.15 -9.50 16.34
N GLU D 29 43.67 -10.25 15.36
CA GLU D 29 44.63 -9.70 14.41
C GLU D 29 43.98 -8.81 13.37
N LEU D 30 42.76 -9.16 12.95
CA LEU D 30 42.00 -8.28 12.07
C LEU D 30 41.66 -6.97 12.77
N VAL D 31 41.42 -7.02 14.08
CA VAL D 31 41.13 -5.83 14.86
C VAL D 31 42.34 -4.91 14.92
N LYS D 32 43.54 -5.50 15.07
CA LYS D 32 44.74 -4.68 15.18
C LYS D 32 45.04 -3.93 13.87
N GLU D 33 44.66 -4.49 12.73
CA GLU D 33 44.86 -3.87 11.44
C GLU D 33 43.67 -3.04 10.99
N GLY D 34 42.70 -2.80 11.88
CA GLY D 34 41.47 -2.14 11.47
C GLY D 34 41.66 -0.72 10.99
N ASN D 35 42.71 -0.05 11.45
CA ASN D 35 42.97 1.32 10.98
C ASN D 35 43.25 1.34 9.49
N LYS D 36 44.09 0.42 9.00
CA LYS D 36 44.31 0.34 7.56
C LYS D 36 43.01 0.06 6.84
N ARG D 37 42.20 -0.86 7.37
CA ARG D 37 40.90 -1.15 6.79
C ARG D 37 40.04 0.11 6.71
N ALA D 38 40.08 0.95 7.75
CA ALA D 38 39.30 2.20 7.72
C ALA D 38 39.88 3.19 6.72
N ASP D 39 41.20 3.24 6.56
CA ASP D 39 41.81 4.11 5.56
C ASP D 39 41.39 3.69 4.15
N ALA D 40 41.37 2.38 3.88
CA ALA D 40 40.97 1.91 2.56
C ALA D 40 39.51 2.24 2.28
N VAL D 41 38.66 2.18 3.31
CA VAL D 41 37.27 2.57 3.14
C VAL D 41 37.17 4.08 2.89
N ASN D 42 37.85 4.87 3.74
CA ASN D 42 37.82 6.31 3.58
C ASN D 42 38.37 6.74 2.23
N ARG D 43 39.50 6.17 1.82
CA ARG D 43 40.16 6.63 0.61
C ARG D 43 39.37 6.30 -0.65
N ILE D 44 38.78 5.11 -0.70
CA ILE D 44 37.97 4.77 -1.86
C ILE D 44 36.71 5.63 -1.91
N THR D 45 36.03 5.75 -0.77
CA THR D 45 34.81 6.56 -0.69
C THR D 45 35.09 8.01 -1.06
N SER D 46 36.24 8.54 -0.62
CA SER D 46 36.58 9.94 -0.87
C SER D 46 36.85 10.21 -2.34
N ASN D 47 37.15 9.19 -3.13
CA ASN D 47 37.42 9.35 -4.56
C ASN D 47 36.43 8.58 -5.42
N ALA D 48 35.25 8.23 -4.89
CA ALA D 48 34.33 7.36 -5.60
C ALA D 48 33.86 7.98 -6.91
N SER D 49 33.50 9.27 -6.90
CA SER D 49 33.00 9.90 -8.12
C SER D 49 34.04 9.87 -9.23
N ALA D 50 35.30 10.16 -8.88
CA ALA D 50 36.36 10.13 -9.88
C ALA D 50 36.69 8.70 -10.31
N ILE D 51 36.58 7.73 -9.39
CA ILE D 51 36.87 6.35 -9.75
C ILE D 51 35.82 5.80 -10.70
N VAL D 52 34.55 6.08 -10.42
CA VAL D 52 33.47 5.63 -11.32
C VAL D 52 33.57 6.36 -12.66
N ALA D 53 33.72 7.68 -12.62
CA ALA D 53 33.80 8.45 -13.86
C ALA D 53 34.94 7.97 -14.75
N ALA D 54 36.08 7.61 -14.15
CA ALA D 54 37.19 7.09 -14.94
C ALA D 54 36.93 5.65 -15.37
N ALA D 55 36.12 4.91 -14.63
CA ALA D 55 35.81 3.54 -15.02
C ALA D 55 34.97 3.52 -16.29
N VAL D 56 33.90 4.33 -16.35
CA VAL D 56 33.05 4.32 -17.52
C VAL D 56 33.72 5.04 -18.69
N ARG D 57 34.52 6.08 -18.42
CA ARG D 57 35.21 6.78 -19.50
C ARG D 57 36.15 5.83 -20.24
N ASP D 58 36.98 5.10 -19.48
CA ASP D 58 37.92 4.17 -20.12
C ASP D 58 37.19 3.00 -20.76
N LEU D 59 36.11 2.52 -20.12
CA LEU D 59 35.33 1.44 -20.72
C LEU D 59 34.74 1.88 -22.05
N TRP D 60 34.08 3.04 -22.07
CA TRP D 60 33.41 3.49 -23.29
C TRP D 60 34.41 3.87 -24.38
N ALA D 61 35.61 4.33 -24.00
CA ALA D 61 36.64 4.57 -25.00
C ALA D 61 37.24 3.25 -25.50
N GLU D 62 37.26 2.21 -24.66
CA GLU D 62 37.71 0.90 -25.11
C GLU D 62 36.65 0.14 -25.87
N GLN D 63 35.37 0.43 -25.63
CA GLN D 63 34.26 -0.25 -26.26
C GLN D 63 33.25 0.77 -26.77
N PRO D 64 33.60 1.53 -27.81
CA PRO D 64 32.75 2.66 -28.23
C PRO D 64 31.38 2.24 -28.73
N GLN D 65 31.17 0.97 -29.09
CA GLN D 65 29.86 0.55 -29.54
C GLN D 65 28.82 0.66 -28.43
N LEU D 66 29.26 0.65 -27.16
CA LEU D 66 28.32 0.74 -26.05
C LEU D 66 27.61 2.10 -26.03
N ILE D 67 28.33 3.17 -26.36
CA ILE D 67 27.74 4.51 -26.38
C ILE D 67 27.34 4.96 -27.78
N ALA D 68 27.73 4.23 -28.83
CA ALA D 68 27.28 4.55 -30.16
C ALA D 68 25.76 4.43 -30.24
N PRO D 69 25.11 5.15 -31.15
CA PRO D 69 23.64 5.08 -31.26
C PRO D 69 23.15 3.65 -31.35
N GLY D 70 22.19 3.32 -30.49
CA GLY D 70 21.65 1.97 -30.41
C GLY D 70 22.33 1.08 -29.40
N GLY D 71 23.57 1.38 -29.02
CA GLY D 71 24.27 0.64 -27.99
C GLY D 71 23.59 0.70 -26.63
N MEN D 72 24.02 -0.18 -25.72
CA MEN D 72 23.36 -0.37 -24.44
C MEN D 72 23.46 0.85 -23.53
O MEN D 72 22.58 1.17 -22.72
CB MEN D 72 23.87 -1.57 -23.63
CG MEN D 72 22.86 -2.03 -22.59
OD1 MEN D 72 23.18 -2.14 -21.38
ND2 MEN D 72 21.59 -2.30 -23.03
CE2 MEN D 72 20.53 -2.74 -22.18
N ALA D 73 24.59 1.55 -23.66
CA ALA D 73 24.87 2.73 -22.84
C ALA D 73 24.56 4.04 -23.57
N TYR D 74 23.88 3.93 -24.71
CA TYR D 74 23.48 5.11 -25.48
C TYR D 74 22.16 5.66 -24.93
N THR D 75 21.96 6.97 -25.16
CA THR D 75 20.94 7.83 -24.55
C THR D 75 21.39 8.25 -23.17
N SER D 76 20.83 9.34 -22.66
CA SER D 76 21.26 9.86 -21.36
C SER D 76 20.81 8.97 -20.21
N ARG D 77 19.64 8.33 -20.34
CA ARG D 77 19.13 7.48 -19.27
C ARG D 77 19.98 6.23 -19.11
N ARG D 78 20.32 5.58 -20.23
CA ARG D 78 21.13 4.36 -20.15
C ARG D 78 22.57 4.68 -19.78
N ALA D 79 23.11 5.80 -20.27
CA ALA D 79 24.45 6.20 -19.85
C ALA D 79 24.48 6.48 -18.36
N ALA D 80 23.41 7.05 -17.81
CA ALA D 80 23.35 7.29 -16.38
C ALA D 80 23.20 5.99 -15.61
N ALA D 81 22.34 5.09 -16.10
CA ALA D 81 22.16 3.80 -15.44
C ALA D 81 23.46 3.02 -15.40
N CYS D 82 24.25 3.11 -16.48
CA CYS D 82 25.54 2.42 -16.50
C CYS D 82 26.49 3.01 -15.48
N ILE D 83 26.51 4.34 -15.35
CA ILE D 83 27.31 4.96 -14.29
C ILE D 83 26.85 4.46 -12.93
N ARG D 84 25.53 4.38 -12.71
CA ARG D 84 25.00 3.97 -11.42
C ARG D 84 25.41 2.55 -11.08
N ASP D 85 25.40 1.65 -12.06
CA ASP D 85 25.79 0.26 -11.80
C ASP D 85 27.20 0.19 -11.24
N LEU D 86 28.16 0.82 -11.90
CA LEU D 86 29.53 0.82 -11.40
C LEU D 86 29.63 1.55 -10.06
N ASP D 87 28.84 2.61 -9.89
CA ASP D 87 28.83 3.31 -8.60
C ASP D 87 28.27 2.42 -7.51
N ILE D 88 27.20 1.69 -7.81
CA ILE D 88 26.61 0.78 -6.83
C ILE D 88 27.61 -0.31 -6.46
N ILE D 89 28.21 -0.94 -7.48
CA ILE D 89 29.17 -2.02 -7.23
C ILE D 89 30.30 -1.53 -6.34
N LEU D 90 30.90 -0.39 -6.69
CA LEU D 90 31.96 0.17 -5.86
C LEU D 90 31.47 0.43 -4.45
N ARG D 91 30.21 0.85 -4.30
CA ARG D 91 29.68 1.13 -2.97
C ARG D 91 29.55 -0.14 -2.16
N TYR D 92 29.11 -1.24 -2.76
CA TYR D 92 29.02 -2.49 -2.02
C TYR D 92 30.39 -3.08 -1.73
N VAL D 93 31.37 -2.85 -2.62
CA VAL D 93 32.72 -3.33 -2.34
C VAL D 93 33.28 -2.64 -1.10
N THR D 94 33.06 -1.33 -0.97
CA THR D 94 33.50 -0.63 0.23
C THR D 94 32.79 -1.15 1.47
N TYR D 95 31.53 -1.54 1.35
CA TYR D 95 30.88 -2.28 2.44
C TYR D 95 31.65 -3.55 2.77
N ALA D 96 32.10 -4.28 1.74
CA ALA D 96 32.77 -5.55 1.95
C ALA D 96 34.12 -5.38 2.61
N ILE D 97 34.87 -4.34 2.21
CA ILE D 97 36.13 -4.02 2.87
C ILE D 97 35.88 -3.64 4.34
N PHE D 98 34.84 -2.84 4.57
CA PHE D 98 34.55 -2.38 5.92
C PHE D 98 34.15 -3.54 6.83
N ALA D 99 33.44 -4.53 6.29
CA ALA D 99 33.01 -5.66 7.10
C ALA D 99 34.08 -6.74 7.20
N GLY D 100 35.07 -6.72 6.32
CA GLY D 100 35.99 -7.84 6.23
C GLY D 100 35.33 -9.11 5.74
N ASP D 101 34.21 -8.99 5.04
CA ASP D 101 33.49 -10.14 4.53
C ASP D 101 32.71 -9.72 3.28
N SER D 102 32.52 -10.66 2.37
CA SER D 102 31.91 -10.38 1.08
C SER D 102 30.42 -10.68 1.04
N SER D 103 29.81 -11.01 2.18
CA SER D 103 28.40 -11.43 2.17
C SER D 103 27.50 -10.27 1.76
N VAL D 104 27.80 -9.05 2.20
CA VAL D 104 26.97 -7.92 1.79
C VAL D 104 27.08 -7.70 0.29
N LEU D 105 28.25 -7.97 -0.29
CA LEU D 105 28.40 -7.87 -1.74
C LEU D 105 27.62 -8.98 -2.42
N ASP D 106 27.78 -10.22 -1.95
CA ASP D 106 27.07 -11.35 -2.55
C ASP D 106 25.56 -11.22 -2.36
N ASP D 107 25.11 -11.05 -1.10
CA ASP D 107 23.69 -11.15 -0.81
C ASP D 107 22.88 -10.05 -1.50
N ARG D 108 23.43 -8.85 -1.64
CA ARG D 108 22.64 -7.71 -2.06
C ARG D 108 22.97 -7.17 -3.45
N ALA D 109 24.24 -7.20 -3.86
CA ALA D 109 24.62 -6.63 -5.15
C ALA D 109 24.83 -7.69 -6.23
N LEU D 110 25.52 -8.78 -5.92
CA LEU D 110 25.88 -9.78 -6.93
C LEU D 110 24.82 -10.84 -7.13
N ASN D 111 24.03 -11.15 -6.11
CA ASN D 111 23.03 -12.22 -6.20
C ASN D 111 22.04 -11.97 -7.33
N GLY D 112 22.08 -12.82 -8.36
CA GLY D 112 21.21 -12.68 -9.50
C GLY D 112 21.55 -11.54 -10.44
N LEU D 113 22.65 -10.83 -10.18
CA LEU D 113 23.01 -9.70 -11.03
C LEU D 113 23.37 -10.15 -12.44
N ARG D 114 24.04 -11.30 -12.57
CA ARG D 114 24.35 -11.85 -13.88
C ARG D 114 23.09 -12.03 -14.72
N GLU D 115 22.12 -12.70 -14.18
CA GLU D 115 20.87 -12.98 -14.86
C GLU D 115 20.13 -11.69 -15.19
N THR D 116 20.19 -10.70 -14.30
CA THR D 116 19.58 -9.41 -14.57
C THR D 116 20.12 -8.81 -15.87
N TYR D 117 21.45 -8.75 -16.01
CA TYR D 117 22.06 -8.25 -17.23
C TYR D 117 21.68 -9.11 -18.44
N LEU D 118 21.48 -10.40 -18.23
CA LEU D 118 21.09 -11.28 -19.34
C LEU D 118 19.69 -10.95 -19.84
N ALA D 119 18.78 -10.61 -18.93
CA ALA D 119 17.42 -10.24 -19.31
C ALA D 119 17.31 -8.77 -19.73
N LEU D 120 18.31 -7.95 -19.44
CA LEU D 120 18.28 -6.55 -19.85
C LEU D 120 18.87 -6.31 -21.23
N GLY D 121 19.74 -7.20 -21.70
CA GLY D 121 20.50 -6.92 -22.90
C GLY D 121 21.80 -6.19 -22.64
N THR D 122 22.28 -6.20 -21.41
CA THR D 122 23.53 -5.53 -21.03
C THR D 122 24.67 -6.53 -21.05
N PRO D 123 25.74 -6.26 -21.79
CA PRO D 123 26.89 -7.16 -21.81
C PRO D 123 27.52 -7.28 -20.43
N GLY D 124 27.40 -8.47 -19.82
CA GLY D 124 27.98 -8.68 -18.50
C GLY D 124 29.49 -8.55 -18.50
N ALA D 125 30.14 -9.06 -19.55
CA ALA D 125 31.60 -8.95 -19.63
C ALA D 125 32.04 -7.50 -19.72
N SER D 126 31.21 -6.62 -20.27
CA SER D 126 31.54 -5.21 -20.28
C SER D 126 31.47 -4.62 -18.88
N VAL D 127 30.48 -5.05 -18.09
CA VAL D 127 30.41 -4.63 -16.70
C VAL D 127 31.66 -5.07 -15.96
N ALA D 128 32.14 -6.29 -16.24
CA ALA D 128 33.33 -6.80 -15.57
C ALA D 128 34.57 -5.98 -15.92
N VAL D 129 34.67 -5.54 -17.18
CA VAL D 129 35.75 -4.62 -17.55
C VAL D 129 35.61 -3.32 -16.78
N GLY D 130 34.37 -2.85 -16.59
CA GLY D 130 34.17 -1.67 -15.77
C GLY D 130 34.56 -1.89 -14.33
N ILE D 131 34.27 -3.09 -13.80
CA ILE D 131 34.61 -3.40 -12.42
C ILE D 131 36.12 -3.50 -12.26
N GLN D 132 36.81 -4.12 -13.22
CA GLN D 132 38.25 -4.19 -13.18
C GLN D 132 38.88 -2.80 -13.12
N LYS D 133 38.25 -1.81 -13.76
CA LYS D 133 38.80 -0.46 -13.75
C LYS D 133 38.49 0.25 -12.43
N LEU D 134 37.37 -0.08 -11.79
CA LEU D 134 37.18 0.34 -10.40
C LEU D 134 38.29 -0.21 -9.52
N LYS D 135 38.71 -1.46 -9.77
CA LYS D 135 39.71 -2.09 -8.93
C LYS D 135 41.06 -1.40 -9.06
N ASP D 136 41.55 -1.23 -10.29
CA ASP D 136 42.86 -0.62 -10.51
C ASP D 136 42.93 0.76 -9.86
N ALA D 137 41.95 1.61 -10.16
CA ALA D 137 41.98 2.97 -9.62
C ALA D 137 41.91 2.96 -8.10
N SER D 138 41.03 2.13 -7.53
CA SER D 138 40.87 2.09 -6.09
C SER D 138 42.16 1.67 -5.41
N LEU D 139 42.79 0.59 -5.89
CA LEU D 139 44.02 0.10 -5.27
C LEU D 139 45.13 1.14 -5.35
N LYS D 140 45.23 1.85 -6.48
CA LYS D 140 46.22 2.91 -6.60
C LYS D 140 45.99 3.99 -5.56
N ILE D 141 44.74 4.19 -5.16
CA ILE D 141 44.43 5.20 -4.14
C ILE D 141 44.66 4.62 -2.75
N VAL D 142 44.32 3.35 -2.53
CA VAL D 142 44.53 2.73 -1.23
C VAL D 142 46.02 2.67 -0.91
N ASN D 143 46.84 2.34 -1.92
CA ASN D 143 48.29 2.23 -1.75
C ASN D 143 49.02 3.56 -1.92
N ASP D 144 48.29 4.67 -2.01
CA ASP D 144 48.92 5.99 -2.12
C ASP D 144 49.76 6.26 -0.88
N PRO D 145 51.08 6.39 -0.99
CA PRO D 145 51.92 6.51 0.21
C PRO D 145 51.89 7.88 0.86
N ASN D 146 51.26 8.88 0.23
CA ASN D 146 51.28 10.24 0.77
C ASN D 146 50.20 10.43 1.82
N GLY D 147 50.50 11.28 2.80
CA GLY D 147 49.51 11.74 3.76
C GLY D 147 48.95 10.67 4.66
N ILE D 148 49.74 9.64 4.98
CA ILE D 148 49.26 8.53 5.79
C ILE D 148 50.47 7.87 6.44
N THR D 149 50.28 7.32 7.64
CA THR D 149 51.34 6.57 8.30
C THR D 149 51.77 5.41 7.41
N ARG D 150 53.07 5.30 7.17
CA ARG D 150 53.57 4.26 6.28
C ARG D 150 53.49 2.90 6.97
N GLY D 151 53.18 1.87 6.18
CA GLY D 151 53.12 0.53 6.72
C GLY D 151 52.88 -0.47 5.61
N ASP D 152 52.49 -1.68 6.01
CA ASP D 152 52.23 -2.76 5.06
C ASP D 152 50.72 -2.94 4.92
N CYS D 153 50.21 -2.68 3.70
CA CYS D 153 48.81 -2.89 3.39
C CYS D 153 48.61 -3.97 2.32
N SER D 154 49.63 -4.79 2.08
CA SER D 154 49.58 -5.74 0.96
C SER D 154 48.50 -6.78 1.16
N ALA D 155 48.33 -7.28 2.38
CA ALA D 155 47.30 -8.28 2.63
C ALA D 155 45.90 -7.69 2.47
N LEU D 156 45.67 -6.52 3.08
CA LEU D 156 44.41 -5.82 2.88
C LEU D 156 44.19 -5.50 1.41
N ALA D 157 45.24 -5.04 0.73
CA ALA D 157 45.12 -4.76 -0.70
C ALA D 157 44.72 -6.01 -1.48
N ALA D 158 45.28 -7.16 -1.11
CA ALA D 158 44.91 -8.40 -1.78
C ALA D 158 43.46 -8.75 -1.50
N GLU D 159 42.98 -8.48 -0.28
CA GLU D 159 41.59 -8.73 0.04
C GLU D 159 40.67 -7.81 -0.76
N ILE D 160 41.07 -6.54 -0.93
CA ILE D 160 40.29 -5.60 -1.73
C ILE D 160 40.20 -6.08 -3.17
N ALA D 161 41.30 -6.58 -3.71
CA ALA D 161 41.30 -7.05 -5.09
C ALA D 161 40.35 -8.22 -5.27
N SER D 162 40.32 -9.13 -4.29
CA SER D 162 39.44 -10.30 -4.38
C SER D 162 37.98 -9.89 -4.42
N TYR D 163 37.61 -8.82 -3.71
CA TYR D 163 36.23 -8.34 -3.76
C TYR D 163 35.86 -7.88 -5.16
N PHE D 164 36.72 -7.06 -5.78
CA PHE D 164 36.47 -6.62 -7.15
C PHE D 164 36.46 -7.79 -8.12
N ASP D 165 37.46 -8.67 -8.02
CA ASP D 165 37.50 -9.84 -8.90
C ASP D 165 36.29 -10.74 -8.68
N ARG D 166 35.81 -10.83 -7.44
CA ARG D 166 34.60 -11.60 -7.17
C ARG D 166 33.40 -11.02 -7.90
N ALA D 167 33.29 -9.69 -7.91
CA ALA D 167 32.16 -9.05 -8.59
C ALA D 167 32.32 -9.09 -10.10
N ALA D 168 33.55 -8.92 -10.60
CA ALA D 168 33.79 -9.06 -12.03
C ALA D 168 33.42 -10.45 -12.52
N ALA D 169 33.77 -11.48 -11.75
CA ALA D 169 33.48 -12.86 -12.14
C ALA D 169 32.00 -13.20 -11.99
N ALA D 170 31.26 -12.51 -11.12
CA ALA D 170 29.85 -12.81 -10.95
C ALA D 170 29.02 -12.29 -12.12
N VAL D 171 29.49 -11.24 -12.80
CA VAL D 171 28.71 -10.63 -13.87
C VAL D 171 29.09 -11.15 -15.25
N ALA D 172 30.24 -11.80 -15.40
CA ALA D 172 30.66 -12.30 -16.70
C ALA D 172 29.72 -13.41 -17.18
N LYS E 1 8.06 8.39 -26.92
CA LYS E 1 6.83 7.68 -26.57
C LYS E 1 5.65 8.64 -26.38
N LYS E 2 5.89 9.75 -25.70
CA LYS E 2 4.84 10.74 -25.45
C LYS E 2 4.60 11.56 -26.72
N THR E 3 3.46 11.30 -27.36
CA THR E 3 2.94 12.10 -28.47
C THR E 3 1.52 12.46 -28.11
N PRO E 4 0.90 13.39 -28.85
CA PRO E 4 -0.54 13.64 -28.60
C PRO E 4 -1.37 12.39 -28.75
N LEU E 5 -1.03 11.53 -29.71
CA LEU E 5 -1.80 10.32 -29.93
C LEU E 5 -1.59 9.30 -28.81
N THR E 6 -0.34 9.13 -28.35
CA THR E 6 -0.10 8.15 -27.29
C THR E 6 -0.61 8.64 -25.94
N GLU E 7 -0.44 9.94 -25.65
CA GLU E 7 -1.05 10.52 -24.47
C GLU E 7 -2.56 10.34 -24.49
N ALA E 8 -3.18 10.52 -25.65
CA ALA E 8 -4.62 10.31 -25.76
C ALA E 8 -4.98 8.87 -25.43
N ILE E 9 -4.22 7.91 -25.96
CA ILE E 9 -4.50 6.50 -25.72
C ILE E 9 -4.26 6.15 -24.26
N SER E 10 -3.11 6.59 -23.73
CA SER E 10 -2.75 6.26 -22.35
C SER E 10 -3.82 6.76 -21.38
N ALA E 11 -4.34 7.97 -21.61
CA ALA E 11 -5.38 8.52 -20.74
C ALA E 11 -6.64 7.66 -20.82
N ALA E 12 -7.12 7.38 -22.03
CA ALA E 12 -8.34 6.60 -22.18
C ALA E 12 -8.18 5.19 -21.63
N ASP E 13 -7.00 4.60 -21.82
CA ASP E 13 -6.77 3.25 -21.32
C ASP E 13 -6.74 3.22 -19.79
N SER E 14 -6.08 4.19 -19.17
CA SER E 14 -6.05 4.26 -17.72
C SER E 14 -7.41 4.52 -17.12
N GLN E 15 -8.31 5.14 -17.89
CA GLN E 15 -9.71 5.25 -17.50
C GLN E 15 -10.55 4.10 -18.04
N GLY E 16 -9.92 3.12 -18.69
CA GLY E 16 -10.65 1.94 -19.15
C GLY E 16 -11.75 2.19 -20.13
N ARG E 17 -11.67 3.27 -20.91
CA ARG E 17 -12.72 3.59 -21.87
C ARG E 17 -12.18 3.73 -23.29
N TYR E 18 -13.12 3.71 -24.23
CA TYR E 18 -12.87 4.02 -25.62
C TYR E 18 -12.46 5.46 -25.79
N LEU E 19 -11.73 5.72 -26.88
CA LEU E 19 -11.50 7.08 -27.33
C LEU E 19 -12.83 7.74 -27.69
N SER E 20 -13.04 8.95 -27.19
CA SER E 20 -14.23 9.72 -27.46
C SER E 20 -13.89 10.84 -28.46
N SER E 21 -14.84 11.73 -28.70
CA SER E 21 -14.56 12.87 -29.57
C SER E 21 -13.53 13.82 -28.96
N THR E 22 -13.27 13.70 -27.65
CA THR E 22 -12.19 14.47 -27.03
C THR E 22 -10.85 14.08 -27.62
N GLU E 23 -10.52 12.80 -27.58
CA GLU E 23 -9.25 12.35 -28.13
C GLU E 23 -9.20 12.50 -29.65
N ILE E 24 -10.37 12.46 -30.30
CA ILE E 24 -10.41 12.70 -31.75
C ILE E 24 -9.93 14.11 -32.05
N GLN E 25 -10.42 15.10 -31.29
CA GLN E 25 -9.96 16.46 -31.45
C GLN E 25 -8.46 16.59 -31.22
N VAL E 26 -7.91 15.76 -30.34
CA VAL E 26 -6.45 15.72 -30.17
C VAL E 26 -5.78 15.39 -31.50
N ALA E 27 -6.29 14.38 -32.21
CA ALA E 27 -5.71 14.01 -33.50
C ALA E 27 -5.90 15.13 -34.53
N PHE E 28 -7.04 15.81 -34.48
CA PHE E 28 -7.26 16.94 -35.38
C PHE E 28 -6.20 18.01 -35.19
N GLY E 29 -5.98 18.44 -33.94
CA GLY E 29 -4.95 19.43 -33.68
C GLY E 29 -3.56 18.92 -33.99
N ARG E 30 -3.33 17.63 -33.83
CA ARG E 30 -2.02 17.07 -34.14
C ARG E 30 -1.81 16.99 -35.65
N PHE E 31 -2.78 16.45 -36.38
CA PHE E 31 -2.67 16.37 -37.83
C PHE E 31 -2.72 17.75 -38.48
N ARG E 32 -3.39 18.71 -37.85
CA ARG E 32 -3.40 20.07 -38.36
C ARG E 32 -2.02 20.70 -38.22
N GLN E 33 -1.38 20.51 -37.07
CA GLN E 33 -0.08 21.11 -36.80
C GLN E 33 1.07 20.34 -37.43
N ALA E 34 0.88 19.05 -37.72
CA ALA E 34 2.00 18.20 -38.16
C ALA E 34 2.65 18.64 -39.46
N PRO E 35 1.96 19.26 -40.40
CA PRO E 35 2.68 19.68 -41.60
C PRO E 35 3.69 20.80 -41.30
N ALA E 36 3.42 21.61 -40.29
CA ALA E 36 4.33 22.66 -39.86
C ALA E 36 5.53 22.05 -39.17
N SER E 37 5.30 20.95 -38.48
CA SER E 37 6.30 20.19 -37.77
C SER E 37 7.17 19.42 -38.73
N LEU E 38 6.58 18.55 -39.50
CA LEU E 38 7.38 17.80 -40.47
C LEU E 38 8.08 18.73 -41.47
N GLN E 39 7.61 19.98 -41.50
CA GLN E 39 8.18 21.00 -42.34
C GLN E 39 9.46 21.51 -41.69
N ALA E 40 9.37 21.84 -40.43
CA ALA E 40 10.53 22.31 -39.65
C ALA E 40 11.58 21.22 -39.52
N ALA E 41 11.15 19.95 -39.42
CA ALA E 41 12.09 18.85 -39.26
C ALA E 41 12.86 18.57 -40.55
N LYS E 42 12.26 18.84 -41.71
CA LYS E 42 12.98 18.63 -42.96
C LYS E 42 14.08 19.67 -43.15
N SER E 43 13.86 20.90 -42.66
CA SER E 43 14.86 21.94 -42.79
C SER E 43 15.99 21.74 -41.78
N LEU E 44 15.65 21.42 -40.53
CA LEU E 44 16.67 21.16 -39.53
C LEU E 44 17.54 19.96 -39.91
N SER E 45 16.96 18.97 -40.59
CA SER E 45 17.74 17.82 -41.00
C SER E 45 18.74 18.19 -42.08
N ALA E 46 18.35 19.06 -43.02
CA ALA E 46 19.26 19.47 -44.08
C ALA E 46 20.36 20.39 -43.55
N ASN E 47 20.00 21.30 -42.64
CA ASN E 47 20.94 22.27 -42.09
C ASN E 47 21.61 21.76 -40.82
N ALA E 48 21.51 20.46 -40.53
CA ALA E 48 22.02 19.94 -39.26
C ALA E 48 23.53 20.13 -39.14
N SER E 49 24.27 19.92 -40.24
CA SER E 49 25.72 20.06 -40.20
C SER E 49 26.13 21.48 -39.83
N ARG E 50 25.64 22.47 -40.60
CA ARG E 50 26.03 23.85 -40.33
C ARG E 50 25.46 24.35 -39.01
N LEU E 51 24.32 23.80 -38.58
CA LEU E 51 23.72 24.24 -37.31
C LEU E 51 24.47 23.69 -36.11
N THR E 52 24.83 22.39 -36.13
CA THR E 52 25.54 21.82 -34.99
C THR E 52 26.97 22.35 -34.92
N GLU E 53 27.61 22.52 -36.08
CA GLU E 53 28.96 23.08 -36.10
C GLU E 53 28.96 24.53 -35.64
N GLY E 54 27.96 25.31 -36.05
CA GLY E 54 27.88 26.69 -35.63
C GLY E 54 27.48 26.85 -34.17
N ALA E 55 26.62 25.96 -33.68
CA ALA E 55 26.29 25.97 -32.25
C ALA E 55 27.50 25.65 -31.40
N ALA E 56 28.26 24.62 -31.80
CA ALA E 56 29.45 24.25 -31.03
C ALA E 56 30.45 25.39 -30.98
N GLN E 57 30.62 26.09 -32.10
CA GLN E 57 31.55 27.21 -32.13
C GLN E 57 31.04 28.39 -31.31
N ALA E 58 29.73 28.58 -31.26
CA ALA E 58 29.17 29.70 -30.49
C ALA E 58 29.35 29.46 -29.00
N VAL E 59 29.24 28.21 -28.56
CA VAL E 59 29.58 27.88 -27.19
C VAL E 59 31.02 28.27 -26.89
N TYR E 60 31.95 27.79 -27.72
CA TYR E 60 33.36 28.15 -27.59
C TYR E 60 33.53 29.67 -27.56
N ASN E 61 32.72 30.38 -28.34
CA ASN E 61 32.88 31.83 -28.41
C ASN E 61 32.47 32.49 -27.11
N LYS E 62 31.34 32.09 -26.53
CA LYS E 62 30.89 32.69 -25.28
C LYS E 62 31.66 32.14 -24.07
N PHE E 63 32.13 30.90 -24.15
CA PHE E 63 32.88 30.27 -23.07
C PHE E 63 34.24 29.82 -23.60
N PRO E 64 35.13 30.76 -23.91
CA PRO E 64 36.40 30.40 -24.56
C PRO E 64 37.26 29.47 -23.73
N TYR E 65 37.08 29.43 -22.41
CA TYR E 65 37.90 28.55 -21.59
C TYR E 65 37.66 27.07 -21.90
N THR E 66 36.51 26.71 -22.46
CA THR E 66 36.24 25.32 -22.79
C THR E 66 37.20 24.78 -23.85
N THR E 67 37.71 25.65 -24.73
CA THR E 67 38.72 25.25 -25.70
C THR E 67 40.13 25.46 -25.18
N GLN E 68 40.29 25.88 -23.93
CA GLN E 68 41.59 26.23 -23.37
C GLN E 68 41.98 25.39 -22.17
N GLN E 69 41.06 25.16 -21.24
CA GLN E 69 41.38 24.38 -20.05
C GLN E 69 41.74 22.95 -20.43
N GLN E 70 42.65 22.37 -19.66
CA GLN E 70 43.05 20.99 -19.86
C GLN E 70 42.12 20.06 -19.09
N GLY E 71 41.71 18.98 -19.75
CA GLY E 71 40.87 18.01 -19.09
C GLY E 71 39.92 17.32 -20.05
N PRO E 72 39.48 16.12 -19.68
CA PRO E 72 38.60 15.35 -20.58
C PRO E 72 37.28 16.04 -20.85
N ASN E 73 36.74 16.77 -19.88
CA ASN E 73 35.44 17.45 -20.05
C ASN E 73 35.50 18.60 -21.04
N PHE E 74 36.69 19.08 -21.41
CA PHE E 74 36.81 20.27 -22.25
C PHE E 74 37.15 19.91 -23.68
N ALA E 75 36.94 20.87 -24.57
CA ALA E 75 37.27 20.78 -25.98
C ALA E 75 38.59 21.48 -26.31
N TYR E 76 39.63 21.22 -25.53
CA TYR E 76 40.93 21.78 -25.82
C TYR E 76 41.64 21.05 -26.96
N ASP E 77 41.30 19.79 -27.16
CA ASP E 77 41.88 19.00 -28.18
C ASP E 77 40.84 18.63 -29.20
N GLN E 78 41.22 17.90 -30.24
CA GLN E 78 40.30 17.49 -31.29
C GLN E 78 39.24 16.53 -30.72
N ARG E 79 39.66 15.64 -29.84
CA ARG E 79 38.76 14.69 -29.22
C ARG E 79 37.63 15.40 -28.48
N GLY E 80 37.99 16.44 -27.73
CA GLY E 80 37.02 17.21 -26.99
C GLY E 80 36.02 17.92 -27.90
N LYS E 81 36.53 18.50 -28.98
CA LYS E 81 35.71 19.19 -29.91
C LYS E 81 34.81 18.24 -30.64
N ALA E 82 35.29 17.05 -30.95
CA ALA E 82 34.49 16.07 -31.61
C ALA E 82 33.37 15.59 -30.69
N LYS E 83 33.66 15.48 -29.41
CA LYS E 83 32.71 15.13 -28.41
C LYS E 83 31.66 16.20 -28.29
N CYS E 84 32.04 17.47 -28.43
CA CYS E 84 31.11 18.57 -28.35
C CYS E 84 30.20 18.71 -29.54
N VAL E 85 30.77 18.61 -30.74
CA VAL E 85 29.97 18.58 -31.95
C VAL E 85 29.01 17.41 -31.92
N ARG E 86 29.48 16.24 -31.48
CA ARG E 86 28.62 15.06 -31.39
C ARG E 86 27.47 15.27 -30.43
N ASP E 87 27.75 15.85 -29.26
CA ASP E 87 26.70 16.15 -28.28
C ASP E 87 25.65 17.08 -28.89
N VAL E 88 26.09 18.23 -29.41
CA VAL E 88 25.16 19.19 -30.01
C VAL E 88 24.34 18.52 -31.10
N GLY E 89 24.97 17.61 -31.85
CA GLY E 89 24.24 16.85 -32.85
C GLY E 89 23.15 15.99 -32.25
N TYR E 90 23.42 15.39 -31.08
CA TYR E 90 22.39 14.62 -30.39
C TYR E 90 21.21 15.51 -30.02
N TYR E 91 21.48 16.66 -29.40
CA TYR E 91 20.42 17.60 -29.05
C TYR E 91 19.57 17.95 -30.26
N LEU E 92 20.21 18.40 -31.33
CA LEU E 92 19.46 18.83 -32.51
C LEU E 92 18.67 17.67 -33.12
N ARG E 93 19.30 16.51 -33.25
CA ARG E 93 18.62 15.38 -33.89
C ARG E 93 17.38 14.97 -33.10
N ILE E 94 17.51 14.85 -31.78
CA ILE E 94 16.38 14.44 -30.95
C ILE E 94 15.32 15.54 -30.91
N ILE E 95 15.73 16.81 -31.01
CA ILE E 95 14.75 17.88 -31.14
C ILE E 95 13.92 17.71 -32.40
N THR E 96 14.53 17.21 -33.48
CA THR E 96 13.77 16.95 -34.70
C THR E 96 12.78 15.81 -34.50
N TYR E 97 13.22 14.74 -33.80
CA TYR E 97 12.30 13.66 -33.44
C TYR E 97 11.06 14.21 -32.75
N ALA E 98 11.25 15.14 -31.80
CA ALA E 98 10.11 15.74 -31.10
C ALA E 98 9.20 16.47 -32.07
N LEU E 99 9.78 17.19 -33.03
CA LEU E 99 8.95 17.84 -34.04
C LEU E 99 8.19 16.82 -34.87
N VAL E 100 8.86 15.73 -35.26
CA VAL E 100 8.24 14.76 -36.16
C VAL E 100 7.02 14.12 -35.50
N VAL E 101 7.08 13.87 -34.19
CA VAL E 101 5.97 13.25 -33.48
C VAL E 101 5.03 14.26 -32.81
N GLY E 102 5.42 15.53 -32.74
CA GLY E 102 4.55 16.53 -32.13
C GLY E 102 4.48 16.48 -30.63
N GLY E 103 5.56 16.09 -29.96
CA GLY E 103 5.58 16.02 -28.52
C GLY E 103 7.00 15.86 -28.01
N THR E 104 7.15 16.05 -26.70
CA THR E 104 8.46 16.01 -26.08
C THR E 104 8.95 14.58 -25.81
N GLY E 105 8.13 13.57 -26.11
CA GLY E 105 8.47 12.18 -25.88
C GLY E 105 9.90 11.78 -26.18
N PRO E 106 10.35 11.99 -27.42
CA PRO E 106 11.74 11.65 -27.73
C PRO E 106 12.75 12.44 -26.91
N LEU E 107 12.47 13.72 -26.64
CA LEU E 107 13.35 14.50 -25.79
C LEU E 107 13.43 13.91 -24.39
N ASP E 108 12.31 13.45 -23.86
CA ASP E 108 12.31 12.91 -22.50
C ASP E 108 13.06 11.59 -22.42
N ASP E 109 12.85 10.69 -23.38
CA ASP E 109 13.36 9.33 -23.28
C ASP E 109 14.81 9.19 -23.74
N TYR E 110 15.21 9.91 -24.79
CA TYR E 110 16.55 9.74 -25.33
C TYR E 110 17.54 10.80 -24.85
N LEU E 111 17.06 11.97 -24.44
CA LEU E 111 17.95 13.10 -24.16
C LEU E 111 17.93 13.55 -22.71
N ILE E 112 16.75 13.77 -22.14
CA ILE E 112 16.64 14.53 -20.89
C ILE E 112 16.69 13.63 -19.66
N SER E 113 16.08 12.45 -19.73
CA SER E 113 16.14 11.53 -18.60
C SER E 113 17.58 11.09 -18.36
N GLY E 114 18.09 11.33 -17.16
CA GLY E 114 19.48 11.04 -16.84
C GLY E 114 20.48 12.10 -17.26
N LEU E 115 20.03 13.18 -17.90
CA LEU E 115 20.95 14.16 -18.46
C LEU E 115 21.72 14.89 -17.37
N ALA E 116 21.04 15.32 -16.30
CA ALA E 116 21.73 16.03 -15.24
C ALA E 116 22.80 15.17 -14.58
N GLU E 117 22.53 13.88 -14.41
CA GLU E 117 23.56 12.97 -13.91
C GLU E 117 24.75 12.90 -14.87
N ILE E 118 24.48 12.87 -16.17
CA ILE E 118 25.56 12.88 -17.16
C ILE E 118 26.36 14.17 -17.04
N ASN E 119 25.66 15.30 -17.04
CA ASN E 119 26.35 16.59 -17.00
C ASN E 119 27.10 16.79 -15.69
N LYS E 120 26.66 16.14 -14.61
CA LYS E 120 27.38 16.23 -13.34
C LYS E 120 28.60 15.30 -13.35
N THR E 121 28.41 14.05 -13.78
CA THR E 121 29.47 13.06 -13.71
C THR E 121 30.66 13.46 -14.58
N PHE E 122 30.41 14.07 -15.73
CA PHE E 122 31.47 14.39 -16.67
C PHE E 122 31.80 15.88 -16.68
N ASP E 123 31.38 16.62 -15.65
CA ASP E 123 31.75 18.03 -15.48
C ASP E 123 31.43 18.84 -16.74
N LEU E 124 30.28 18.56 -17.34
CA LEU E 124 29.78 19.30 -18.49
C LEU E 124 28.84 20.38 -18.00
N SER E 125 29.04 21.62 -18.46
CA SER E 125 28.17 22.63 -17.85
C SER E 125 26.87 22.76 -18.64
N PRO E 126 25.73 22.88 -17.94
CA PRO E 126 24.47 23.11 -18.67
C PRO E 126 24.46 24.41 -19.45
N SER E 127 25.20 25.43 -18.99
CA SER E 127 25.25 26.70 -19.70
C SER E 127 25.88 26.54 -21.08
N TRP E 128 26.84 25.63 -21.24
CA TRP E 128 27.41 25.35 -22.55
C TRP E 128 26.30 25.00 -23.54
N TYR E 129 25.44 24.05 -23.17
CA TYR E 129 24.42 23.58 -24.09
C TYR E 129 23.29 24.60 -24.25
N ILE E 130 22.99 25.36 -23.21
CA ILE E 130 22.01 26.44 -23.33
C ILE E 130 22.41 27.40 -24.44
N GLU E 131 23.69 27.75 -24.51
CA GLU E 131 24.15 28.66 -25.56
C GLU E 131 24.08 28.01 -26.93
N ALA E 132 24.39 26.71 -27.01
CA ALA E 132 24.23 26.00 -28.28
C ALA E 132 22.78 25.98 -28.72
N LEU E 133 21.86 25.75 -27.78
CA LEU E 133 20.44 25.78 -28.12
C LEU E 133 19.99 27.19 -28.48
N LYS E 134 20.56 28.21 -27.84
CA LYS E 134 20.25 29.58 -28.23
C LYS E 134 20.71 29.87 -29.65
N TYR E 135 21.90 29.37 -30.02
CA TYR E 135 22.40 29.60 -31.37
C TYR E 135 21.51 28.92 -32.41
N ILE E 136 21.10 27.68 -32.15
CA ILE E 136 20.18 26.98 -33.04
C ILE E 136 18.91 27.79 -33.23
N LYS E 137 18.31 28.24 -32.11
CA LYS E 137 17.10 29.05 -32.21
C LYS E 137 17.33 30.31 -33.03
N ALA E 138 18.53 30.88 -32.96
CA ALA E 138 18.85 32.13 -33.64
C ALA E 138 19.26 31.93 -35.09
N ASN E 139 19.51 30.69 -35.52
CA ASN E 139 20.08 30.47 -36.85
C ASN E 139 19.36 29.43 -37.69
N HIS E 140 18.37 28.71 -37.17
CA HIS E 140 17.75 27.69 -38.00
C HIS E 140 16.93 28.29 -39.13
N GLY E 141 16.60 29.58 -39.06
CA GLY E 141 15.95 30.28 -40.15
C GLY E 141 14.50 29.92 -40.39
N LEU E 142 13.90 29.10 -39.55
CA LEU E 142 12.50 28.74 -39.73
C LEU E 142 11.59 29.94 -39.47
N SER E 143 10.37 29.85 -39.98
CA SER E 143 9.39 30.93 -39.84
C SER E 143 8.01 30.33 -39.66
N GLY E 144 7.08 31.18 -39.23
CA GLY E 144 5.71 30.75 -39.03
C GLY E 144 5.58 29.77 -37.88
N ASP E 145 4.56 28.92 -37.97
CA ASP E 145 4.35 27.89 -36.95
C ASP E 145 5.51 26.89 -36.84
N PRO E 146 6.20 26.49 -37.91
CA PRO E 146 7.36 25.61 -37.70
C PRO E 146 8.41 26.18 -36.78
N ALA E 147 8.67 27.49 -36.86
CA ALA E 147 9.64 28.11 -35.97
C ALA E 147 9.13 28.16 -34.54
N VAL E 148 7.84 28.45 -34.35
CA VAL E 148 7.28 28.56 -33.02
C VAL E 148 7.34 27.22 -32.30
N GLU E 149 7.00 26.13 -32.99
CA GLU E 149 7.02 24.82 -32.34
C GLU E 149 8.44 24.30 -32.19
N ALA E 150 9.32 24.58 -33.16
CA ALA E 150 10.71 24.20 -33.00
C ALA E 150 11.33 24.92 -31.81
N ASN E 151 11.02 26.20 -31.64
CA ASN E 151 11.59 26.97 -30.53
C ASN E 151 11.06 26.49 -29.19
N SER E 152 9.83 25.98 -29.15
CA SER E 152 9.27 25.53 -27.89
C SER E 152 9.95 24.23 -27.42
N TYR E 153 10.40 23.40 -28.36
CA TYR E 153 11.20 22.24 -27.96
C TYR E 153 12.60 22.65 -27.54
N ILE E 154 13.20 23.60 -28.26
CA ILE E 154 14.50 24.14 -27.85
C ILE E 154 14.42 24.74 -26.45
N ASP E 155 13.38 25.54 -26.20
CA ASP E 155 13.21 26.15 -24.88
C ASP E 155 12.80 25.12 -23.83
N TYR E 156 12.14 24.05 -24.26
CA TYR E 156 11.90 22.93 -23.37
C TYR E 156 13.22 22.37 -22.84
N VAL E 157 14.19 22.18 -23.73
CA VAL E 157 15.48 21.65 -23.29
C VAL E 157 16.24 22.69 -22.47
N ILE E 158 16.14 23.97 -22.86
CA ILE E 158 16.77 25.03 -22.08
C ILE E 158 16.20 25.06 -20.67
N ASN E 159 14.89 24.87 -20.54
CA ASN E 159 14.26 24.91 -19.21
C ASN E 159 14.75 23.75 -18.34
N THR E 160 15.05 22.61 -18.95
CA THR E 160 15.57 21.48 -18.17
C THR E 160 16.98 21.75 -17.68
N LEU E 161 17.78 22.45 -18.46
CA LEU E 161 19.16 22.75 -18.09
C LEU E 161 19.27 23.91 -17.10
N SER E 162 18.18 24.53 -16.71
CA SER E 162 18.26 25.71 -15.86
C SER E 162 17.08 25.82 -14.91
N MET F 1 1.63 2.68 -26.80
CA MET F 1 2.94 3.18 -26.36
C MET F 1 3.64 3.91 -27.50
N LEU F 2 3.50 3.39 -28.72
CA LEU F 2 4.05 4.00 -29.92
C LEU F 2 2.94 4.30 -30.91
N ASP F 3 3.00 5.48 -31.53
CA ASP F 3 2.20 5.74 -32.71
C ASP F 3 3.08 5.61 -33.95
N ALA F 4 2.48 5.83 -35.12
CA ALA F 4 3.22 5.61 -36.37
C ALA F 4 4.41 6.54 -36.48
N PHE F 5 4.33 7.73 -35.88
CA PHE F 5 5.45 8.67 -35.95
C PHE F 5 6.59 8.24 -35.05
N ALA F 6 6.26 7.78 -33.84
CA ALA F 6 7.29 7.35 -32.89
C ALA F 6 7.96 6.06 -33.33
N LYS F 7 7.22 5.19 -34.03
CA LYS F 7 7.82 3.99 -34.60
C LYS F 7 8.98 4.34 -35.53
N VAL F 8 8.77 5.29 -36.43
CA VAL F 8 9.84 5.73 -37.32
C VAL F 8 10.96 6.40 -36.52
N VAL F 9 10.59 7.25 -35.57
CA VAL F 9 11.58 7.99 -34.79
C VAL F 9 12.42 7.05 -33.94
N ALA F 10 11.79 6.06 -33.30
CA ALA F 10 12.54 5.11 -32.49
C ALA F 10 13.56 4.35 -33.33
N GLN F 11 13.16 3.92 -34.53
CA GLN F 11 14.09 3.20 -35.39
C GLN F 11 15.22 4.11 -35.86
N ALA F 12 14.94 5.41 -36.03
CA ALA F 12 15.96 6.34 -36.46
C ALA F 12 17.01 6.55 -35.37
N ASP F 13 16.58 6.56 -34.10
CA ASP F 13 17.51 6.83 -33.01
C ASP F 13 18.50 5.69 -32.81
N THR F 14 18.05 4.45 -32.97
CA THR F 14 18.98 3.33 -32.91
C THR F 14 20.03 3.41 -34.01
N ARG F 15 19.69 3.99 -35.15
CA ARG F 15 20.67 4.28 -36.19
C ARG F 15 21.37 5.61 -35.96
N GLY F 16 20.85 6.46 -35.09
CA GLY F 16 21.41 7.78 -34.84
C GLY F 16 21.28 8.73 -36.01
N GLU F 17 20.16 8.67 -36.74
CA GLU F 17 20.02 9.37 -38.00
C GLU F 17 18.79 10.26 -37.98
N TYR F 18 18.87 11.36 -38.73
CA TYR F 18 17.68 12.14 -39.01
C TYR F 18 16.78 11.39 -39.98
N LEU F 19 15.48 11.61 -39.86
CA LEU F 19 14.54 11.06 -40.83
C LEU F 19 14.82 11.66 -42.21
N THR F 20 14.72 10.82 -43.23
CA THR F 20 14.94 11.27 -44.60
C THR F 20 13.75 12.08 -45.10
N ASP F 21 13.94 12.75 -46.24
CA ASP F 21 12.84 13.48 -46.87
C ASP F 21 11.69 12.55 -47.24
N ALA F 22 12.00 11.36 -47.75
CA ALA F 22 10.94 10.42 -48.13
C ALA F 22 10.17 9.95 -46.92
N GLN F 23 10.87 9.65 -45.82
CA GLN F 23 10.19 9.25 -44.59
C GLN F 23 9.25 10.33 -44.09
N LEU F 24 9.70 11.59 -44.10
CA LEU F 24 8.86 12.68 -43.63
C LEU F 24 7.64 12.86 -44.53
N ASP F 25 7.83 12.72 -45.86
CA ASP F 25 6.70 12.78 -46.78
C ASP F 25 5.77 11.58 -46.58
N ALA F 26 6.33 10.40 -46.33
CA ALA F 26 5.50 9.22 -46.10
C ALA F 26 4.63 9.41 -44.87
N LEU F 27 5.23 9.91 -43.79
CA LEU F 27 4.44 10.23 -42.60
C LEU F 27 3.44 11.34 -42.89
N SER F 28 3.86 12.34 -43.68
CA SER F 28 2.95 13.44 -44.01
C SER F 28 1.78 12.96 -44.86
N GLU F 29 2.00 11.95 -45.70
CA GLU F 29 0.90 11.35 -46.45
C GLU F 29 -0.13 10.73 -45.49
N LEU F 30 0.30 10.24 -44.36
CA LEU F 30 -0.61 9.64 -43.41
C LEU F 30 -1.43 10.67 -42.68
N VAL F 31 -0.82 11.79 -42.33
CA VAL F 31 -1.50 12.84 -41.62
C VAL F 31 -2.61 13.46 -42.44
N LYS F 32 -2.46 13.42 -43.76
CA LYS F 32 -3.44 13.96 -44.69
C LYS F 32 -4.68 13.09 -44.74
N GLU F 33 -4.57 11.84 -44.31
CA GLU F 33 -5.70 10.96 -44.29
C GLU F 33 -6.24 10.80 -42.89
N GLY F 34 -5.90 11.74 -42.03
CA GLY F 34 -6.29 11.73 -40.65
C GLY F 34 -7.75 11.75 -40.33
N ASN F 35 -8.50 12.33 -41.23
CA ASN F 35 -9.95 12.41 -41.07
C ASN F 35 -10.63 11.07 -41.34
N LYS F 36 -10.09 10.26 -42.26
CA LYS F 36 -10.64 8.93 -42.44
C LYS F 36 -10.27 8.03 -41.26
N ARG F 37 -9.04 8.20 -40.75
CA ARG F 37 -8.64 7.48 -39.55
C ARG F 37 -9.55 7.85 -38.37
N ALA F 38 -9.84 9.14 -38.19
CA ALA F 38 -10.72 9.56 -37.11
C ALA F 38 -12.14 9.03 -37.29
N ASP F 39 -12.58 8.85 -38.54
CA ASP F 39 -13.91 8.27 -38.76
C ASP F 39 -13.95 6.81 -38.39
N ALA F 40 -12.91 6.06 -38.71
CA ALA F 40 -12.87 4.64 -38.37
C ALA F 40 -12.92 4.43 -36.87
N VAL F 41 -12.18 5.26 -36.12
CA VAL F 41 -12.25 5.20 -34.66
C VAL F 41 -13.65 5.57 -34.19
N ASN F 42 -14.18 6.68 -34.70
CA ASN F 42 -15.50 7.13 -34.25
C ASN F 42 -16.60 6.15 -34.64
N ARG F 43 -16.51 5.57 -35.83
CA ARG F 43 -17.58 4.69 -36.31
C ARG F 43 -17.59 3.37 -35.57
N ILE F 44 -16.41 2.81 -35.28
CA ILE F 44 -16.34 1.56 -34.53
C ILE F 44 -16.72 1.80 -33.07
N THR F 45 -16.16 2.85 -32.48
CA THR F 45 -16.44 3.17 -31.07
C THR F 45 -17.92 3.44 -30.85
N SER F 46 -18.56 4.16 -31.78
CA SER F 46 -19.97 4.46 -31.65
C SER F 46 -20.85 3.22 -31.72
N ASN F 47 -20.32 2.10 -32.24
CA ASN F 47 -21.11 0.89 -32.41
C ASN F 47 -20.57 -0.28 -31.61
N ALA F 48 -19.66 -0.04 -30.67
CA ALA F 48 -18.92 -1.13 -30.03
C ALA F 48 -19.86 -2.12 -29.33
N SER F 49 -20.82 -1.60 -28.56
CA SER F 49 -21.73 -2.49 -27.83
C SER F 49 -22.50 -3.40 -28.78
N ALA F 50 -22.93 -2.86 -29.93
CA ALA F 50 -23.63 -3.69 -30.91
C ALA F 50 -22.68 -4.62 -31.63
N ILE F 51 -21.45 -4.16 -31.90
CA ILE F 51 -20.46 -5.00 -32.57
C ILE F 51 -20.12 -6.21 -31.71
N VAL F 52 -19.86 -5.97 -30.42
CA VAL F 52 -19.52 -7.05 -29.51
C VAL F 52 -20.73 -7.97 -29.31
N ALA F 53 -21.90 -7.39 -29.08
CA ALA F 53 -23.09 -8.19 -28.84
C ALA F 53 -23.37 -9.11 -30.01
N ALA F 54 -23.24 -8.61 -31.24
CA ALA F 54 -23.40 -9.46 -32.42
C ALA F 54 -22.32 -10.54 -32.47
N ALA F 55 -21.08 -10.17 -32.13
CA ALA F 55 -19.98 -11.13 -32.20
C ALA F 55 -20.20 -12.32 -31.26
N VAL F 56 -20.49 -12.04 -29.99
CA VAL F 56 -20.70 -13.13 -29.04
C VAL F 56 -21.97 -13.90 -29.36
N ARG F 57 -23.00 -13.22 -29.86
CA ARG F 57 -24.24 -13.92 -30.19
C ARG F 57 -24.04 -14.85 -31.37
N ASP F 58 -23.31 -14.40 -32.39
CA ASP F 58 -23.04 -15.26 -33.53
C ASP F 58 -22.08 -16.38 -33.16
N LEU F 59 -21.07 -16.08 -32.34
CA LEU F 59 -20.14 -17.12 -31.90
C LEU F 59 -20.85 -18.20 -31.10
N TRP F 60 -21.64 -17.80 -30.10
CA TRP F 60 -22.31 -18.80 -29.27
C TRP F 60 -23.39 -19.55 -30.04
N ALA F 61 -23.96 -18.93 -31.08
CA ALA F 61 -24.88 -19.66 -31.94
C ALA F 61 -24.13 -20.69 -32.77
N GLU F 62 -22.92 -20.33 -33.24
CA GLU F 62 -22.13 -21.25 -34.05
C GLU F 62 -21.49 -22.33 -33.21
N GLN F 63 -21.21 -22.05 -31.94
CA GLN F 63 -20.57 -23.00 -31.03
C GLN F 63 -21.38 -23.03 -29.75
N PRO F 64 -22.55 -23.69 -29.76
CA PRO F 64 -23.41 -23.69 -28.57
C PRO F 64 -22.81 -24.38 -27.36
N GLN F 65 -21.79 -25.22 -27.54
CA GLN F 65 -21.19 -25.87 -26.38
C GLN F 65 -20.43 -24.89 -25.49
N LEU F 66 -20.13 -23.68 -25.98
CA LEU F 66 -19.51 -22.68 -25.13
C LEU F 66 -20.47 -22.20 -24.04
N ILE F 67 -21.76 -22.12 -24.34
CA ILE F 67 -22.74 -21.65 -23.36
C ILE F 67 -23.55 -22.77 -22.74
N ALA F 68 -23.42 -24.00 -23.23
CA ALA F 68 -24.08 -25.12 -22.58
C ALA F 68 -23.52 -25.31 -21.18
N PRO F 69 -24.32 -25.84 -20.24
CA PRO F 69 -23.81 -26.14 -18.90
C PRO F 69 -22.49 -26.91 -18.96
N GLY F 70 -21.48 -26.38 -18.28
CA GLY F 70 -20.14 -26.92 -18.33
C GLY F 70 -19.22 -26.20 -19.28
N GLY F 71 -19.76 -25.44 -20.23
CA GLY F 71 -18.94 -24.72 -21.18
C GLY F 71 -18.19 -23.55 -20.57
N MEN F 72 -17.24 -23.01 -21.32
CA MEN F 72 -16.39 -21.95 -20.82
C MEN F 72 -17.15 -20.64 -20.61
O MEN F 72 -16.79 -19.78 -19.82
CB MEN F 72 -15.16 -21.58 -21.66
CG MEN F 72 -14.13 -20.85 -20.80
OD1 MEN F 72 -13.65 -19.76 -21.17
ND2 MEN F 72 -13.73 -21.46 -19.63
CE2 MEN F 72 -12.77 -20.89 -18.74
N ALA F 73 -18.24 -20.50 -21.36
CA ALA F 73 -19.02 -19.27 -21.32
C ALA F 73 -20.36 -19.46 -20.59
N TYR F 74 -20.51 -20.61 -19.95
CA TYR F 74 -21.68 -20.86 -19.11
C TYR F 74 -21.55 -20.12 -17.78
N THR F 75 -22.68 -19.95 -17.09
CA THR F 75 -22.85 -19.09 -15.92
C THR F 75 -22.73 -17.62 -16.31
N SER F 76 -23.36 -16.74 -15.55
CA SER F 76 -23.41 -15.33 -15.94
C SER F 76 -22.05 -14.67 -15.80
N ARG F 77 -21.23 -15.11 -14.86
CA ARG F 77 -19.92 -14.48 -14.69
C ARG F 77 -19.01 -14.80 -15.86
N ARG F 78 -19.01 -16.04 -16.31
CA ARG F 78 -18.18 -16.40 -17.45
C ARG F 78 -18.73 -15.82 -18.74
N ALA F 79 -20.06 -15.82 -18.92
CA ALA F 79 -20.65 -15.17 -20.09
C ALA F 79 -20.27 -13.70 -20.15
N ALA F 80 -20.41 -12.98 -19.02
CA ALA F 80 -20.05 -11.57 -19.00
C ALA F 80 -18.55 -11.38 -19.20
N ALA F 81 -17.72 -12.29 -18.68
CA ALA F 81 -16.28 -12.19 -18.90
C ALA F 81 -15.94 -12.35 -20.38
N CYS F 82 -16.67 -13.22 -21.08
CA CYS F 82 -16.39 -13.43 -22.50
C CYS F 82 -16.78 -12.20 -23.32
N ILE F 83 -17.88 -11.55 -22.95
CA ILE F 83 -18.28 -10.31 -23.62
C ILE F 83 -17.23 -9.23 -23.40
N ARG F 84 -16.79 -9.07 -22.14
CA ARG F 84 -15.76 -8.10 -21.83
C ARG F 84 -14.50 -8.33 -22.65
N ASP F 85 -14.11 -9.59 -22.84
CA ASP F 85 -12.88 -9.90 -23.57
C ASP F 85 -12.95 -9.38 -25.00
N LEU F 86 -14.04 -9.68 -25.72
CA LEU F 86 -14.21 -9.18 -27.07
C LEU F 86 -14.29 -7.67 -27.08
N ASP F 87 -14.90 -7.06 -26.06
CA ASP F 87 -14.95 -5.61 -26.00
C ASP F 87 -13.57 -5.03 -25.66
N ILE F 88 -12.80 -5.73 -24.84
CA ILE F 88 -11.43 -5.29 -24.56
C ILE F 88 -10.58 -5.32 -25.82
N ILE F 89 -10.67 -6.40 -26.59
CA ILE F 89 -9.90 -6.49 -27.83
C ILE F 89 -10.32 -5.41 -28.81
N LEU F 90 -11.64 -5.21 -28.97
CA LEU F 90 -12.13 -4.17 -29.86
C LEU F 90 -11.62 -2.80 -29.44
N ARG F 91 -11.62 -2.52 -28.14
CA ARG F 91 -11.12 -1.23 -27.66
C ARG F 91 -9.66 -1.03 -28.03
N TYR F 92 -8.82 -2.03 -27.76
CA TYR F 92 -7.40 -1.89 -28.08
C TYR F 92 -7.15 -1.86 -29.58
N VAL F 93 -8.04 -2.44 -30.38
CA VAL F 93 -7.90 -2.34 -31.83
C VAL F 93 -8.19 -0.92 -32.30
N THR F 94 -9.21 -0.27 -31.73
CA THR F 94 -9.44 1.13 -32.04
C THR F 94 -8.30 2.01 -31.56
N TYR F 95 -7.63 1.62 -30.47
CA TYR F 95 -6.39 2.31 -30.09
C TYR F 95 -5.36 2.25 -31.22
N ALA F 96 -5.19 1.07 -31.81
CA ALA F 96 -4.18 0.89 -32.85
C ALA F 96 -4.52 1.67 -34.10
N ILE F 97 -5.80 1.65 -34.50
CA ILE F 97 -6.25 2.50 -35.60
C ILE F 97 -5.90 3.96 -35.33
N PHE F 98 -6.26 4.44 -34.13
CA PHE F 98 -6.03 5.83 -33.76
C PHE F 98 -4.55 6.20 -33.84
N ALA F 99 -3.68 5.28 -33.45
CA ALA F 99 -2.24 5.54 -33.41
C ALA F 99 -1.52 5.18 -34.71
N GLY F 100 -2.17 4.45 -35.61
CA GLY F 100 -1.46 3.99 -36.79
C GLY F 100 -0.32 3.05 -36.48
N ASP F 101 -0.38 2.38 -35.32
CA ASP F 101 0.65 1.43 -34.93
C ASP F 101 0.03 0.46 -33.94
N SER F 102 0.44 -0.81 -34.02
CA SER F 102 -0.19 -1.88 -33.28
C SER F 102 0.47 -2.13 -31.92
N SER F 103 1.40 -1.27 -31.50
CA SER F 103 2.16 -1.54 -30.29
C SER F 103 1.26 -1.57 -29.05
N VAL F 104 0.30 -0.65 -28.97
CA VAL F 104 -0.59 -0.63 -27.82
C VAL F 104 -1.40 -1.92 -27.75
N LEU F 105 -1.79 -2.45 -28.92
CA LEU F 105 -2.51 -3.71 -28.94
C LEU F 105 -1.60 -4.88 -28.61
N ASP F 106 -0.38 -4.89 -29.15
CA ASP F 106 0.55 -5.98 -28.90
C ASP F 106 0.99 -6.01 -27.44
N ASP F 107 1.43 -4.86 -26.90
CA ASP F 107 2.03 -4.84 -25.58
C ASP F 107 1.00 -5.06 -24.49
N ARG F 108 -0.14 -4.37 -24.56
CA ARG F 108 -1.07 -4.33 -23.45
C ARG F 108 -2.20 -5.36 -23.53
N ALA F 109 -2.52 -5.86 -24.71
CA ALA F 109 -3.65 -6.79 -24.83
C ALA F 109 -3.24 -8.17 -25.30
N LEU F 110 -2.42 -8.26 -26.36
CA LEU F 110 -2.12 -9.55 -26.96
C LEU F 110 -0.95 -10.28 -26.30
N ASN F 111 -0.02 -9.55 -25.68
CA ASN F 111 1.16 -10.19 -25.12
C ASN F 111 0.79 -11.18 -24.02
N GLY F 112 1.04 -12.47 -24.27
CA GLY F 112 0.74 -13.49 -23.30
C GLY F 112 -0.72 -13.87 -23.19
N LEU F 113 -1.58 -13.35 -24.06
CA LEU F 113 -3.01 -13.64 -23.95
C LEU F 113 -3.32 -15.11 -24.24
N ARG F 114 -2.62 -15.74 -25.19
CA ARG F 114 -2.84 -17.15 -25.44
C ARG F 114 -2.51 -18.00 -24.22
N GLU F 115 -1.39 -17.70 -23.56
CA GLU F 115 -1.00 -18.47 -22.39
C GLU F 115 -1.95 -18.25 -21.23
N THR F 116 -2.55 -17.05 -21.15
CA THR F 116 -3.57 -16.82 -20.14
C THR F 116 -4.80 -17.69 -20.37
N TYR F 117 -5.26 -17.77 -21.63
CA TYR F 117 -6.43 -18.59 -21.94
C TYR F 117 -6.15 -20.06 -21.68
N LEU F 118 -4.95 -20.53 -22.02
CA LEU F 118 -4.60 -21.93 -21.78
C LEU F 118 -4.60 -22.24 -20.29
N ALA F 119 -4.12 -21.31 -19.47
CA ALA F 119 -4.16 -21.50 -18.03
C ALA F 119 -5.58 -21.48 -17.50
N LEU F 120 -6.50 -20.81 -18.19
CA LEU F 120 -7.89 -20.72 -17.76
C LEU F 120 -8.76 -21.84 -18.33
N GLY F 121 -8.33 -22.48 -19.41
CA GLY F 121 -9.20 -23.39 -20.12
C GLY F 121 -10.14 -22.69 -21.08
N THR F 122 -9.86 -21.45 -21.44
CA THR F 122 -10.69 -20.70 -22.39
C THR F 122 -10.25 -21.04 -23.81
N PRO F 123 -11.14 -21.57 -24.65
CA PRO F 123 -10.75 -21.92 -26.03
C PRO F 123 -10.28 -20.71 -26.82
N GLY F 124 -8.95 -20.54 -26.94
CA GLY F 124 -8.42 -19.42 -27.69
C GLY F 124 -8.92 -19.39 -29.13
N ALA F 125 -8.99 -20.56 -29.77
CA ALA F 125 -9.48 -20.64 -31.14
C ALA F 125 -10.89 -20.09 -31.25
N SER F 126 -11.72 -20.30 -30.23
CA SER F 126 -13.06 -19.71 -30.25
C SER F 126 -13.01 -18.21 -30.05
N VAL F 127 -12.04 -17.70 -29.29
CA VAL F 127 -11.86 -16.26 -29.20
C VAL F 127 -11.47 -15.68 -30.55
N ALA F 128 -10.61 -16.39 -31.30
CA ALA F 128 -10.23 -15.93 -32.63
C ALA F 128 -11.45 -15.77 -33.53
N VAL F 129 -12.35 -16.76 -33.51
CA VAL F 129 -13.59 -16.65 -34.28
C VAL F 129 -14.37 -15.43 -33.82
N GLY F 130 -14.47 -15.22 -32.51
CA GLY F 130 -15.15 -14.04 -32.00
C GLY F 130 -14.48 -12.75 -32.44
N ILE F 131 -13.14 -12.77 -32.55
CA ILE F 131 -12.42 -11.61 -33.04
C ILE F 131 -12.75 -11.37 -34.52
N GLN F 132 -12.82 -12.44 -35.31
CA GLN F 132 -13.13 -12.29 -36.73
C GLN F 132 -14.51 -11.68 -36.94
N LYS F 133 -15.46 -11.98 -36.06
CA LYS F 133 -16.78 -11.37 -36.17
C LYS F 133 -16.75 -9.89 -35.81
N LEU F 134 -15.98 -9.53 -34.78
CA LEU F 134 -15.72 -8.12 -34.51
C LEU F 134 -15.16 -7.43 -35.74
N LYS F 135 -14.28 -8.13 -36.49
CA LYS F 135 -13.61 -7.53 -37.63
C LYS F 135 -14.58 -7.32 -38.78
N ASP F 136 -15.39 -8.33 -39.11
CA ASP F 136 -16.34 -8.20 -40.22
C ASP F 136 -17.36 -7.10 -39.95
N ALA F 137 -17.85 -7.00 -38.71
CA ALA F 137 -18.83 -5.97 -38.40
C ALA F 137 -18.19 -4.59 -38.35
N SER F 138 -16.94 -4.49 -37.88
CA SER F 138 -16.28 -3.19 -37.82
C SER F 138 -16.02 -2.66 -39.22
N LEU F 139 -15.50 -3.50 -40.12
CA LEU F 139 -15.20 -3.05 -41.47
C LEU F 139 -16.46 -2.66 -42.22
N LYS F 140 -17.55 -3.42 -42.04
CA LYS F 140 -18.83 -3.05 -42.64
C LYS F 140 -19.30 -1.70 -42.13
N ILE F 141 -19.06 -1.40 -40.86
CA ILE F 141 -19.45 -0.10 -40.30
C ILE F 141 -18.49 1.00 -40.76
N VAL F 142 -17.20 0.68 -40.85
CA VAL F 142 -16.23 1.67 -41.31
C VAL F 142 -16.48 2.04 -42.77
N ASN F 143 -16.79 1.06 -43.61
CA ASN F 143 -16.96 1.28 -45.03
C ASN F 143 -18.37 1.73 -45.42
N ASP F 144 -19.22 2.09 -44.45
CA ASP F 144 -20.59 2.50 -44.75
C ASP F 144 -20.60 3.81 -45.54
N PRO F 145 -21.11 3.82 -46.77
CA PRO F 145 -21.07 5.06 -47.58
C PRO F 145 -22.06 6.13 -47.15
N ASN F 146 -22.96 5.84 -46.22
CA ASN F 146 -24.01 6.79 -45.85
C ASN F 146 -23.51 7.75 -44.77
N GLY F 147 -23.96 8.99 -44.88
CA GLY F 147 -23.68 9.99 -43.85
C GLY F 147 -22.22 10.39 -43.72
N ILE F 148 -21.44 10.26 -44.78
CA ILE F 148 -20.02 10.58 -44.73
C ILE F 148 -19.57 11.04 -46.10
N THR F 149 -18.54 11.89 -46.13
CA THR F 149 -17.98 12.35 -47.39
C THR F 149 -17.41 11.15 -48.14
N ARG F 150 -17.97 10.88 -49.31
CA ARG F 150 -17.59 9.70 -50.08
C ARG F 150 -16.14 9.78 -50.53
N GLY F 151 -15.44 8.66 -50.43
CA GLY F 151 -14.04 8.63 -50.79
C GLY F 151 -13.50 7.22 -50.78
N ASP F 152 -12.17 7.12 -50.76
CA ASP F 152 -11.48 5.85 -50.77
C ASP F 152 -10.86 5.59 -49.40
N CYS F 153 -11.26 4.49 -48.77
CA CYS F 153 -10.71 4.09 -47.47
C CYS F 153 -10.15 2.67 -47.51
N SER F 154 -9.87 2.15 -48.70
CA SER F 154 -9.43 0.76 -48.83
C SER F 154 -8.09 0.53 -48.14
N ALA F 155 -7.17 1.48 -48.28
CA ALA F 155 -5.87 1.35 -47.62
C ALA F 155 -6.03 1.31 -46.10
N LEU F 156 -6.83 2.22 -45.55
CA LEU F 156 -7.09 2.21 -44.11
C LEU F 156 -7.82 0.94 -43.69
N ALA F 157 -8.80 0.50 -44.49
CA ALA F 157 -9.54 -0.71 -44.17
C ALA F 157 -8.60 -1.92 -44.09
N ALA F 158 -7.64 -2.00 -45.00
CA ALA F 158 -6.66 -3.08 -44.93
C ALA F 158 -5.83 -2.98 -43.67
N GLU F 159 -5.50 -1.76 -43.25
CA GLU F 159 -4.74 -1.57 -42.01
C GLU F 159 -5.55 -2.00 -40.80
N ILE F 160 -6.83 -1.58 -40.74
CA ILE F 160 -7.70 -2.01 -39.65
C ILE F 160 -7.83 -3.52 -39.65
N ALA F 161 -7.99 -4.13 -40.82
CA ALA F 161 -8.11 -5.58 -40.90
C ALA F 161 -6.87 -6.27 -40.36
N SER F 162 -5.69 -5.68 -40.56
CA SER F 162 -4.45 -6.29 -40.10
C SER F 162 -4.37 -6.33 -38.57
N TYR F 163 -4.95 -5.32 -37.90
CA TYR F 163 -4.96 -5.33 -36.45
C TYR F 163 -5.84 -6.46 -35.91
N PHE F 164 -7.00 -6.68 -36.54
CA PHE F 164 -7.88 -7.78 -36.11
C PHE F 164 -7.25 -9.14 -36.38
N ASP F 165 -6.74 -9.33 -37.60
CA ASP F 165 -6.05 -10.57 -37.93
C ASP F 165 -4.89 -10.83 -36.98
N ARG F 166 -4.15 -9.77 -36.62
CA ARG F 166 -3.09 -9.91 -35.64
C ARG F 166 -3.62 -10.33 -34.29
N ALA F 167 -4.73 -9.72 -33.85
CA ALA F 167 -5.36 -10.14 -32.59
C ALA F 167 -5.84 -11.57 -32.67
N ALA F 168 -6.45 -11.96 -33.79
CA ALA F 168 -6.93 -13.33 -33.94
C ALA F 168 -5.77 -14.32 -33.93
N ALA F 169 -4.72 -14.02 -34.68
CA ALA F 169 -3.56 -14.91 -34.73
C ALA F 169 -2.94 -15.10 -33.36
N ALA F 170 -3.06 -14.11 -32.48
CA ALA F 170 -2.44 -14.18 -31.16
C ALA F 170 -3.13 -15.21 -30.25
N VAL F 171 -4.38 -15.52 -30.51
CA VAL F 171 -5.14 -16.41 -29.64
C VAL F 171 -5.52 -17.73 -30.29
N ALA F 172 -5.49 -17.85 -31.62
CA ALA F 172 -5.97 -19.05 -32.29
C ALA F 172 -5.03 -20.24 -32.09
N LYS G 1 -16.43 -9.89 22.48
CA LYS G 1 -17.49 -9.47 21.55
C LYS G 1 -17.42 -10.18 20.20
N LYS G 2 -16.75 -11.34 20.17
CA LYS G 2 -16.92 -12.29 19.08
C LYS G 2 -17.98 -13.29 19.52
N THR G 3 -19.13 -13.27 18.86
CA THR G 3 -20.24 -14.17 19.10
C THR G 3 -20.67 -14.75 17.77
N PRO G 4 -21.58 -15.74 17.77
CA PRO G 4 -22.15 -16.19 16.49
C PRO G 4 -22.85 -15.09 15.73
N LEU G 5 -23.45 -14.13 16.44
CA LEU G 5 -24.24 -13.08 15.79
C LEU G 5 -23.35 -11.96 15.27
N THR G 6 -22.35 -11.54 16.06
CA THR G 6 -21.46 -10.48 15.59
C THR G 6 -20.59 -10.96 14.43
N GLU G 7 -20.12 -12.21 14.48
CA GLU G 7 -19.37 -12.75 13.37
C GLU G 7 -20.20 -12.77 12.09
N ALA G 8 -21.46 -13.17 12.19
CA ALA G 8 -22.33 -13.14 11.02
C ALA G 8 -22.49 -11.73 10.49
N ILE G 9 -22.72 -10.76 11.38
CA ILE G 9 -22.89 -9.37 10.97
C ILE G 9 -21.60 -8.85 10.33
N SER G 10 -20.47 -9.04 11.01
CA SER G 10 -19.20 -8.51 10.52
C SER G 10 -18.83 -9.13 9.17
N ALA G 11 -19.09 -10.43 9.00
CA ALA G 11 -18.83 -11.07 7.71
C ALA G 11 -19.72 -10.48 6.62
N ALA G 12 -21.00 -10.28 6.93
CA ALA G 12 -21.91 -9.69 5.95
C ALA G 12 -21.63 -8.22 5.71
N ASP G 13 -21.20 -7.50 6.74
CA ASP G 13 -20.87 -6.09 6.57
C ASP G 13 -19.58 -5.92 5.78
N SER G 14 -18.59 -6.78 6.06
CA SER G 14 -17.31 -6.69 5.34
C SER G 14 -17.49 -6.90 3.85
N GLN G 15 -18.48 -7.71 3.46
CA GLN G 15 -18.81 -7.91 2.06
C GLN G 15 -19.90 -6.95 1.59
N GLY G 16 -20.27 -5.97 2.42
CA GLY G 16 -21.32 -5.03 2.05
C GLY G 16 -22.66 -5.68 1.80
N ARG G 17 -22.93 -6.82 2.43
CA ARG G 17 -24.10 -7.63 2.13
C ARG G 17 -25.09 -7.61 3.28
N TYR G 18 -26.38 -7.56 2.93
CA TYR G 18 -27.43 -7.90 3.86
C TYR G 18 -27.24 -9.31 4.40
N LEU G 19 -27.84 -9.59 5.55
CA LEU G 19 -27.87 -10.94 6.06
C LEU G 19 -28.75 -11.81 5.18
N SER G 20 -28.30 -13.01 4.90
CA SER G 20 -29.05 -14.00 4.14
C SER G 20 -29.43 -15.16 5.04
N SER G 21 -30.09 -16.17 4.45
CA SER G 21 -30.48 -17.35 5.21
C SER G 21 -29.27 -18.09 5.78
N THR G 22 -28.09 -17.91 5.18
CA THR G 22 -26.88 -18.47 5.77
C THR G 22 -26.70 -17.98 7.19
N GLU G 23 -26.78 -16.67 7.40
CA GLU G 23 -26.59 -16.11 8.74
C GLU G 23 -27.79 -16.38 9.63
N ILE G 24 -28.99 -16.48 9.05
CA ILE G 24 -30.17 -16.84 9.83
C ILE G 24 -29.96 -18.19 10.51
N GLN G 25 -29.39 -19.16 9.78
CA GLN G 25 -29.14 -20.48 10.36
C GLN G 25 -28.12 -20.42 11.48
N VAL G 26 -27.16 -19.48 11.41
CA VAL G 26 -26.23 -19.28 12.52
C VAL G 26 -26.99 -18.90 13.78
N ALA G 27 -27.95 -17.98 13.66
CA ALA G 27 -28.76 -17.61 14.81
C ALA G 27 -29.60 -18.80 15.29
N PHE G 28 -30.13 -19.59 14.36
CA PHE G 28 -30.86 -20.79 14.75
C PHE G 28 -29.97 -21.74 15.55
N GLY G 29 -28.76 -21.99 15.04
CA GLY G 29 -27.84 -22.85 15.77
C GLY G 29 -27.47 -22.29 17.13
N ARG G 30 -27.29 -20.97 17.21
CA ARG G 30 -26.99 -20.33 18.48
C ARG G 30 -28.15 -20.48 19.45
N PHE G 31 -29.38 -20.17 18.99
CA PHE G 31 -30.53 -20.28 19.87
C PHE G 31 -30.86 -21.74 20.21
N ARG G 32 -30.54 -22.66 19.31
CA ARG G 32 -30.69 -24.08 19.61
C ARG G 32 -29.76 -24.51 20.72
N GLN G 33 -28.57 -23.90 20.80
CA GLN G 33 -27.55 -24.27 21.78
C GLN G 33 -27.60 -23.45 23.06
N ALA G 34 -28.15 -22.23 23.00
CA ALA G 34 -28.08 -21.32 24.14
C ALA G 34 -28.65 -21.90 25.44
N PRO G 35 -29.76 -22.65 25.45
CA PRO G 35 -30.19 -23.27 26.73
C PRO G 35 -29.10 -24.09 27.40
N ALA G 36 -28.43 -24.96 26.65
CA ALA G 36 -27.32 -25.72 27.22
C ALA G 36 -26.19 -24.79 27.65
N SER G 37 -25.90 -23.77 26.83
CA SER G 37 -24.82 -22.83 27.14
C SER G 37 -25.12 -22.06 28.42
N LEU G 38 -26.34 -21.55 28.55
CA LEU G 38 -26.70 -20.79 29.74
C LEU G 38 -26.76 -21.68 30.98
N GLN G 39 -27.20 -22.93 30.81
CA GLN G 39 -27.24 -23.86 31.94
C GLN G 39 -25.85 -24.11 32.50
N ALA G 40 -24.86 -24.30 31.61
CA ALA G 40 -23.49 -24.42 32.06
C ALA G 40 -23.04 -23.15 32.78
N ALA G 41 -23.42 -21.99 32.25
CA ALA G 41 -23.06 -20.74 32.91
C ALA G 41 -23.70 -20.64 34.29
N LYS G 42 -24.96 -21.04 34.42
CA LYS G 42 -25.65 -20.91 35.69
C LYS G 42 -25.05 -21.83 36.75
N SER G 43 -24.68 -23.05 36.36
CA SER G 43 -24.09 -23.98 37.32
C SER G 43 -22.68 -23.56 37.72
N LEU G 44 -21.89 -23.11 36.75
CA LEU G 44 -20.53 -22.68 37.07
C LEU G 44 -20.53 -21.47 38.00
N SER G 45 -21.44 -20.53 37.79
CA SER G 45 -21.51 -19.35 38.66
C SER G 45 -21.90 -19.74 40.07
N ALA G 46 -22.92 -20.60 40.20
CA ALA G 46 -23.38 -21.02 41.52
C ALA G 46 -22.26 -21.71 42.29
N ASN G 47 -21.40 -22.46 41.60
CA ASN G 47 -20.27 -23.14 42.21
C ASN G 47 -18.98 -22.36 42.07
N ALA G 48 -19.05 -21.06 41.80
CA ALA G 48 -17.85 -20.28 41.51
C ALA G 48 -16.86 -20.34 42.66
N SER G 49 -17.32 -20.02 43.87
CA SER G 49 -16.42 -19.99 45.02
C SER G 49 -15.79 -21.34 45.28
N ARG G 50 -16.57 -22.41 45.18
CA ARG G 50 -16.02 -23.75 45.41
C ARG G 50 -15.05 -24.14 44.31
N LEU G 51 -15.42 -23.89 43.04
CA LEU G 51 -14.53 -24.22 41.93
C LEU G 51 -13.25 -23.40 41.99
N THR G 52 -13.36 -22.11 42.32
CA THR G 52 -12.19 -21.24 42.29
C THR G 52 -11.22 -21.58 43.40
N GLU G 53 -11.71 -21.67 44.64
CA GLU G 53 -10.86 -22.03 45.77
C GLU G 53 -10.25 -23.41 45.57
N GLY G 54 -11.01 -24.34 44.98
CA GLY G 54 -10.48 -25.67 44.75
C GLY G 54 -9.46 -25.71 43.63
N ALA G 55 -9.68 -24.91 42.59
CA ALA G 55 -8.70 -24.84 41.50
C ALA G 55 -7.41 -24.20 41.97
N ALA G 56 -7.50 -23.12 42.77
CA ALA G 56 -6.29 -22.54 43.35
C ALA G 56 -5.58 -23.55 44.25
N GLN G 57 -6.35 -24.37 44.97
CA GLN G 57 -5.75 -25.37 45.85
C GLN G 57 -5.06 -26.45 45.03
N ALA G 58 -5.68 -26.89 43.93
CA ALA G 58 -5.07 -27.89 43.07
C ALA G 58 -3.71 -27.43 42.55
N VAL G 59 -3.57 -26.13 42.28
CA VAL G 59 -2.28 -25.61 41.84
C VAL G 59 -1.25 -25.71 42.96
N TYR G 60 -1.63 -25.29 44.18
CA TYR G 60 -0.73 -25.39 45.31
C TYR G 60 -0.27 -26.83 45.52
N ASN G 61 -1.18 -27.79 45.41
CA ASN G 61 -0.81 -29.18 45.58
C ASN G 61 0.09 -29.66 44.44
N LYS G 62 -0.18 -29.22 43.21
CA LYS G 62 0.62 -29.65 42.07
C LYS G 62 1.98 -28.96 42.04
N PHE G 63 2.02 -27.67 42.39
CA PHE G 63 3.26 -26.89 42.45
C PHE G 63 3.40 -26.35 43.87
N PRO G 64 3.93 -27.14 44.79
CA PRO G 64 4.00 -26.69 46.19
C PRO G 64 4.90 -25.49 46.40
N TYR G 65 5.94 -25.33 45.58
CA TYR G 65 6.89 -24.23 45.76
C TYR G 65 6.22 -22.87 45.61
N THR G 66 5.05 -22.81 44.96
CA THR G 66 4.29 -21.56 44.85
C THR G 66 3.75 -21.08 46.18
N THR G 67 3.83 -21.88 47.24
CA THR G 67 3.45 -21.47 48.58
C THR G 67 4.63 -21.44 49.53
N GLN G 68 5.83 -21.77 49.07
CA GLN G 68 7.02 -21.83 49.91
C GLN G 68 8.09 -20.82 49.52
N GLN G 69 8.36 -20.65 48.23
CA GLN G 69 9.32 -19.64 47.80
C GLN G 69 8.78 -18.25 48.09
N GLN G 70 9.65 -17.37 48.59
CA GLN G 70 9.25 -16.03 49.00
C GLN G 70 9.58 -15.06 47.86
N GLY G 71 8.55 -14.65 47.14
CA GLY G 71 8.69 -13.72 46.04
C GLY G 71 7.36 -13.07 45.74
N PRO G 72 7.37 -11.99 44.95
CA PRO G 72 6.10 -11.33 44.63
C PRO G 72 5.17 -12.21 43.82
N ASN G 73 5.71 -13.02 42.91
CA ASN G 73 4.91 -13.86 42.02
C ASN G 73 4.36 -15.11 42.69
N PHE G 74 4.61 -15.31 43.99
CA PHE G 74 4.26 -16.56 44.66
C PHE G 74 3.21 -16.33 45.73
N ALA G 75 2.42 -17.37 45.97
CA ALA G 75 1.37 -17.34 47.00
C ALA G 75 1.87 -17.95 48.30
N TYR G 76 3.04 -17.55 48.73
CA TYR G 76 3.63 -18.05 49.94
C TYR G 76 2.96 -17.40 51.11
N ASP G 77 2.45 -16.22 50.89
CA ASP G 77 1.77 -15.51 51.91
C ASP G 77 0.36 -15.24 51.49
N GLN G 78 -0.33 -14.57 52.37
CA GLN G 78 -1.66 -14.27 52.08
C GLN G 78 -1.77 -13.21 51.00
N ARG G 79 -0.78 -12.45 50.66
CA ARG G 79 -1.06 -11.52 49.62
C ARG G 79 -1.17 -12.28 48.30
N GLY G 80 -0.19 -13.11 48.00
CA GLY G 80 -0.19 -13.92 46.81
C GLY G 80 -1.40 -14.84 46.70
N LYS G 81 -1.78 -15.45 47.81
CA LYS G 81 -2.93 -16.32 47.83
C LYS G 81 -4.16 -15.59 47.38
N ALA G 82 -4.35 -14.34 47.82
CA ALA G 82 -5.49 -13.54 47.39
C ALA G 82 -5.40 -13.23 45.90
N LYS G 83 -4.20 -12.86 45.43
CA LYS G 83 -3.99 -12.66 44.00
C LYS G 83 -4.31 -13.93 43.21
N CYS G 84 -3.90 -15.08 43.73
CA CYS G 84 -4.04 -16.33 42.98
C CYS G 84 -5.50 -16.74 42.87
N VAL G 85 -6.26 -16.69 43.96
CA VAL G 85 -7.67 -17.02 43.89
C VAL G 85 -8.42 -15.99 43.04
N ARG G 86 -7.99 -14.73 43.10
CA ARG G 86 -8.56 -13.70 42.22
C ARG G 86 -8.34 -14.06 40.76
N ASP G 87 -7.10 -14.44 40.40
CA ASP G 87 -6.80 -14.82 39.03
C ASP G 87 -7.64 -15.99 38.57
N VAL G 88 -7.67 -17.06 39.37
CA VAL G 88 -8.48 -18.23 39.03
C VAL G 88 -9.95 -17.84 38.88
N GLY G 89 -10.42 -16.88 39.68
CA GLY G 89 -11.78 -16.41 39.53
C GLY G 89 -12.00 -15.63 38.25
N TYR G 90 -10.99 -14.89 37.80
CA TYR G 90 -11.06 -14.20 36.52
C TYR G 90 -11.26 -15.19 35.38
N TYR G 91 -10.46 -16.27 35.37
CA TYR G 91 -10.57 -17.27 34.32
C TYR G 91 -11.97 -17.86 34.26
N LEU G 92 -12.48 -18.34 35.41
CA LEU G 92 -13.78 -18.99 35.42
C LEU G 92 -14.90 -18.03 35.03
N ARG G 93 -14.86 -16.80 35.55
CA ARG G 93 -15.93 -15.85 35.25
C ARG G 93 -15.98 -15.53 33.76
N ILE G 94 -14.82 -15.23 33.17
CA ILE G 94 -14.77 -14.95 31.74
C ILE G 94 -15.12 -16.19 30.93
N ILE G 95 -14.89 -17.38 31.48
CA ILE G 95 -15.32 -18.61 30.81
C ILE G 95 -16.84 -18.70 30.77
N THR G 96 -17.51 -18.34 31.88
CA THR G 96 -18.97 -18.29 31.84
C THR G 96 -19.47 -17.24 30.86
N TYR G 97 -18.73 -16.14 30.71
CA TYR G 97 -19.08 -15.15 29.70
C TYR G 97 -19.06 -15.75 28.31
N ALA G 98 -18.07 -16.60 28.02
CA ALA G 98 -17.99 -17.25 26.72
C ALA G 98 -19.21 -18.14 26.45
N LEU G 99 -19.69 -18.83 27.48
CA LEU G 99 -20.89 -19.64 27.31
C LEU G 99 -22.12 -18.76 27.08
N VAL G 100 -22.19 -17.61 27.76
CA VAL G 100 -23.37 -16.75 27.66
C VAL G 100 -23.56 -16.26 26.22
N VAL G 101 -22.46 -15.81 25.59
CA VAL G 101 -22.53 -15.34 24.21
C VAL G 101 -22.28 -16.47 23.20
N GLY G 102 -21.96 -17.67 23.66
CA GLY G 102 -21.70 -18.77 22.75
C GLY G 102 -20.48 -18.56 21.86
N GLY G 103 -19.42 -17.97 22.41
CA GLY G 103 -18.26 -17.67 21.60
C GLY G 103 -17.09 -17.24 22.47
N THR G 104 -15.90 -17.33 21.87
CA THR G 104 -14.66 -17.03 22.57
C THR G 104 -14.39 -15.53 22.71
N GLY G 105 -15.28 -14.68 22.22
CA GLY G 105 -15.11 -13.24 22.31
C GLY G 105 -14.69 -12.72 23.67
N PRO G 106 -15.46 -13.05 24.71
CA PRO G 106 -15.07 -12.60 26.07
C PRO G 106 -13.71 -13.10 26.49
N LEU G 107 -13.36 -14.34 26.13
CA LEU G 107 -12.04 -14.87 26.47
C LEU G 107 -10.94 -14.15 25.73
N ASP G 108 -11.08 -13.99 24.41
CA ASP G 108 -10.07 -13.30 23.61
C ASP G 108 -9.87 -11.88 24.12
N ASP G 109 -10.96 -11.15 24.34
CA ASP G 109 -10.85 -9.72 24.61
C ASP G 109 -10.45 -9.43 26.06
N TYR G 110 -11.02 -10.16 27.02
CA TYR G 110 -10.82 -9.82 28.43
C TYR G 110 -9.68 -10.59 29.08
N LEU G 111 -9.37 -11.78 28.58
CA LEU G 111 -8.44 -12.68 29.25
C LEU G 111 -7.20 -13.00 28.43
N ILE G 112 -7.36 -13.29 27.15
CA ILE G 112 -6.28 -13.93 26.39
C ILE G 112 -5.39 -12.91 25.69
N SER G 113 -5.97 -11.88 25.08
CA SER G 113 -5.16 -10.87 24.41
C SER G 113 -4.21 -10.23 25.42
N GLY G 114 -2.92 -10.43 25.23
CA GLY G 114 -1.90 -9.91 26.13
C GLY G 114 -1.57 -10.78 27.31
N LEU G 115 -2.15 -11.99 27.40
CA LEU G 115 -1.99 -12.81 28.60
C LEU G 115 -0.56 -13.30 28.76
N ALA G 116 0.10 -13.68 27.66
CA ALA G 116 1.47 -14.12 27.75
C ALA G 116 2.41 -13.01 28.19
N GLU G 117 2.04 -11.75 27.94
CA GLU G 117 2.88 -10.64 28.36
C GLU G 117 2.77 -10.42 29.86
N ILE G 118 1.57 -10.59 30.43
CA ILE G 118 1.39 -10.45 31.87
C ILE G 118 2.09 -11.58 32.61
N ASN G 119 1.87 -12.82 32.17
CA ASN G 119 2.52 -13.96 32.81
C ASN G 119 4.03 -13.82 32.77
N LYS G 120 4.58 -13.46 31.62
CA LYS G 120 6.02 -13.28 31.51
C LYS G 120 6.51 -12.13 32.39
N THR G 121 5.81 -11.00 32.37
CA THR G 121 6.26 -9.83 33.11
C THR G 121 6.23 -10.08 34.62
N PHE G 122 5.18 -10.72 35.13
CA PHE G 122 5.05 -10.94 36.56
C PHE G 122 5.49 -12.34 36.97
N ASP G 123 6.20 -13.05 36.09
CA ASP G 123 6.79 -14.36 36.40
C ASP G 123 5.74 -15.36 36.85
N LEU G 124 4.60 -15.35 36.16
CA LEU G 124 3.52 -16.29 36.40
C LEU G 124 3.63 -17.43 35.41
N SER G 125 3.63 -18.66 35.92
CA SER G 125 3.81 -19.81 35.03
C SER G 125 2.49 -20.16 34.36
N PRO G 126 2.48 -20.36 33.05
CA PRO G 126 1.25 -20.84 32.40
C PRO G 126 0.81 -22.21 32.89
N SER G 127 1.75 -23.04 33.33
CA SER G 127 1.40 -24.35 33.88
C SER G 127 0.52 -24.22 35.11
N TRP G 128 0.73 -23.18 35.92
CA TRP G 128 -0.11 -22.95 37.08
C TRP G 128 -1.59 -22.88 36.68
N TYR G 129 -1.89 -22.09 35.65
CA TYR G 129 -3.28 -21.88 35.27
C TYR G 129 -3.85 -23.04 34.47
N ILE G 130 -3.00 -23.75 33.72
CA ILE G 130 -3.46 -24.96 33.04
C ILE G 130 -3.90 -26.00 34.06
N GLU G 131 -3.14 -26.14 35.16
CA GLU G 131 -3.55 -27.04 36.22
C GLU G 131 -4.88 -26.61 36.83
N ALA G 132 -5.06 -25.32 37.10
CA ALA G 132 -6.32 -24.85 37.66
C ALA G 132 -7.48 -25.13 36.70
N LEU G 133 -7.29 -24.85 35.41
CA LEU G 133 -8.33 -25.10 34.43
C LEU G 133 -8.66 -26.59 34.34
N LYS G 134 -7.65 -27.46 34.49
CA LYS G 134 -7.91 -28.89 34.51
C LYS G 134 -8.80 -29.27 35.68
N TYR G 135 -8.49 -28.75 36.87
CA TYR G 135 -9.31 -29.05 38.05
C TYR G 135 -10.75 -28.60 37.83
N ILE G 136 -10.95 -27.42 37.23
CA ILE G 136 -12.31 -26.96 36.97
C ILE G 136 -13.03 -27.92 36.04
N LYS G 137 -12.35 -28.40 35.01
CA LYS G 137 -12.95 -29.35 34.08
C LYS G 137 -13.40 -30.62 34.80
N ALA G 138 -12.53 -31.15 35.67
CA ALA G 138 -12.84 -32.40 36.35
C ALA G 138 -13.89 -32.23 37.45
N ASN G 139 -14.15 -31.00 37.91
CA ASN G 139 -14.95 -30.80 39.10
C ASN G 139 -16.20 -29.93 38.88
N HIS G 140 -16.48 -29.48 37.67
CA HIS G 140 -17.68 -28.68 37.50
C HIS G 140 -18.97 -29.51 37.52
N GLY G 141 -18.85 -30.83 37.32
CA GLY G 141 -19.99 -31.71 37.44
C GLY G 141 -21.06 -31.58 36.37
N LEU G 142 -20.83 -30.74 35.36
CA LEU G 142 -21.77 -30.63 34.24
C LEU G 142 -21.73 -31.88 33.39
N SER G 143 -22.86 -32.17 32.74
CA SER G 143 -22.96 -33.32 31.85
C SER G 143 -23.63 -32.88 30.54
N GLY G 144 -23.62 -33.79 29.57
CA GLY G 144 -24.25 -33.55 28.30
C GLY G 144 -23.59 -32.43 27.53
N ASP G 145 -24.40 -31.69 26.77
CA ASP G 145 -23.94 -30.59 25.93
C ASP G 145 -23.38 -29.42 26.73
N PRO G 146 -23.98 -29.00 27.85
CA PRO G 146 -23.35 -27.93 28.63
C PRO G 146 -21.94 -28.29 29.11
N ALA G 147 -21.67 -29.57 29.37
CA ALA G 147 -20.31 -29.96 29.71
C ALA G 147 -19.39 -29.85 28.50
N VAL G 148 -19.79 -30.46 27.39
CA VAL G 148 -18.95 -30.47 26.19
C VAL G 148 -18.58 -29.05 25.78
N GLU G 149 -19.55 -28.12 25.83
CA GLU G 149 -19.25 -26.76 25.43
C GLU G 149 -18.39 -26.04 26.47
N ALA G 150 -18.67 -26.27 27.75
CA ALA G 150 -17.85 -25.67 28.80
C ALA G 150 -16.40 -26.12 28.67
N ASN G 151 -16.20 -27.42 28.47
CA ASN G 151 -14.85 -27.96 28.35
C ASN G 151 -14.13 -27.49 27.09
N SER G 152 -14.88 -27.09 26.05
CA SER G 152 -14.23 -26.56 24.85
C SER G 152 -13.66 -25.17 25.09
N TYR G 153 -14.30 -24.37 25.95
CA TYR G 153 -13.74 -23.08 26.31
C TYR G 153 -12.62 -23.23 27.34
N ILE G 154 -12.74 -24.18 28.27
CA ILE G 154 -11.64 -24.49 29.17
C ILE G 154 -10.42 -24.93 28.37
N ASP G 155 -10.61 -25.87 27.44
CA ASP G 155 -9.51 -26.30 26.59
C ASP G 155 -9.05 -25.20 25.63
N TYR G 156 -9.92 -24.24 25.32
CA TYR G 156 -9.50 -23.10 24.51
C TYR G 156 -8.44 -22.29 25.23
N VAL G 157 -8.68 -21.96 26.51
CA VAL G 157 -7.68 -21.25 27.30
C VAL G 157 -6.44 -22.10 27.50
N ILE G 158 -6.62 -23.40 27.76
CA ILE G 158 -5.47 -24.28 27.94
C ILE G 158 -4.60 -24.27 26.70
N ASN G 159 -5.20 -24.24 25.54
CA ASN G 159 -4.46 -24.18 24.32
C ASN G 159 -3.66 -22.90 24.15
N THR G 160 -4.22 -21.78 24.56
CA THR G 160 -3.55 -20.52 24.49
C THR G 160 -2.43 -20.44 25.46
N LEU G 161 -2.50 -21.21 26.53
CA LEU G 161 -1.47 -21.23 27.51
C LEU G 161 -0.37 -22.23 27.15
N SER G 162 -0.45 -22.89 26.02
CA SER G 162 0.53 -23.90 25.64
C SER G 162 0.73 -24.00 24.13
N MET H 1 -20.77 -5.16 16.45
CA MET H 1 -19.70 -5.30 17.43
C MET H 1 -20.20 -6.01 18.69
N LEU H 2 -21.38 -5.61 19.17
CA LEU H 2 -22.02 -6.24 20.31
C LEU H 2 -23.41 -6.71 19.94
N ASP H 3 -23.79 -7.89 20.41
CA ASP H 3 -25.18 -8.30 20.42
C ASP H 3 -25.73 -8.17 21.83
N ALA H 4 -26.98 -8.58 22.01
CA ALA H 4 -27.63 -8.46 23.32
C ALA H 4 -26.87 -9.25 24.37
N PHE H 5 -26.34 -10.42 24.00
CA PHE H 5 -25.63 -11.26 24.96
C PHE H 5 -24.29 -10.63 25.34
N ALA H 6 -23.54 -10.15 24.35
CA ALA H 6 -22.25 -9.53 24.64
C ALA H 6 -22.42 -8.24 25.44
N LYS H 7 -23.49 -7.48 25.17
CA LYS H 7 -23.76 -6.28 25.95
C LYS H 7 -23.86 -6.59 27.44
N VAL H 8 -24.61 -7.63 27.77
CA VAL H 8 -24.78 -8.02 29.18
C VAL H 8 -23.47 -8.51 29.76
N VAL H 9 -22.74 -9.34 29.00
CA VAL H 9 -21.44 -9.83 29.44
C VAL H 9 -20.50 -8.67 29.75
N ALA H 10 -20.44 -7.68 28.85
CA ALA H 10 -19.52 -6.57 29.04
C ALA H 10 -19.88 -5.76 30.28
N GLN H 11 -21.17 -5.51 30.49
CA GLN H 11 -21.61 -4.80 31.69
C GLN H 11 -21.26 -5.58 32.95
N ALA H 12 -21.42 -6.90 32.92
CA ALA H 12 -21.05 -7.72 34.06
C ALA H 12 -19.54 -7.72 34.29
N ASP H 13 -18.74 -7.55 33.22
CA ASP H 13 -17.29 -7.54 33.40
C ASP H 13 -16.81 -6.30 34.13
N THR H 14 -17.46 -5.16 33.91
CA THR H 14 -17.08 -3.96 34.65
C THR H 14 -17.28 -4.16 36.15
N ARG H 15 -18.34 -4.86 36.53
CA ARG H 15 -18.58 -5.18 37.94
C ARG H 15 -17.71 -6.32 38.45
N GLY H 16 -16.99 -7.02 37.57
CA GLY H 16 -16.30 -8.23 38.00
C GLY H 16 -17.23 -9.28 38.55
N GLU H 17 -18.45 -9.36 38.04
CA GLU H 17 -19.48 -10.23 38.58
C GLU H 17 -19.93 -11.25 37.56
N TYR H 18 -20.33 -12.42 38.06
CA TYR H 18 -21.06 -13.38 37.25
C TYR H 18 -22.45 -12.86 36.95
N LEU H 19 -23.03 -13.35 35.86
CA LEU H 19 -24.39 -12.98 35.52
C LEU H 19 -25.35 -13.54 36.56
N THR H 20 -26.31 -12.72 36.99
CA THR H 20 -27.31 -13.19 37.92
C THR H 20 -28.31 -14.09 37.22
N ASP H 21 -29.19 -14.72 38.00
CA ASP H 21 -30.21 -15.58 37.44
C ASP H 21 -31.24 -14.78 36.66
N ALA H 22 -31.55 -13.56 37.10
CA ALA H 22 -32.48 -12.73 36.35
C ALA H 22 -31.92 -12.34 34.99
N GLN H 23 -30.62 -12.03 34.94
CA GLN H 23 -29.98 -11.71 33.67
C GLN H 23 -29.89 -12.93 32.77
N LEU H 24 -29.50 -14.08 33.32
CA LEU H 24 -29.50 -15.31 32.54
C LEU H 24 -30.89 -15.65 32.02
N ASP H 25 -31.93 -15.35 32.81
CA ASP H 25 -33.29 -15.62 32.37
C ASP H 25 -33.78 -14.57 31.38
N ALA H 26 -33.34 -13.32 31.52
CA ALA H 26 -33.68 -12.31 30.54
C ALA H 26 -33.14 -12.67 29.17
N LEU H 27 -31.87 -13.09 29.11
CA LEU H 27 -31.28 -13.48 27.84
C LEU H 27 -31.91 -14.77 27.32
N SER H 28 -32.27 -15.68 28.22
CA SER H 28 -32.98 -16.89 27.81
C SER H 28 -34.34 -16.56 27.22
N GLU H 29 -34.93 -15.43 27.62
CA GLU H 29 -36.19 -15.00 27.02
C GLU H 29 -35.96 -14.53 25.58
N LEU H 30 -34.87 -13.82 25.33
CA LEU H 30 -34.58 -13.37 23.97
C LEU H 30 -34.29 -14.55 23.05
N VAL H 31 -33.64 -15.60 23.58
CA VAL H 31 -33.43 -16.81 22.79
C VAL H 31 -34.75 -17.43 22.39
N LYS H 32 -35.74 -17.41 23.30
CA LYS H 32 -37.01 -18.06 23.02
C LYS H 32 -37.79 -17.36 21.91
N GLU H 33 -37.64 -16.05 21.77
CA GLU H 33 -38.27 -15.30 20.69
C GLU H 33 -37.34 -15.10 19.51
N GLY H 34 -36.34 -15.97 19.34
CA GLY H 34 -35.40 -15.82 18.24
C GLY H 34 -36.02 -16.03 16.88
N ASN H 35 -37.06 -16.86 16.80
CA ASN H 35 -37.71 -17.10 15.51
C ASN H 35 -38.38 -15.84 15.00
N LYS H 36 -39.09 -15.12 15.87
CA LYS H 36 -39.64 -13.83 15.49
C LYS H 36 -38.54 -12.88 15.03
N ARG H 37 -37.41 -12.89 15.74
CA ARG H 37 -36.30 -12.02 15.38
C ARG H 37 -35.73 -12.38 14.01
N ALA H 38 -35.72 -13.67 13.65
CA ALA H 38 -35.22 -14.07 12.34
C ALA H 38 -36.21 -13.73 11.23
N ASP H 39 -37.51 -13.89 11.49
CA ASP H 39 -38.52 -13.46 10.53
C ASP H 39 -38.38 -11.98 10.21
N ALA H 40 -38.23 -11.15 11.24
CA ALA H 40 -38.13 -9.71 11.01
C ALA H 40 -36.92 -9.38 10.16
N VAL H 41 -35.77 -10.02 10.44
CA VAL H 41 -34.59 -9.79 9.61
C VAL H 41 -34.82 -10.31 8.19
N ASN H 42 -35.40 -11.50 8.07
CA ASN H 42 -35.63 -12.06 6.74
C ASN H 42 -36.62 -11.22 5.96
N ARG H 43 -37.71 -10.78 6.60
CA ARG H 43 -38.76 -10.08 5.89
C ARG H 43 -38.30 -8.71 5.41
N ILE H 44 -37.55 -7.98 6.24
CA ILE H 44 -37.06 -6.68 5.81
C ILE H 44 -36.03 -6.84 4.70
N THR H 45 -35.08 -7.75 4.89
CA THR H 45 -34.07 -8.01 3.88
C THR H 45 -34.70 -8.44 2.56
N SER H 46 -35.70 -9.34 2.62
CA SER H 46 -36.31 -9.88 1.41
C SER H 46 -37.00 -8.81 0.58
N ASN H 47 -37.39 -7.69 1.18
CA ASN H 47 -38.03 -6.60 0.45
C ASN H 47 -37.18 -5.33 0.49
N ALA H 48 -35.87 -5.47 0.73
CA ALA H 48 -35.03 -4.30 0.96
C ALA H 48 -35.05 -3.36 -0.23
N SER H 49 -34.96 -3.89 -1.45
CA SER H 49 -34.94 -3.03 -2.62
C SER H 49 -36.23 -2.24 -2.76
N ALA H 50 -37.37 -2.92 -2.59
CA ALA H 50 -38.66 -2.25 -2.73
C ALA H 50 -38.88 -1.23 -1.62
N ILE H 51 -38.40 -1.53 -0.40
CA ILE H 51 -38.58 -0.60 0.71
C ILE H 51 -37.82 0.69 0.46
N VAL H 52 -36.58 0.57 -0.01
CA VAL H 52 -35.76 1.77 -0.25
C VAL H 52 -36.35 2.58 -1.38
N ALA H 53 -36.66 1.93 -2.50
CA ALA H 53 -37.25 2.64 -3.64
C ALA H 53 -38.49 3.41 -3.23
N ALA H 54 -39.34 2.80 -2.39
CA ALA H 54 -40.53 3.49 -1.92
C ALA H 54 -40.18 4.66 -1.01
N ALA H 55 -39.11 4.53 -0.23
CA ALA H 55 -38.74 5.62 0.68
C ALA H 55 -38.22 6.83 -0.09
N VAL H 56 -37.38 6.62 -1.11
CA VAL H 56 -36.88 7.75 -1.88
C VAL H 56 -37.97 8.30 -2.79
N ARG H 57 -38.80 7.42 -3.37
CA ARG H 57 -39.87 7.89 -4.24
C ARG H 57 -40.84 8.78 -3.48
N ASP H 58 -41.23 8.37 -2.27
CA ASP H 58 -42.18 9.16 -1.50
C ASP H 58 -41.51 10.40 -0.92
N LEU H 59 -40.26 10.29 -0.48
CA LEU H 59 -39.54 11.47 0.00
C LEU H 59 -39.43 12.52 -1.09
N TRP H 60 -39.01 12.09 -2.29
CA TRP H 60 -38.84 13.03 -3.40
C TRP H 60 -40.17 13.60 -3.87
N ALA H 61 -41.26 12.84 -3.76
CA ALA H 61 -42.57 13.39 -4.10
C ALA H 61 -42.96 14.49 -3.13
N GLU H 62 -42.62 14.32 -1.84
CA GLU H 62 -42.98 15.32 -0.83
C GLU H 62 -42.04 16.52 -0.86
N GLN H 63 -40.79 16.31 -1.25
CA GLN H 63 -39.78 17.37 -1.29
C GLN H 63 -39.17 17.40 -2.68
N PRO H 64 -39.90 17.94 -3.66
CA PRO H 64 -39.37 17.97 -5.04
C PRO H 64 -38.13 18.84 -5.20
N GLN H 65 -37.87 19.76 -4.27
CA GLN H 65 -36.67 20.58 -4.36
C GLN H 65 -35.41 19.73 -4.24
N LEU H 66 -35.52 18.48 -3.79
CA LEU H 66 -34.36 17.62 -3.72
C LEU H 66 -33.92 17.14 -5.10
N ILE H 67 -34.87 16.85 -5.97
CA ILE H 67 -34.57 16.32 -7.31
C ILE H 67 -34.50 17.31 -8.43
N ALA H 68 -35.12 18.44 -8.23
CA ALA H 68 -35.10 19.51 -9.18
C ALA H 68 -33.66 19.97 -9.45
N PRO H 69 -33.45 20.46 -10.65
CA PRO H 69 -32.08 20.87 -11.00
C PRO H 69 -31.47 21.75 -9.92
N GLY H 70 -30.26 21.39 -9.49
CA GLY H 70 -29.59 22.05 -8.40
C GLY H 70 -29.85 21.43 -7.05
N GLY H 71 -30.88 20.58 -6.93
CA GLY H 71 -31.19 19.89 -5.69
C GLY H 71 -30.07 18.99 -5.20
N MEN H 72 -30.13 18.58 -3.94
CA MEN H 72 -29.08 17.77 -3.37
C MEN H 72 -29.10 16.37 -3.97
O MEN H 72 -28.11 15.64 -4.06
CB MEN H 72 -29.08 17.60 -1.83
CG MEN H 72 -27.73 17.07 -1.35
OD1 MEN H 72 -27.68 16.04 -0.63
ND2 MEN H 72 -26.60 17.75 -1.72
CE2 MEN H 72 -25.28 17.34 -1.32
N ALA H 73 -30.29 15.98 -4.40
CA ALA H 73 -30.47 14.65 -5.00
C ALA H 73 -30.56 14.74 -6.53
N TYR H 74 -30.15 15.87 -7.09
CA TYR H 74 -30.18 16.04 -8.54
C TYR H 74 -28.92 15.43 -9.16
N THR H 75 -29.04 15.08 -10.44
CA THR H 75 -28.08 14.29 -11.23
C THR H 75 -28.18 12.81 -10.86
N SER H 76 -27.73 11.93 -11.76
CA SER H 76 -27.85 10.50 -11.52
C SER H 76 -26.95 10.04 -10.38
N ARG H 77 -25.77 10.65 -10.21
CA ARG H 77 -24.86 10.20 -9.17
C ARG H 77 -25.38 10.54 -7.78
N ARG H 78 -25.88 11.76 -7.59
CA ARG H 78 -26.43 12.11 -6.27
C ARG H 78 -27.75 11.42 -6.02
N ALA H 79 -28.55 11.18 -7.06
CA ALA H 79 -29.75 10.39 -6.87
C ALA H 79 -29.41 8.98 -6.42
N ALA H 80 -28.39 8.36 -7.03
CA ALA H 80 -27.99 7.03 -6.59
C ALA H 80 -27.42 7.07 -5.18
N ALA H 81 -26.59 8.08 -4.88
CA ALA H 81 -26.02 8.20 -3.55
C ALA H 81 -27.11 8.34 -2.49
N CYS H 82 -28.20 9.04 -2.82
CA CYS H 82 -29.33 9.15 -1.90
C CYS H 82 -30.00 7.79 -1.69
N ILE H 83 -30.21 7.05 -2.77
CA ILE H 83 -30.74 5.68 -2.66
C ILE H 83 -29.78 4.82 -1.84
N ARG H 84 -28.47 5.05 -2.00
CA ARG H 84 -27.49 4.22 -1.32
C ARG H 84 -27.47 4.49 0.19
N ASP H 85 -27.63 5.75 0.59
CA ASP H 85 -27.65 6.08 2.02
C ASP H 85 -28.80 5.37 2.73
N LEU H 86 -30.01 5.47 2.19
CA LEU H 86 -31.14 4.83 2.83
C LEU H 86 -31.00 3.31 2.83
N ASP H 87 -30.46 2.74 1.75
CA ASP H 87 -30.22 1.31 1.73
C ASP H 87 -29.16 0.91 2.75
N ILE H 88 -28.15 1.77 2.94
CA ILE H 88 -27.14 1.52 3.97
C ILE H 88 -27.78 1.53 5.35
N ILE H 89 -28.60 2.55 5.63
CA ILE H 89 -29.22 2.66 6.94
C ILE H 89 -30.15 1.47 7.18
N LEU H 90 -30.90 1.07 6.15
CA LEU H 90 -31.79 -0.08 6.31
C LEU H 90 -31.00 -1.36 6.56
N ARG H 91 -29.84 -1.48 5.93
CA ARG H 91 -29.02 -2.69 6.11
C ARG H 91 -28.49 -2.78 7.53
N TYR H 92 -27.96 -1.68 8.07
CA TYR H 92 -27.44 -1.71 9.43
C TYR H 92 -28.55 -1.89 10.46
N VAL H 93 -29.76 -1.41 10.17
CA VAL H 93 -30.87 -1.62 11.09
C VAL H 93 -31.20 -3.10 11.18
N THR H 94 -31.14 -3.82 10.06
CA THR H 94 -31.37 -5.27 10.10
C THR H 94 -30.26 -5.99 10.84
N TYR H 95 -29.02 -5.47 10.77
CA TYR H 95 -27.97 -5.96 11.65
C TYR H 95 -28.36 -5.82 13.11
N ALA H 96 -28.82 -4.63 13.50
CA ALA H 96 -29.16 -4.38 14.90
C ALA H 96 -30.30 -5.28 15.36
N ILE H 97 -31.31 -5.49 14.51
CA ILE H 97 -32.39 -6.42 14.85
C ILE H 97 -31.81 -7.81 15.07
N PHE H 98 -30.99 -8.28 14.12
CA PHE H 98 -30.34 -9.57 14.26
C PHE H 98 -29.52 -9.65 15.54
N ALA H 99 -28.83 -8.57 15.89
CA ALA H 99 -28.00 -8.55 17.09
C ALA H 99 -28.80 -8.29 18.35
N GLY H 100 -29.95 -7.63 18.25
CA GLY H 100 -30.63 -7.19 19.46
C GLY H 100 -29.88 -6.12 20.20
N ASP H 101 -29.14 -5.27 19.48
CA ASP H 101 -28.38 -4.19 20.07
C ASP H 101 -28.01 -3.21 18.96
N SER H 102 -28.06 -1.92 19.28
CA SER H 102 -27.90 -0.88 18.28
C SER H 102 -26.45 -0.46 18.08
N SER H 103 -25.49 -1.14 18.73
CA SER H 103 -24.10 -0.73 18.68
C SER H 103 -23.55 -0.78 17.26
N VAL H 104 -23.91 -1.81 16.49
CA VAL H 104 -23.42 -1.90 15.12
C VAL H 104 -23.96 -0.72 14.31
N LEU H 105 -25.22 -0.35 14.53
CA LEU H 105 -25.77 0.84 13.90
C LEU H 105 -25.05 2.10 14.36
N ASP H 106 -24.80 2.21 15.68
CA ASP H 106 -24.15 3.39 16.22
C ASP H 106 -22.69 3.46 15.81
N ASP H 107 -21.95 2.35 15.94
CA ASP H 107 -20.52 2.37 15.71
C ASP H 107 -20.16 2.59 14.25
N ARG H 108 -20.93 1.99 13.33
CA ARG H 108 -20.52 1.94 11.94
C ARG H 108 -21.35 2.79 10.98
N ALA H 109 -22.56 3.20 11.36
CA ALA H 109 -23.40 3.96 10.45
C ALA H 109 -23.79 5.33 11.00
N LEU H 110 -24.18 5.43 12.26
CA LEU H 110 -24.68 6.68 12.81
C LEU H 110 -23.58 7.61 13.30
N ASN H 111 -22.46 7.06 13.77
CA ASN H 111 -21.38 7.87 14.33
C ASN H 111 -20.79 8.82 13.30
N GLY H 112 -21.03 10.11 13.49
CA GLY H 112 -20.50 11.13 12.59
C GLY H 112 -21.32 11.40 11.35
N LEU H 113 -22.39 10.63 11.12
CA LEU H 113 -23.24 10.87 9.95
C LEU H 113 -23.91 12.24 10.03
N ARG H 114 -24.27 12.68 11.23
CA ARG H 114 -24.83 14.02 11.39
C ARG H 114 -23.85 15.07 10.88
N GLU H 115 -22.57 14.91 11.21
CA GLU H 115 -21.56 15.88 10.78
C GLU H 115 -21.17 15.69 9.33
N THR H 116 -21.30 14.47 8.80
CA THR H 116 -21.00 14.22 7.39
C THR H 116 -21.99 14.95 6.49
N TYR H 117 -23.29 14.82 6.78
CA TYR H 117 -24.29 15.53 5.99
C TYR H 117 -24.13 17.04 6.07
N LEU H 118 -23.70 17.55 7.23
CA LEU H 118 -23.48 18.99 7.36
C LEU H 118 -22.34 19.44 6.43
N ALA H 119 -21.27 18.67 6.35
CA ALA H 119 -20.17 19.03 5.48
C ALA H 119 -20.54 18.91 4.01
N LEU H 120 -21.44 17.99 3.67
CA LEU H 120 -21.83 17.76 2.27
C LEU H 120 -22.87 18.75 1.78
N GLY H 121 -23.66 19.33 2.68
CA GLY H 121 -24.81 20.11 2.29
C GLY H 121 -26.07 19.31 2.10
N THR H 122 -26.12 18.08 2.57
CA THR H 122 -27.31 17.25 2.49
C THR H 122 -28.27 17.62 3.62
N PRO H 123 -29.53 17.94 3.31
CA PRO H 123 -30.50 18.24 4.38
C PRO H 123 -30.78 17.03 5.25
N GLY H 124 -30.18 17.01 6.45
CA GLY H 124 -30.32 15.84 7.32
C GLY H 124 -31.75 15.56 7.72
N ALA H 125 -32.57 16.61 7.89
CA ALA H 125 -33.97 16.42 8.22
C ALA H 125 -34.72 15.72 7.10
N SER H 126 -34.33 15.95 5.84
CA SER H 126 -34.92 15.19 4.74
C SER H 126 -34.53 13.73 4.82
N VAL H 127 -33.27 13.44 5.19
CA VAL H 127 -32.83 12.07 5.40
C VAL H 127 -33.68 11.40 6.48
N ALA H 128 -33.94 12.11 7.58
CA ALA H 128 -34.74 11.56 8.66
C ALA H 128 -36.12 11.16 8.17
N VAL H 129 -36.75 12.00 7.36
CA VAL H 129 -38.04 11.63 6.76
C VAL H 129 -37.90 10.37 5.93
N GLY H 130 -36.81 10.26 5.17
CA GLY H 130 -36.60 9.05 4.38
C GLY H 130 -36.42 7.83 5.26
N ILE H 131 -35.78 7.99 6.42
CA ILE H 131 -35.66 6.89 7.37
C ILE H 131 -37.02 6.53 7.93
N GLN H 132 -37.82 7.55 8.28
CA GLN H 132 -39.17 7.29 8.80
C GLN H 132 -40.01 6.49 7.81
N LYS H 133 -39.77 6.67 6.51
CA LYS H 133 -40.49 5.89 5.50
C LYS H 133 -39.93 4.49 5.37
N LEU H 134 -38.62 4.31 5.54
CA LEU H 134 -38.08 2.97 5.69
C LEU H 134 -38.75 2.25 6.87
N LYS H 135 -38.92 2.96 7.98
CA LYS H 135 -39.51 2.35 9.18
C LYS H 135 -40.96 1.93 8.94
N ASP H 136 -41.77 2.83 8.38
CA ASP H 136 -43.18 2.53 8.18
C ASP H 136 -43.36 1.36 7.23
N ALA H 137 -42.62 1.35 6.11
CA ALA H 137 -42.71 0.24 5.17
C ALA H 137 -42.20 -1.06 5.79
N SER H 138 -41.10 -0.98 6.55
CA SER H 138 -40.54 -2.18 7.17
C SER H 138 -41.50 -2.79 8.18
N LEU H 139 -42.06 -1.95 9.08
CA LEU H 139 -42.95 -2.47 10.11
C LEU H 139 -44.19 -3.12 9.50
N LYS H 140 -44.71 -2.55 8.42
CA LYS H 140 -45.86 -3.16 7.74
C LYS H 140 -45.49 -4.55 7.21
N ILE H 141 -44.26 -4.72 6.72
CA ILE H 141 -43.84 -6.00 6.19
C ILE H 141 -43.61 -6.99 7.33
N VAL H 142 -43.01 -6.54 8.43
CA VAL H 142 -42.77 -7.41 9.58
C VAL H 142 -44.09 -7.89 10.17
N ASN H 143 -45.04 -6.98 10.38
CA ASN H 143 -46.32 -7.32 10.98
C ASN H 143 -47.29 -8.00 10.02
N ASP H 144 -46.87 -8.31 8.80
CA ASP H 144 -47.74 -8.95 7.82
C ASP H 144 -48.20 -10.32 8.34
N PRO H 145 -49.51 -10.53 8.54
CA PRO H 145 -49.96 -11.83 9.08
C PRO H 145 -49.87 -12.97 8.08
N ASN H 146 -49.79 -12.69 6.79
CA ASN H 146 -49.79 -13.76 5.79
C ASN H 146 -48.48 -14.55 5.82
N GLY H 147 -48.59 -15.84 5.56
CA GLY H 147 -47.44 -16.69 5.34
C GLY H 147 -46.51 -16.85 6.53
N ILE H 148 -47.07 -16.93 7.74
CA ILE H 148 -46.25 -17.03 8.94
C ILE H 148 -47.14 -17.51 10.07
N THR H 149 -46.53 -18.20 11.03
CA THR H 149 -47.23 -18.64 12.23
C THR H 149 -47.66 -17.43 13.04
N ARG H 150 -48.96 -17.25 13.23
CA ARG H 150 -49.47 -16.07 13.89
C ARG H 150 -49.02 -16.01 15.35
N GLY H 151 -48.57 -14.83 15.77
CA GLY H 151 -48.12 -14.67 17.14
C GLY H 151 -47.90 -13.20 17.44
N ASP H 152 -47.43 -12.95 18.66
CA ASP H 152 -47.24 -11.59 19.16
C ASP H 152 -45.83 -11.12 18.82
N CYS H 153 -45.73 -10.06 18.02
CA CYS H 153 -44.46 -9.45 17.66
C CYS H 153 -44.42 -7.97 18.00
N SER H 154 -45.30 -7.52 18.90
CA SER H 154 -45.37 -6.09 19.22
C SER H 154 -44.13 -5.62 19.96
N ALA H 155 -43.52 -6.47 20.79
CA ALA H 155 -42.28 -6.10 21.46
C ALA H 155 -41.14 -5.99 20.45
N LEU H 156 -41.02 -6.98 19.57
CA LEU H 156 -40.03 -6.89 18.50
C LEU H 156 -40.31 -5.69 17.61
N ALA H 157 -41.58 -5.44 17.28
CA ALA H 157 -41.93 -4.29 16.45
C ALA H 157 -41.47 -2.99 17.11
N ALA H 158 -41.68 -2.85 18.42
CA ALA H 158 -41.25 -1.65 19.13
C ALA H 158 -39.73 -1.56 19.20
N GLU H 159 -39.04 -2.70 19.30
CA GLU H 159 -37.59 -2.66 19.24
C GLU H 159 -37.10 -2.21 17.87
N ILE H 160 -37.75 -2.71 16.81
CA ILE H 160 -37.36 -2.32 15.46
C ILE H 160 -37.57 -0.83 15.26
N ALA H 161 -38.74 -0.33 15.67
CA ALA H 161 -39.05 1.09 15.50
C ALA H 161 -38.07 2.00 16.22
N SER H 162 -37.53 1.56 17.36
CA SER H 162 -36.56 2.38 18.07
C SER H 162 -35.25 2.49 17.30
N TYR H 163 -34.85 1.41 16.63
CA TYR H 163 -33.65 1.46 15.80
C TYR H 163 -33.79 2.50 14.70
N PHE H 164 -34.95 2.51 14.02
CA PHE H 164 -35.19 3.49 12.97
C PHE H 164 -35.26 4.91 13.53
N ASP H 165 -35.95 5.09 14.66
CA ASP H 165 -36.04 6.42 15.25
C ASP H 165 -34.68 6.89 15.73
N ARG H 166 -33.87 5.98 16.27
CA ARG H 166 -32.51 6.32 16.63
C ARG H 166 -31.74 6.84 15.42
N ALA H 167 -31.85 6.14 14.28
CA ALA H 167 -31.15 6.59 13.08
C ALA H 167 -31.71 7.91 12.58
N ALA H 168 -33.04 8.07 12.63
CA ALA H 168 -33.65 9.33 12.22
C ALA H 168 -33.20 10.48 13.10
N ALA H 169 -33.12 10.25 14.41
CA ALA H 169 -32.66 11.29 15.31
C ALA H 169 -31.17 11.63 15.19
N ALA H 170 -30.40 10.73 14.65
CA ALA H 170 -29.00 10.94 14.48
C ALA H 170 -28.63 11.79 13.28
N VAL H 171 -29.53 11.97 12.32
CA VAL H 171 -29.20 12.76 11.13
C VAL H 171 -29.77 14.14 11.15
N ALA H 172 -30.89 14.29 11.80
CA ALA H 172 -31.47 15.62 11.93
C ALA H 172 -30.56 16.49 12.80
N LYS I 1 -16.20 18.02 -16.05
CA LYS I 1 -14.77 17.88 -15.81
C LYS I 1 -14.01 17.55 -17.08
N LYS I 2 -14.31 16.40 -17.69
CA LYS I 2 -13.50 15.91 -18.80
C LYS I 2 -13.81 16.71 -20.06
N THR I 3 -12.85 17.51 -20.49
CA THR I 3 -12.86 18.24 -21.74
C THR I 3 -11.50 18.03 -22.39
N PRO I 4 -11.32 18.45 -23.64
CA PRO I 4 -9.95 18.46 -24.19
C PRO I 4 -8.99 19.29 -23.38
N LEU I 5 -9.44 20.44 -22.86
CA LEU I 5 -8.55 21.33 -22.14
C LEU I 5 -8.23 20.81 -20.74
N THR I 6 -9.23 20.26 -20.03
CA THR I 6 -8.95 19.77 -18.68
C THR I 6 -8.18 18.45 -18.71
N GLU I 7 -8.40 17.62 -19.73
CA GLU I 7 -7.63 16.37 -19.84
C GLU I 7 -6.16 16.67 -20.08
N ALA I 8 -5.85 17.66 -20.92
CA ALA I 8 -4.48 18.05 -21.15
C ALA I 8 -3.82 18.52 -19.85
N ILE I 9 -4.52 19.37 -19.10
CA ILE I 9 -4.01 19.84 -17.81
C ILE I 9 -3.81 18.67 -16.87
N SER I 10 -4.81 17.79 -16.78
CA SER I 10 -4.74 16.68 -15.85
C SER I 10 -3.54 15.77 -16.15
N ALA I 11 -3.26 15.53 -17.43
CA ALA I 11 -2.11 14.72 -17.79
C ALA I 11 -0.82 15.39 -17.36
N ALA I 12 -0.63 16.66 -17.75
CA ALA I 12 0.60 17.37 -17.41
C ALA I 12 0.80 17.47 -15.90
N ASP I 13 -0.29 17.73 -15.16
CA ASP I 13 -0.15 17.93 -13.72
C ASP I 13 0.18 16.62 -13.01
N SER I 14 -0.49 15.53 -13.38
CA SER I 14 -0.17 14.23 -12.80
C SER I 14 1.29 13.86 -13.05
N GLN I 15 1.83 14.31 -14.18
CA GLN I 15 3.25 14.10 -14.49
C GLN I 15 4.11 15.28 -14.04
N GLY I 16 3.56 16.20 -13.25
CA GLY I 16 4.32 17.29 -12.66
C GLY I 16 5.03 18.17 -13.67
N ARG I 17 4.41 18.41 -14.82
CA ARG I 17 5.04 19.14 -15.90
C ARG I 17 4.25 20.38 -16.26
N TYR I 18 4.96 21.39 -16.75
CA TYR I 18 4.31 22.45 -17.52
C TYR I 18 3.69 21.86 -18.78
N LEU I 19 2.70 22.57 -19.30
CA LEU I 19 2.13 22.17 -20.58
C LEU I 19 3.17 22.33 -21.68
N SER I 20 3.11 21.46 -22.67
CA SER I 20 4.01 21.47 -23.81
C SER I 20 3.22 21.67 -25.10
N SER I 21 3.93 21.62 -26.23
CA SER I 21 3.28 21.81 -27.51
C SER I 21 2.28 20.70 -27.82
N THR I 22 2.45 19.52 -27.22
CA THR I 22 1.44 18.48 -27.34
C THR I 22 0.09 18.98 -26.84
N GLU I 23 0.06 19.53 -25.63
CA GLU I 23 -1.18 20.04 -25.08
C GLU I 23 -1.71 21.23 -25.87
N ILE I 24 -0.81 22.07 -26.37
CA ILE I 24 -1.24 23.22 -27.16
C ILE I 24 -1.89 22.75 -28.45
N GLN I 25 -1.40 21.65 -29.03
CA GLN I 25 -2.10 21.08 -30.18
C GLN I 25 -3.48 20.56 -29.79
N VAL I 26 -3.66 20.13 -28.54
CA VAL I 26 -4.99 19.73 -28.09
C VAL I 26 -5.96 20.90 -28.16
N ALA I 27 -5.52 22.08 -27.69
CA ALA I 27 -6.36 23.27 -27.78
C ALA I 27 -6.58 23.73 -29.21
N PHE I 28 -5.72 23.32 -30.14
CA PHE I 28 -5.83 23.81 -31.51
C PHE I 28 -6.95 23.13 -32.26
N GLY I 29 -6.92 21.81 -32.29
CA GLY I 29 -8.04 21.07 -32.82
C GLY I 29 -9.33 21.31 -32.06
N ARG I 30 -9.22 21.66 -30.79
CA ARG I 30 -10.46 21.82 -30.04
C ARG I 30 -11.10 23.19 -30.30
N PHE I 31 -10.29 24.25 -30.35
CA PHE I 31 -10.75 25.55 -30.80
C PHE I 31 -11.13 25.56 -32.28
N ARG I 32 -10.62 24.60 -33.07
CA ARG I 32 -11.08 24.46 -34.45
C ARG I 32 -12.47 23.85 -34.50
N GLN I 33 -12.72 22.83 -33.68
CA GLN I 33 -14.03 22.19 -33.66
C GLN I 33 -15.09 23.00 -32.92
N ALA I 34 -14.68 23.90 -32.02
CA ALA I 34 -15.67 24.57 -31.15
C ALA I 34 -16.62 25.47 -31.93
N PRO I 35 -16.19 26.49 -32.64
CA PRO I 35 -17.20 27.35 -33.29
C PRO I 35 -18.40 26.65 -33.87
N ALA I 36 -18.18 25.57 -34.58
CA ALA I 36 -19.27 24.86 -35.17
C ALA I 36 -20.14 24.12 -34.16
N SER I 37 -19.48 23.33 -33.32
CA SER I 37 -20.09 22.52 -32.30
C SER I 37 -20.84 23.37 -31.30
N LEU I 38 -20.45 24.62 -31.19
CA LEU I 38 -21.11 25.56 -30.31
C LEU I 38 -22.45 25.98 -30.88
N GLN I 39 -22.43 26.59 -32.07
CA GLN I 39 -23.66 26.84 -32.81
C GLN I 39 -24.54 25.60 -32.93
N ALA I 40 -23.92 24.40 -32.97
CA ALA I 40 -24.63 23.14 -32.98
C ALA I 40 -25.22 22.74 -31.64
N ALA I 41 -24.95 23.48 -30.57
CA ALA I 41 -25.75 23.38 -29.36
C ALA I 41 -26.85 24.44 -29.31
N LYS I 42 -26.64 25.57 -29.99
CA LYS I 42 -27.68 26.57 -30.17
C LYS I 42 -28.85 26.01 -30.98
N SER I 43 -28.55 25.18 -31.97
CA SER I 43 -29.61 24.50 -32.72
C SER I 43 -30.38 23.54 -31.83
N LEU I 44 -29.66 22.62 -31.19
CA LEU I 44 -30.30 21.64 -30.31
C LEU I 44 -31.10 22.30 -29.20
N SER I 45 -30.64 23.46 -28.72
CA SER I 45 -31.38 24.15 -27.67
C SER I 45 -32.66 24.77 -28.21
N ALA I 46 -32.59 25.40 -29.39
CA ALA I 46 -33.78 26.00 -29.99
C ALA I 46 -34.83 24.97 -30.35
N ASN I 47 -34.44 23.72 -30.57
CA ASN I 47 -35.36 22.67 -30.98
C ASN I 47 -35.67 21.68 -29.87
N ALA I 48 -35.21 21.94 -28.64
CA ALA I 48 -35.22 20.92 -27.58
C ALA I 48 -36.63 20.39 -27.33
N SER I 49 -37.61 21.29 -27.26
CA SER I 49 -39.00 20.88 -27.02
C SER I 49 -39.47 19.87 -28.06
N ARG I 50 -39.34 20.24 -29.34
CA ARG I 50 -39.79 19.37 -30.42
C ARG I 50 -39.06 18.04 -30.38
N LEU I 51 -37.74 18.07 -30.20
CA LEU I 51 -36.97 16.83 -30.18
C LEU I 51 -37.33 15.98 -28.97
N THR I 52 -37.49 16.60 -27.81
CA THR I 52 -37.82 15.85 -26.60
C THR I 52 -39.23 15.28 -26.69
N GLU I 53 -40.22 16.12 -27.01
CA GLU I 53 -41.58 15.63 -27.18
C GLU I 53 -41.64 14.55 -28.25
N GLY I 54 -40.90 14.72 -29.34
CA GLY I 54 -40.88 13.71 -30.38
C GLY I 54 -40.20 12.43 -29.93
N ALA I 55 -39.06 12.55 -29.24
CA ALA I 55 -38.35 11.36 -28.77
C ALA I 55 -39.21 10.56 -27.79
N ALA I 56 -39.90 11.24 -26.88
CA ALA I 56 -40.74 10.53 -25.92
C ALA I 56 -41.85 9.77 -26.62
N GLN I 57 -42.50 10.39 -27.61
CA GLN I 57 -43.55 9.69 -28.36
C GLN I 57 -42.99 8.51 -29.13
N ALA I 58 -41.78 8.65 -29.66
CA ALA I 58 -41.15 7.55 -30.39
C ALA I 58 -40.88 6.36 -29.47
N VAL I 59 -40.58 6.63 -28.19
CA VAL I 59 -40.48 5.54 -27.23
C VAL I 59 -41.85 4.89 -27.02
N TYR I 60 -42.89 5.70 -26.88
CA TYR I 60 -44.23 5.16 -26.74
C TYR I 60 -44.64 4.35 -27.96
N ASN I 61 -44.28 4.84 -29.15
CA ASN I 61 -44.67 4.13 -30.37
C ASN I 61 -44.01 2.77 -30.44
N LYS I 62 -42.73 2.67 -30.08
CA LYS I 62 -42.03 1.40 -30.18
C LYS I 62 -42.34 0.49 -29.01
N PHE I 63 -42.56 1.05 -27.82
CA PHE I 63 -42.91 0.27 -26.62
C PHE I 63 -44.23 0.82 -26.08
N PRO I 64 -45.36 0.51 -26.72
CA PRO I 64 -46.63 1.06 -26.26
C PRO I 64 -47.07 0.57 -24.89
N TYR I 65 -46.49 -0.53 -24.39
CA TYR I 65 -46.86 -0.98 -23.05
C TYR I 65 -46.44 0.01 -21.98
N THR I 66 -45.43 0.85 -22.25
CA THR I 66 -45.01 1.85 -21.28
C THR I 66 -46.09 2.89 -21.01
N THR I 67 -47.06 3.03 -21.92
CA THR I 67 -48.17 3.93 -21.75
C THR I 67 -49.40 3.25 -21.17
N GLN I 68 -49.27 2.00 -20.72
CA GLN I 68 -50.44 1.22 -20.33
C GLN I 68 -50.19 0.46 -19.03
N GLN I 69 -48.99 -0.07 -18.85
CA GLN I 69 -48.68 -0.85 -17.66
C GLN I 69 -48.84 -0.01 -16.41
N GLN I 70 -49.71 -0.44 -15.50
CA GLN I 70 -50.01 0.32 -14.28
C GLN I 70 -48.89 0.10 -13.29
N GLY I 71 -48.03 1.11 -13.14
CA GLY I 71 -46.92 1.05 -12.24
C GLY I 71 -46.19 2.38 -12.29
N PRO I 72 -45.60 2.79 -11.16
CA PRO I 72 -44.95 4.11 -11.13
C PRO I 72 -43.84 4.29 -12.14
N ASN I 73 -43.17 3.21 -12.55
CA ASN I 73 -42.09 3.32 -13.53
C ASN I 73 -42.59 3.60 -14.94
N PHE I 74 -43.90 3.54 -15.17
CA PHE I 74 -44.46 3.61 -16.51
C PHE I 74 -45.16 4.94 -16.75
N ALA I 75 -45.36 5.23 -18.03
CA ALA I 75 -46.02 6.46 -18.47
C ALA I 75 -47.50 6.22 -18.79
N TYR I 76 -48.19 5.44 -17.99
CA TYR I 76 -49.57 5.18 -18.22
C TYR I 76 -50.43 6.35 -17.84
N ASP I 77 -49.92 7.27 -17.07
CA ASP I 77 -50.67 8.41 -16.67
C ASP I 77 -49.92 9.70 -16.92
N GLN I 78 -50.48 10.81 -16.52
CA GLN I 78 -49.86 12.08 -16.72
C GLN I 78 -48.55 12.24 -16.00
N ARG I 79 -48.53 11.85 -14.75
CA ARG I 79 -47.36 11.89 -13.97
C ARG I 79 -46.26 11.05 -14.65
N GLY I 80 -46.58 9.89 -15.13
CA GLY I 80 -45.59 9.08 -15.79
C GLY I 80 -45.07 9.69 -17.07
N LYS I 81 -45.93 10.32 -17.83
CA LYS I 81 -45.53 10.92 -19.07
C LYS I 81 -44.66 12.16 -18.85
N ALA I 82 -44.94 12.94 -17.81
CA ALA I 82 -44.14 14.08 -17.45
C ALA I 82 -42.76 13.61 -17.01
N LYS I 83 -42.70 12.57 -16.21
CA LYS I 83 -41.40 12.05 -15.80
C LYS I 83 -40.59 11.60 -17.02
N CYS I 84 -41.25 11.03 -18.02
CA CYS I 84 -40.54 10.55 -19.20
C CYS I 84 -40.02 11.71 -20.04
N VAL I 85 -40.88 12.67 -20.35
CA VAL I 85 -40.45 13.83 -21.13
C VAL I 85 -39.37 14.60 -20.38
N ARG I 86 -39.45 14.61 -19.04
CA ARG I 86 -38.40 15.23 -18.22
C ARG I 86 -37.07 14.53 -18.44
N ASP I 87 -37.04 13.20 -18.27
CA ASP I 87 -35.83 12.41 -18.48
C ASP I 87 -35.22 12.66 -19.86
N VAL I 88 -36.06 12.62 -20.90
CA VAL I 88 -35.54 12.78 -22.26
C VAL I 88 -34.90 14.15 -22.43
N GLY I 89 -35.49 15.17 -21.80
CA GLY I 89 -34.88 16.48 -21.80
C GLY I 89 -33.56 16.52 -21.04
N TYR I 90 -33.46 15.74 -19.97
CA TYR I 90 -32.20 15.64 -19.23
C TYR I 90 -31.09 15.10 -20.11
N TYR I 91 -31.35 13.99 -20.81
CA TYR I 91 -30.37 13.46 -21.76
C TYR I 91 -29.95 14.51 -22.78
N LEU I 92 -30.93 15.08 -23.48
CA LEU I 92 -30.63 16.02 -24.55
C LEU I 92 -29.86 17.22 -24.03
N ARG I 93 -30.33 17.81 -22.92
CA ARG I 93 -29.67 18.99 -22.38
C ARG I 93 -28.22 18.70 -22.00
N ILE I 94 -27.97 17.56 -21.35
CA ILE I 94 -26.60 17.26 -20.95
C ILE I 94 -25.76 16.85 -22.15
N ILE I 95 -26.37 16.25 -23.17
CA ILE I 95 -25.64 16.01 -24.43
C ILE I 95 -25.19 17.33 -25.05
N THR I 96 -26.06 18.35 -25.02
CA THR I 96 -25.67 19.66 -25.53
C THR I 96 -24.52 20.26 -24.72
N TYR I 97 -24.52 20.02 -23.40
CA TYR I 97 -23.36 20.39 -22.60
C TYR I 97 -22.09 19.75 -23.13
N ALA I 98 -22.16 18.47 -23.49
CA ALA I 98 -20.99 17.77 -24.01
C ALA I 98 -20.49 18.42 -25.31
N LEU I 99 -21.41 18.85 -26.17
CA LEU I 99 -21.01 19.61 -27.35
C LEU I 99 -20.34 20.92 -26.95
N VAL I 100 -20.85 21.59 -25.90
CA VAL I 100 -20.34 22.89 -25.52
C VAL I 100 -18.89 22.78 -25.03
N VAL I 101 -18.58 21.75 -24.23
CA VAL I 101 -17.22 21.58 -23.72
C VAL I 101 -16.38 20.67 -24.60
N GLY I 102 -16.94 20.13 -25.67
CA GLY I 102 -16.19 19.25 -26.55
C GLY I 102 -15.69 17.98 -25.90
N GLY I 103 -16.40 17.49 -24.87
CA GLY I 103 -16.01 16.26 -24.20
C GLY I 103 -17.19 15.63 -23.50
N THR I 104 -16.97 14.41 -23.01
CA THR I 104 -18.03 13.64 -22.36
C THR I 104 -18.22 14.01 -20.89
N GLY I 105 -17.36 14.88 -20.34
CA GLY I 105 -17.42 15.28 -18.95
C GLY I 105 -18.81 15.50 -18.39
N PRO I 106 -19.58 16.39 -19.00
CA PRO I 106 -20.97 16.59 -18.53
C PRO I 106 -21.79 15.33 -18.53
N LEU I 107 -21.66 14.51 -19.58
CA LEU I 107 -22.40 13.25 -19.63
C LEU I 107 -21.97 12.31 -18.51
N ASP I 108 -20.66 12.23 -18.25
CA ASP I 108 -20.17 11.33 -17.22
C ASP I 108 -20.60 11.79 -15.83
N ASP I 109 -20.54 13.09 -15.57
CA ASP I 109 -20.76 13.63 -14.23
C ASP I 109 -22.24 13.86 -13.92
N TYR I 110 -23.01 14.31 -14.89
CA TYR I 110 -24.41 14.71 -14.63
C TYR I 110 -25.42 13.63 -15.00
N LEU I 111 -25.03 12.60 -15.75
CA LEU I 111 -26.00 11.70 -16.35
C LEU I 111 -25.66 10.22 -16.18
N ILE I 112 -24.42 9.84 -16.50
CA ILE I 112 -24.10 8.42 -16.61
C ILE I 112 -23.66 7.82 -15.28
N SER I 113 -22.81 8.52 -14.54
CA SER I 113 -22.46 8.07 -13.20
C SER I 113 -23.72 7.92 -12.36
N GLY I 114 -24.01 6.71 -11.92
CA GLY I 114 -25.20 6.42 -11.17
C GLY I 114 -26.41 6.03 -11.99
N LEU I 115 -26.31 6.04 -13.33
CA LEU I 115 -27.48 5.83 -14.17
C LEU I 115 -27.99 4.39 -14.08
N ALA I 116 -27.08 3.42 -14.11
CA ALA I 116 -27.49 2.02 -14.01
C ALA I 116 -28.18 1.74 -12.69
N GLU I 117 -27.66 2.31 -11.60
CA GLU I 117 -28.34 2.20 -10.31
C GLU I 117 -29.74 2.80 -10.39
N ILE I 118 -29.86 3.99 -10.97
CA ILE I 118 -31.15 4.65 -11.11
C ILE I 118 -32.12 3.75 -11.87
N ASN I 119 -31.76 3.38 -13.11
CA ASN I 119 -32.69 2.65 -13.96
C ASN I 119 -33.06 1.30 -13.37
N LYS I 120 -32.15 0.66 -12.64
CA LYS I 120 -32.49 -0.57 -11.94
C LYS I 120 -33.47 -0.29 -10.80
N THR I 121 -33.17 0.70 -9.97
CA THR I 121 -33.98 0.94 -8.78
C THR I 121 -35.41 1.35 -9.15
N PHE I 122 -35.56 2.19 -10.16
CA PHE I 122 -36.89 2.65 -10.57
C PHE I 122 -37.43 1.87 -11.77
N ASP I 123 -36.86 0.71 -12.06
CA ASP I 123 -37.40 -0.23 -13.05
C ASP I 123 -37.64 0.46 -14.39
N LEU I 124 -36.66 1.27 -14.81
CA LEU I 124 -36.68 1.96 -16.08
C LEU I 124 -35.79 1.21 -17.06
N SER I 125 -36.34 0.82 -18.20
CA SER I 125 -35.58 0.00 -19.14
C SER I 125 -34.61 0.87 -19.94
N PRO I 126 -33.35 0.44 -20.08
CA PRO I 126 -32.43 1.18 -20.97
C PRO I 126 -32.90 1.22 -22.41
N SER I 127 -33.70 0.25 -22.85
CA SER I 127 -34.18 0.22 -24.23
C SER I 127 -35.12 1.38 -24.52
N TRP I 128 -35.82 1.88 -23.48
CA TRP I 128 -36.63 3.08 -23.67
C TRP I 128 -35.78 4.27 -24.07
N TYR I 129 -34.65 4.46 -23.39
CA TYR I 129 -33.83 5.64 -23.62
C TYR I 129 -32.98 5.51 -24.87
N ILE I 130 -32.64 4.28 -25.27
CA ILE I 130 -31.95 4.05 -26.52
C ILE I 130 -32.81 4.50 -27.70
N GLU I 131 -34.08 4.14 -27.65
CA GLU I 131 -34.99 4.55 -28.66
C GLU I 131 -35.10 6.05 -28.71
N ALA I 132 -35.24 6.71 -27.57
CA ALA I 132 -35.34 8.12 -27.50
C ALA I 132 -34.11 8.75 -28.17
N LEU I 133 -32.95 8.26 -27.79
CA LEU I 133 -31.70 8.70 -28.32
C LEU I 133 -31.63 8.47 -29.82
N LYS I 134 -32.15 7.35 -30.30
CA LYS I 134 -32.15 7.11 -31.73
C LYS I 134 -33.01 8.14 -32.46
N TYR I 135 -34.14 8.52 -31.88
CA TYR I 135 -34.99 9.54 -32.49
C TYR I 135 -34.27 10.89 -32.56
N ILE I 136 -33.61 11.28 -31.47
CA ILE I 136 -32.87 12.54 -31.47
C ILE I 136 -31.84 12.56 -32.60
N LYS I 137 -31.06 11.48 -32.71
CA LYS I 137 -30.05 11.37 -33.76
C LYS I 137 -30.69 11.45 -35.14
N ALA I 138 -31.88 10.88 -35.30
CA ALA I 138 -32.54 10.87 -36.60
C ALA I 138 -33.20 12.19 -36.94
N ASN I 139 -33.54 13.01 -35.95
CA ASN I 139 -34.36 14.20 -36.20
C ASN I 139 -33.73 15.52 -35.77
N HIS I 140 -32.49 15.53 -35.26
CA HIS I 140 -31.95 16.80 -34.83
C HIS I 140 -31.58 17.72 -35.99
N GLY I 141 -31.52 17.20 -37.21
CA GLY I 141 -31.34 18.04 -38.38
C GLY I 141 -29.96 18.61 -38.58
N LEU I 142 -29.00 18.30 -37.70
CA LEU I 142 -27.66 18.84 -37.82
C LEU I 142 -26.95 18.24 -39.04
N SER I 143 -25.95 18.97 -39.52
CA SER I 143 -25.15 18.54 -40.66
C SER I 143 -23.67 18.77 -40.36
N GLY I 144 -22.82 18.14 -41.18
CA GLY I 144 -21.38 18.29 -41.07
C GLY I 144 -20.81 17.78 -39.75
N ASP I 145 -19.63 18.29 -39.41
CA ASP I 145 -18.99 17.96 -38.14
C ASP I 145 -19.88 18.18 -36.93
N PRO I 146 -20.70 19.23 -36.85
CA PRO I 146 -21.65 19.34 -35.72
C PRO I 146 -22.52 18.11 -35.52
N ALA I 147 -23.10 17.57 -36.59
CA ALA I 147 -23.90 16.35 -36.48
C ALA I 147 -23.04 15.18 -35.99
N VAL I 148 -21.85 15.02 -36.58
CA VAL I 148 -21.00 13.87 -36.27
C VAL I 148 -20.61 13.89 -34.80
N GLU I 149 -20.14 15.03 -34.30
CA GLU I 149 -19.75 15.10 -32.90
C GLU I 149 -20.95 14.90 -31.98
N ALA I 150 -22.09 15.50 -32.31
CA ALA I 150 -23.30 15.28 -31.53
C ALA I 150 -23.72 13.82 -31.56
N ASN I 151 -23.63 13.18 -32.73
CA ASN I 151 -23.98 11.77 -32.84
C ASN I 151 -23.02 10.88 -32.07
N SER I 152 -21.73 11.27 -31.97
CA SER I 152 -20.79 10.50 -31.16
C SER I 152 -21.21 10.52 -29.70
N TYR I 153 -21.71 11.66 -29.22
CA TYR I 153 -22.17 11.77 -27.84
C TYR I 153 -23.47 10.99 -27.64
N ILE I 154 -24.36 11.00 -28.64
CA ILE I 154 -25.60 10.24 -28.54
C ILE I 154 -25.29 8.75 -28.44
N ASP I 155 -24.42 8.26 -29.33
CA ASP I 155 -23.99 6.87 -29.28
C ASP I 155 -23.14 6.58 -28.06
N TYR I 156 -22.52 7.60 -27.47
CA TYR I 156 -21.81 7.40 -26.21
C TYR I 156 -22.76 7.03 -25.09
N VAL I 157 -23.90 7.70 -25.01
CA VAL I 157 -24.90 7.34 -24.00
C VAL I 157 -25.56 6.01 -24.36
N ILE I 158 -25.83 5.80 -25.65
CA ILE I 158 -26.39 4.52 -26.08
C ILE I 158 -25.44 3.38 -25.74
N ASN I 159 -24.13 3.62 -25.84
CA ASN I 159 -23.15 2.58 -25.54
C ASN I 159 -23.18 2.20 -24.06
N THR I 160 -23.39 3.17 -23.17
CA THR I 160 -23.43 2.86 -21.74
C THR I 160 -24.76 2.28 -21.30
N LEU I 161 -25.79 2.32 -22.16
CA LEU I 161 -27.08 1.72 -21.89
C LEU I 161 -27.22 0.33 -22.52
N SER I 162 -26.20 -0.16 -23.21
CA SER I 162 -26.29 -1.44 -23.89
C SER I 162 -24.94 -2.13 -23.94
N MET J 1 -9.63 20.85 -13.24
CA MET J 1 -11.03 20.46 -13.11
C MET J 1 -11.95 21.06 -14.12
N LEU J 2 -12.04 22.37 -14.22
CA LEU J 2 -12.96 22.98 -15.20
C LEU J 2 -12.27 23.94 -16.15
N ASP J 3 -12.67 23.97 -17.40
CA ASP J 3 -12.18 24.95 -18.32
C ASP J 3 -13.30 26.01 -18.41
N ALA J 4 -13.12 27.02 -19.20
CA ALA J 4 -14.12 28.09 -19.28
C ALA J 4 -15.45 27.57 -19.79
N PHE J 5 -15.43 26.55 -20.66
CA PHE J 5 -16.67 26.01 -21.20
C PHE J 5 -17.43 25.21 -20.16
N ALA J 6 -16.71 24.46 -19.32
CA ALA J 6 -17.39 23.63 -18.33
C ALA J 6 -17.96 24.47 -17.19
N LYS J 7 -17.28 25.56 -16.81
CA LYS J 7 -17.80 26.39 -15.72
C LYS J 7 -19.17 26.95 -16.06
N VAL J 8 -19.38 27.38 -17.31
CA VAL J 8 -20.70 27.84 -17.72
C VAL J 8 -21.66 26.66 -17.82
N VAL J 9 -21.16 25.50 -18.23
CA VAL J 9 -21.99 24.30 -18.27
C VAL J 9 -22.39 23.87 -16.86
N ALA J 10 -21.46 23.95 -15.91
CA ALA J 10 -21.77 23.59 -14.54
C ALA J 10 -22.82 24.53 -13.95
N GLN J 11 -22.74 25.83 -14.27
CA GLN J 11 -23.72 26.77 -13.75
C GLN J 11 -25.10 26.53 -14.38
N ALA J 12 -25.14 26.20 -15.67
CA ALA J 12 -26.41 25.96 -16.33
C ALA J 12 -27.09 24.69 -15.82
N ASP J 13 -26.31 23.67 -15.45
CA ASP J 13 -26.91 22.42 -15.00
C ASP J 13 -27.60 22.60 -13.65
N THR J 14 -27.04 23.44 -12.77
CA THR J 14 -27.71 23.74 -11.51
C THR J 14 -29.04 24.44 -11.74
N ARG J 15 -29.19 25.12 -12.87
CA ARG J 15 -30.46 25.73 -13.26
C ARG J 15 -31.31 24.82 -14.11
N GLY J 16 -30.75 23.73 -14.61
CA GLY J 16 -31.47 22.86 -15.53
C GLY J 16 -31.82 23.55 -16.84
N GLU J 17 -30.90 24.35 -17.35
CA GLU J 17 -31.18 25.19 -18.51
C GLU J 17 -30.14 24.96 -19.60
N TYR J 18 -30.59 25.07 -20.84
CA TYR J 18 -29.67 25.15 -21.96
C TYR J 18 -28.95 26.49 -21.93
N LEU J 19 -27.74 26.53 -22.50
CA LEU J 19 -27.03 27.79 -22.60
C LEU J 19 -27.78 28.75 -23.52
N THR J 20 -27.84 30.01 -23.11
CA THR J 20 -28.42 31.02 -23.99
C THR J 20 -27.48 31.31 -25.15
N ASP J 21 -28.04 31.92 -26.20
CA ASP J 21 -27.23 32.31 -27.35
C ASP J 21 -26.11 33.26 -26.92
N ALA J 22 -26.38 34.14 -25.95
CA ALA J 22 -25.35 35.02 -25.45
C ALA J 22 -24.25 34.22 -24.76
N GLN J 23 -24.63 33.18 -24.02
CA GLN J 23 -23.62 32.33 -23.39
C GLN J 23 -22.81 31.56 -24.43
N LEU J 24 -23.48 31.05 -25.46
CA LEU J 24 -22.76 30.33 -26.51
C LEU J 24 -21.87 31.27 -27.31
N ASP J 25 -22.38 32.47 -27.63
CA ASP J 25 -21.56 33.42 -28.40
C ASP J 25 -20.36 33.90 -27.60
N ALA J 26 -20.56 34.17 -26.30
CA ALA J 26 -19.45 34.59 -25.46
C ALA J 26 -18.33 33.56 -25.50
N LEU J 27 -18.68 32.28 -25.35
CA LEU J 27 -17.68 31.21 -25.45
C LEU J 27 -17.08 31.15 -26.85
N SER J 28 -17.84 31.53 -27.88
CA SER J 28 -17.26 31.59 -29.23
C SER J 28 -16.19 32.66 -29.33
N GLU J 29 -16.38 33.79 -28.62
CA GLU J 29 -15.35 34.82 -28.61
C GLU J 29 -14.06 34.32 -27.98
N LEU J 30 -14.16 33.57 -26.89
CA LEU J 30 -12.97 32.98 -26.29
C LEU J 30 -12.26 32.06 -27.27
N VAL J 31 -13.01 31.19 -27.94
CA VAL J 31 -12.44 30.28 -28.92
C VAL J 31 -11.72 31.05 -30.03
N LYS J 32 -12.27 32.21 -30.42
CA LYS J 32 -11.70 32.96 -31.52
C LYS J 32 -10.34 33.56 -31.15
N GLU J 33 -10.13 33.86 -29.87
CA GLU J 33 -8.87 34.41 -29.39
C GLU J 33 -7.90 33.32 -28.93
N GLY J 34 -8.16 32.07 -29.31
CA GLY J 34 -7.40 30.95 -28.74
C GLY J 34 -5.94 30.93 -29.14
N ASN J 35 -5.60 31.47 -30.32
CA ASN J 35 -4.21 31.54 -30.71
C ASN J 35 -3.41 32.41 -29.76
N LYS J 36 -3.99 33.54 -29.34
CA LYS J 36 -3.34 34.38 -28.35
C LYS J 36 -3.12 33.64 -27.05
N ARG J 37 -4.14 32.89 -26.61
CA ARG J 37 -4.03 32.14 -25.36
C ARG J 37 -2.92 31.11 -25.45
N ALA J 38 -2.86 30.36 -26.56
CA ALA J 38 -1.81 29.37 -26.73
C ALA J 38 -0.43 30.01 -26.72
N ASP J 39 -0.29 31.21 -27.31
CA ASP J 39 0.98 31.93 -27.23
C ASP J 39 1.31 32.28 -25.79
N ALA J 40 0.31 32.71 -25.01
CA ALA J 40 0.56 33.07 -23.63
C ALA J 40 1.08 31.87 -22.83
N VAL J 41 0.47 30.70 -23.04
CA VAL J 41 0.96 29.49 -22.39
C VAL J 41 2.37 29.16 -22.87
N ASN J 42 2.57 29.19 -24.20
CA ASN J 42 3.88 28.86 -24.77
C ASN J 42 4.96 29.82 -24.28
N ARG J 43 4.67 31.12 -24.27
CA ARG J 43 5.70 32.10 -23.96
C ARG J 43 6.07 32.07 -22.48
N ILE J 44 5.09 31.89 -21.61
CA ILE J 44 5.42 31.80 -20.18
C ILE J 44 6.12 30.49 -19.87
N THR J 45 5.63 29.38 -20.45
CA THR J 45 6.26 28.08 -20.24
C THR J 45 7.69 28.09 -20.76
N SER J 46 7.90 28.58 -21.98
CA SER J 46 9.23 28.62 -22.57
C SER J 46 10.19 29.51 -21.80
N ASN J 47 9.73 30.22 -20.77
CA ASN J 47 10.59 31.09 -19.98
C ASN J 47 10.46 30.83 -18.49
N ALA J 48 9.87 29.70 -18.09
CA ALA J 48 9.51 29.49 -16.69
C ALA J 48 10.73 29.52 -15.77
N SER J 49 11.79 28.81 -16.15
CA SER J 49 12.99 28.78 -15.32
C SER J 49 13.57 30.18 -15.13
N ALA J 50 13.70 30.93 -16.22
CA ALA J 50 14.21 32.29 -16.13
C ALA J 50 13.30 33.19 -15.28
N ILE J 51 11.98 33.04 -15.45
CA ILE J 51 11.04 33.87 -14.69
C ILE J 51 11.12 33.56 -13.21
N VAL J 52 11.15 32.26 -12.87
CA VAL J 52 11.26 31.88 -11.46
C VAL J 52 12.59 32.33 -10.88
N ALA J 53 13.68 32.08 -11.62
CA ALA J 53 15.00 32.48 -11.15
C ALA J 53 15.06 33.97 -10.85
N ALA J 54 14.56 34.79 -11.77
CA ALA J 54 14.55 36.23 -11.55
C ALA J 54 13.63 36.63 -10.40
N ALA J 55 12.61 35.83 -10.11
CA ALA J 55 11.66 36.18 -9.06
C ALA J 55 12.29 35.99 -7.68
N VAL J 56 12.95 34.85 -7.45
CA VAL J 56 13.61 34.64 -6.17
C VAL J 56 14.82 35.55 -6.04
N ARG J 57 15.54 35.80 -7.13
CA ARG J 57 16.68 36.69 -7.07
C ARG J 57 16.25 38.10 -6.67
N ASP J 58 15.20 38.62 -7.30
CA ASP J 58 14.75 39.97 -6.97
C ASP J 58 14.07 40.02 -5.61
N LEU J 59 13.39 38.94 -5.22
CA LEU J 59 12.76 38.91 -3.90
C LEU J 59 13.81 38.89 -2.80
N TRP J 60 14.79 38.00 -2.91
CA TRP J 60 15.81 37.89 -1.88
C TRP J 60 16.71 39.11 -1.83
N ALA J 61 16.85 39.82 -2.95
CA ALA J 61 17.61 41.06 -2.95
C ALA J 61 16.84 42.20 -2.29
N GLU J 62 15.51 42.17 -2.38
CA GLU J 62 14.68 43.17 -1.71
C GLU J 62 14.44 42.83 -0.24
N GLN J 63 14.65 41.58 0.15
CA GLN J 63 14.42 41.12 1.53
C GLN J 63 15.56 40.19 1.93
N PRO J 64 16.75 40.73 2.18
CA PRO J 64 17.89 39.85 2.52
C PRO J 64 17.69 39.05 3.79
N GLN J 65 16.75 39.43 4.67
CA GLN J 65 16.51 38.65 5.87
C GLN J 65 16.01 37.24 5.55
N LEU J 66 15.50 37.06 4.36
CA LEU J 66 15.03 35.76 3.97
C LEU J 66 16.18 34.78 3.76
N ILE J 67 17.30 35.28 3.24
CA ILE J 67 18.45 34.44 2.99
C ILE J 67 19.58 34.48 4.01
N ALA J 68 19.53 35.44 4.90
CA ALA J 68 20.52 35.56 5.93
C ALA J 68 20.38 34.38 6.86
N PRO J 69 21.53 34.00 7.53
CA PRO J 69 21.39 32.84 8.41
C PRO J 69 20.21 32.96 9.33
N GLY J 70 19.49 31.88 9.48
CA GLY J 70 18.27 31.83 10.25
C GLY J 70 17.02 32.20 9.48
N GLY J 71 17.16 32.90 8.36
CA GLY J 71 16.03 33.25 7.53
C GLY J 71 15.28 32.04 6.99
N MEN J 72 14.03 32.26 6.62
CA MEN J 72 13.19 31.18 6.16
C MEN J 72 13.70 30.51 4.88
O MEN J 72 13.50 29.33 4.61
CB MEN J 72 11.71 31.53 5.92
CG MEN J 72 10.83 30.30 5.98
OD1 MEN J 72 10.13 29.97 5.00
ND2 MEN J 72 10.86 29.55 7.14
CE2 MEN J 72 10.10 28.36 7.35
N ALA J 73 14.39 31.30 4.05
CA ALA J 73 14.93 30.79 2.79
C ALA J 73 16.42 30.47 2.89
N TYR J 74 16.94 30.54 4.12
CA TYR J 74 18.32 30.18 4.37
C TYR J 74 18.48 28.66 4.35
N THR J 75 19.71 28.21 4.09
CA THR J 75 20.10 26.82 3.82
C THR J 75 19.69 26.43 2.40
N SER J 76 20.42 25.49 1.80
CA SER J 76 20.16 25.12 0.41
C SER J 76 18.79 24.47 0.25
N ARG J 77 18.35 23.70 1.24
CA ARG J 77 17.08 23.00 1.12
C ARG J 77 15.92 23.99 1.09
N ARG J 78 15.92 24.98 1.99
CA ARG J 78 14.84 25.94 2.04
C ARG J 78 14.93 26.96 0.92
N ALA J 79 16.14 27.33 0.48
CA ALA J 79 16.24 28.12 -0.74
C ALA J 79 15.65 27.37 -1.92
N ALA J 80 15.94 26.07 -2.03
CA ALA J 80 15.40 25.28 -3.13
C ALA J 80 13.90 25.07 -3.00
N ALA J 81 13.40 24.88 -1.78
CA ALA J 81 11.96 24.78 -1.59
C ALA J 81 11.25 26.08 -1.92
N CYS J 82 11.93 27.21 -1.71
CA CYS J 82 11.34 28.51 -2.04
C CYS J 82 11.27 28.70 -3.56
N ILE J 83 12.34 28.34 -4.27
CA ILE J 83 12.29 28.34 -5.73
C ILE J 83 11.20 27.41 -6.22
N ARG J 84 11.06 26.24 -5.58
CA ARG J 84 10.04 25.28 -5.97
C ARG J 84 8.64 25.86 -5.83
N ASP J 85 8.38 26.57 -4.73
CA ASP J 85 7.05 27.14 -4.51
C ASP J 85 6.67 28.10 -5.61
N LEU J 86 7.60 28.97 -6.02
CA LEU J 86 7.30 29.90 -7.10
C LEU J 86 7.15 29.17 -8.43
N ASP J 87 7.94 28.12 -8.65
CA ASP J 87 7.81 27.34 -9.87
C ASP J 87 6.47 26.61 -9.91
N ILE J 88 5.95 26.19 -8.77
CA ILE J 88 4.67 25.50 -8.74
C ILE J 88 3.53 26.47 -9.02
N ILE J 89 3.57 27.66 -8.38
CA ILE J 89 2.53 28.65 -8.63
C ILE J 89 2.50 29.03 -10.10
N LEU J 90 3.66 29.25 -10.70
CA LEU J 90 3.72 29.61 -12.11
C LEU J 90 3.15 28.50 -12.99
N ARG J 91 3.45 27.23 -12.65
CA ARG J 91 2.91 26.11 -13.43
C ARG J 91 1.39 26.07 -13.35
N TYR J 92 0.82 26.27 -12.17
CA TYR J 92 -0.64 26.22 -12.05
C TYR J 92 -1.30 27.47 -12.62
N VAL J 93 -0.58 28.60 -12.67
CA VAL J 93 -1.13 29.75 -13.37
C VAL J 93 -1.19 29.48 -14.87
N THR J 94 -0.16 28.84 -15.43
CA THR J 94 -0.18 28.48 -16.85
C THR J 94 -1.32 27.52 -17.14
N TYR J 95 -1.60 26.59 -16.21
CA TYR J 95 -2.78 25.73 -16.36
C TYR J 95 -4.05 26.56 -16.43
N ALA J 96 -4.17 27.59 -15.59
CA ALA J 96 -5.39 28.40 -15.56
C ALA J 96 -5.53 29.23 -16.83
N ILE J 97 -4.42 29.75 -17.37
CA ILE J 97 -4.48 30.43 -18.66
C ILE J 97 -4.99 29.48 -19.72
N PHE J 98 -4.41 28.27 -19.77
CA PHE J 98 -4.75 27.31 -20.82
C PHE J 98 -6.24 26.96 -20.78
N ALA J 99 -6.80 26.87 -19.58
CA ALA J 99 -8.20 26.48 -19.42
C ALA J 99 -9.15 27.67 -19.45
N GLY J 100 -8.64 28.89 -19.40
CA GLY J 100 -9.52 30.04 -19.22
C GLY J 100 -10.34 29.97 -17.96
N ASP J 101 -9.79 29.37 -16.90
CA ASP J 101 -10.52 29.19 -15.65
C ASP J 101 -9.52 28.87 -14.54
N SER J 102 -9.80 29.40 -13.35
CA SER J 102 -8.88 29.33 -12.22
C SER J 102 -9.10 28.12 -11.33
N SER J 103 -10.05 27.23 -11.66
CA SER J 103 -10.39 26.15 -10.75
C SER J 103 -9.20 25.25 -10.47
N VAL J 104 -8.39 24.97 -11.49
CA VAL J 104 -7.23 24.11 -11.25
C VAL J 104 -6.21 24.80 -10.35
N LEU J 105 -6.09 26.13 -10.45
CA LEU J 105 -5.22 26.85 -9.55
C LEU J 105 -5.78 26.85 -8.13
N ASP J 106 -7.08 27.13 -8.00
CA ASP J 106 -7.71 27.21 -6.69
C ASP J 106 -7.69 25.85 -5.99
N ASP J 107 -8.08 24.80 -6.70
CA ASP J 107 -8.29 23.50 -6.06
C ASP J 107 -6.97 22.83 -5.70
N ARG J 108 -5.97 22.94 -6.58
CA ARG J 108 -4.78 22.14 -6.44
C ARG J 108 -3.59 22.89 -5.84
N ALA J 109 -3.44 24.18 -6.10
CA ALA J 109 -2.30 24.94 -5.58
C ALA J 109 -2.66 25.85 -4.42
N LEU J 110 -3.75 26.62 -4.51
CA LEU J 110 -4.01 27.68 -3.56
C LEU J 110 -4.83 27.24 -2.35
N ASN J 111 -5.59 26.15 -2.46
CA ASN J 111 -6.49 25.74 -1.39
C ASN J 111 -5.67 25.33 -0.17
N GLY J 112 -5.77 26.10 0.90
CA GLY J 112 -5.05 25.81 2.12
C GLY J 112 -3.59 26.18 2.11
N LEU J 113 -3.14 26.94 1.11
CA LEU J 113 -1.74 27.33 1.07
C LEU J 113 -1.41 28.39 2.12
N ARG J 114 -2.38 29.28 2.41
CA ARG J 114 -2.16 30.25 3.47
C ARG J 114 -1.93 29.56 4.81
N GLU J 115 -2.75 28.56 5.12
CA GLU J 115 -2.57 27.83 6.38
C GLU J 115 -1.26 27.07 6.39
N THR J 116 -0.86 26.51 5.25
CA THR J 116 0.40 25.78 5.16
C THR J 116 1.59 26.69 5.49
N TYR J 117 1.61 27.89 4.91
CA TYR J 117 2.70 28.82 5.21
C TYR J 117 2.71 29.22 6.68
N LEU J 118 1.54 29.36 7.28
CA LEU J 118 1.49 29.76 8.67
C LEU J 118 2.08 28.67 9.52
N ALA J 119 1.72 27.44 9.24
CA ALA J 119 2.23 26.33 9.98
C ALA J 119 3.75 26.21 9.88
N LEU J 120 4.34 26.65 8.78
CA LEU J 120 5.74 26.54 8.63
C LEU J 120 6.42 27.78 9.05
N GLY J 121 5.69 28.84 9.25
CA GLY J 121 6.37 30.08 9.56
C GLY J 121 6.95 30.79 8.37
N THR J 122 6.46 30.50 7.17
CA THR J 122 6.91 31.17 5.95
C THR J 122 6.14 32.47 5.75
N PRO J 123 6.83 33.59 5.53
CA PRO J 123 6.12 34.87 5.33
C PRO J 123 5.22 34.86 4.11
N GLY J 124 3.91 34.73 4.32
CA GLY J 124 2.98 34.77 3.21
C GLY J 124 3.06 36.05 2.40
N ALA J 125 3.32 37.18 3.08
CA ALA J 125 3.48 38.44 2.37
C ALA J 125 4.73 38.44 1.49
N SER J 126 5.79 37.74 1.90
CA SER J 126 6.97 37.62 1.06
C SER J 126 6.72 36.72 -0.15
N VAL J 127 5.91 35.67 0.03
CA VAL J 127 5.53 34.81 -1.10
C VAL J 127 4.70 35.61 -2.10
N ALA J 128 3.83 36.49 -1.62
CA ALA J 128 3.00 37.27 -2.51
C ALA J 128 3.85 38.20 -3.38
N VAL J 129 4.87 38.82 -2.79
CA VAL J 129 5.78 39.66 -3.57
C VAL J 129 6.47 38.84 -4.65
N GLY J 130 6.93 37.64 -4.30
CA GLY J 130 7.54 36.79 -5.31
C GLY J 130 6.58 36.47 -6.44
N ILE J 131 5.31 36.23 -6.12
CA ILE J 131 4.30 35.98 -7.15
C ILE J 131 4.10 37.22 -8.00
N GLN J 132 4.08 38.41 -7.38
CA GLN J 132 4.00 39.64 -8.15
C GLN J 132 5.16 39.75 -9.13
N LYS J 133 6.35 39.30 -8.71
CA LYS J 133 7.49 39.31 -9.61
C LYS J 133 7.33 38.27 -10.71
N LEU J 134 6.77 37.11 -10.37
CA LEU J 134 6.37 36.14 -11.39
C LEU J 134 5.45 36.80 -12.42
N LYS J 135 4.49 37.60 -11.94
CA LYS J 135 3.50 38.20 -12.82
C LYS J 135 4.15 39.19 -13.78
N ASP J 136 4.91 40.15 -13.23
CA ASP J 136 5.49 41.21 -14.06
C ASP J 136 6.37 40.63 -15.15
N ALA J 137 7.22 39.66 -14.80
CA ALA J 137 8.11 39.06 -15.79
C ALA J 137 7.32 38.28 -16.84
N SER J 138 6.26 37.59 -16.41
CA SER J 138 5.47 36.80 -17.35
C SER J 138 4.69 37.71 -18.31
N LEU J 139 4.13 38.80 -17.80
CA LEU J 139 3.33 39.69 -18.64
C LEU J 139 4.20 40.35 -19.70
N LYS J 140 5.39 40.84 -19.31
CA LYS J 140 6.28 41.45 -20.28
C LYS J 140 6.68 40.47 -21.38
N ILE J 141 6.77 39.18 -21.03
CA ILE J 141 7.10 38.17 -22.03
C ILE J 141 5.91 37.88 -22.93
N VAL J 142 4.70 37.87 -22.38
CA VAL J 142 3.51 37.68 -23.21
C VAL J 142 3.31 38.88 -24.13
N ASN J 143 3.49 40.09 -23.60
CA ASN J 143 3.28 41.31 -24.38
C ASN J 143 4.44 41.62 -25.33
N ASP J 144 5.44 40.75 -25.42
CA ASP J 144 6.58 41.01 -26.28
C ASP J 144 6.16 41.03 -27.75
N PRO J 145 6.22 42.16 -28.43
CA PRO J 145 5.73 42.24 -29.82
C PRO J 145 6.65 41.61 -30.85
N ASN J 146 7.73 40.96 -30.45
CA ASN J 146 8.70 40.42 -31.40
C ASN J 146 8.38 38.97 -31.74
N GLY J 147 8.58 38.61 -33.00
CA GLY J 147 8.47 37.22 -33.42
C GLY J 147 7.06 36.68 -33.33
N ILE J 148 6.06 37.51 -33.60
CA ILE J 148 4.67 37.11 -33.44
C ILE J 148 3.81 38.03 -34.29
N THR J 149 2.73 37.48 -34.84
CA THR J 149 1.77 38.31 -35.57
C THR J 149 1.17 39.33 -34.62
N ARG J 150 1.42 40.60 -34.91
CA ARG J 150 1.01 41.67 -33.99
C ARG J 150 -0.51 41.71 -33.86
N GLY J 151 -0.96 42.03 -32.66
CA GLY J 151 -2.38 42.16 -32.41
C GLY J 151 -2.62 42.80 -31.05
N ASP J 152 -3.85 42.68 -30.58
CA ASP J 152 -4.23 43.19 -29.27
C ASP J 152 -4.44 42.02 -28.33
N CYS J 153 -3.60 41.93 -27.31
CA CYS J 153 -3.70 40.90 -26.28
C CYS J 153 -4.00 41.49 -24.91
N SER J 154 -4.61 42.66 -24.85
CA SER J 154 -4.80 43.35 -23.58
C SER J 154 -5.85 42.68 -22.71
N ALA J 155 -6.90 42.11 -23.31
CA ALA J 155 -7.90 41.42 -22.51
C ALA J 155 -7.33 40.11 -21.94
N LEU J 156 -6.54 39.40 -22.73
CA LEU J 156 -5.92 38.17 -22.25
C LEU J 156 -4.87 38.46 -21.18
N ALA J 157 -4.08 39.52 -21.36
CA ALA J 157 -3.08 39.88 -20.36
C ALA J 157 -3.73 40.36 -19.07
N ALA J 158 -4.91 40.99 -19.18
CA ALA J 158 -5.66 41.33 -17.97
C ALA J 158 -6.15 40.07 -17.27
N GLU J 159 -6.59 39.07 -18.03
CA GLU J 159 -7.00 37.81 -17.43
C GLU J 159 -5.82 37.08 -16.79
N ILE J 160 -4.67 37.09 -17.47
CA ILE J 160 -3.48 36.42 -16.94
C ILE J 160 -3.05 37.08 -15.63
N ALA J 161 -3.10 38.40 -15.58
CA ALA J 161 -2.70 39.11 -14.37
C ALA J 161 -3.59 38.76 -13.18
N SER J 162 -4.86 38.43 -13.43
CA SER J 162 -5.77 38.15 -12.33
C SER J 162 -5.48 36.79 -11.70
N TYR J 163 -4.96 35.85 -12.48
CA TYR J 163 -4.53 34.57 -11.91
C TYR J 163 -3.37 34.76 -10.95
N PHE J 164 -2.39 35.59 -11.32
CA PHE J 164 -1.28 35.88 -10.44
C PHE J 164 -1.75 36.60 -9.18
N ASP J 165 -2.55 37.67 -9.35
CA ASP J 165 -3.10 38.39 -8.20
C ASP J 165 -3.86 37.45 -7.29
N ARG J 166 -4.68 36.57 -7.88
CA ARG J 166 -5.46 35.61 -7.08
C ARG J 166 -4.54 34.74 -6.23
N ALA J 167 -3.49 34.19 -6.85
CA ALA J 167 -2.51 33.42 -6.08
C ALA J 167 -1.85 34.27 -5.00
N ALA J 168 -1.52 35.52 -5.33
CA ALA J 168 -0.86 36.39 -4.35
C ALA J 168 -1.77 36.67 -3.17
N ALA J 169 -3.05 36.96 -3.44
CA ALA J 169 -4.02 37.21 -2.38
C ALA J 169 -4.29 35.98 -1.53
N ALA J 170 -4.00 34.79 -2.05
CA ALA J 170 -4.31 33.56 -1.32
C ALA J 170 -3.21 33.18 -0.34
N VAL J 171 -1.99 33.69 -0.51
CA VAL J 171 -0.91 33.40 0.42
C VAL J 171 -0.68 34.53 1.40
N ALA J 172 -1.14 35.74 1.10
CA ALA J 172 -0.90 36.91 1.93
C ALA J 172 -1.85 36.98 3.12
N LYS K 1 21.81 16.52 12.07
CA LYS K 1 20.91 15.45 12.52
C LYS K 1 21.60 14.10 12.47
N LYS K 2 22.23 13.80 11.33
CA LYS K 2 22.92 12.53 11.14
C LYS K 2 24.24 12.58 11.90
N THR K 3 24.30 11.94 13.05
CA THR K 3 25.51 11.80 13.85
C THR K 3 25.68 10.33 14.20
N PRO K 4 26.84 9.93 14.73
CA PRO K 4 26.97 8.54 15.20
C PRO K 4 25.97 8.17 16.27
N LEU K 5 25.58 9.12 17.13
CA LEU K 5 24.65 8.83 18.20
C LEU K 5 23.20 8.81 17.70
N THR K 6 22.85 9.68 16.75
CA THR K 6 21.48 9.69 16.25
C THR K 6 21.23 8.52 15.30
N GLU K 7 22.23 8.16 14.49
CA GLU K 7 22.12 6.95 13.67
C GLU K 7 21.91 5.72 14.54
N ALA K 8 22.67 5.62 15.64
CA ALA K 8 22.50 4.49 16.57
C ALA K 8 21.09 4.48 17.15
N ILE K 9 20.56 5.65 17.50
CA ILE K 9 19.20 5.72 18.02
C ILE K 9 18.20 5.40 16.92
N SER K 10 18.37 6.01 15.75
CA SER K 10 17.43 5.79 14.65
C SER K 10 17.34 4.31 14.27
N ALA K 11 18.48 3.61 14.24
CA ALA K 11 18.47 2.20 13.89
C ALA K 11 17.75 1.38 14.95
N ALA K 12 18.08 1.62 16.23
CA ALA K 12 17.43 0.87 17.31
C ALA K 12 15.93 1.16 17.36
N ASP K 13 15.54 2.42 17.14
CA ASP K 13 14.13 2.78 17.21
C ASP K 13 13.34 2.16 16.06
N SER K 14 13.92 2.14 14.86
CA SER K 14 13.25 1.50 13.72
C SER K 14 13.04 0.01 13.94
N GLN K 15 13.79 -0.61 14.84
CA GLN K 15 13.62 -2.01 15.19
C GLN K 15 12.88 -2.21 16.51
N GLY K 16 12.38 -1.12 17.11
CA GLY K 16 11.70 -1.21 18.39
C GLY K 16 12.59 -1.71 19.52
N ARG K 17 13.87 -1.38 19.49
CA ARG K 17 14.86 -2.00 20.36
C ARG K 17 15.51 -0.98 21.27
N TYR K 18 15.71 -1.39 22.53
CA TYR K 18 16.62 -0.67 23.40
C TYR K 18 18.01 -0.66 22.79
N LEU K 19 18.83 0.30 23.25
CA LEU K 19 20.23 0.29 22.88
C LEU K 19 20.91 -0.93 23.48
N SER K 20 22.00 -1.36 22.85
CA SER K 20 22.76 -2.49 23.33
C SER K 20 24.22 -2.11 23.41
N SER K 21 25.10 -3.09 23.68
CA SER K 21 26.53 -2.82 23.66
C SER K 21 27.01 -2.40 22.28
N THR K 22 26.25 -2.72 21.23
CA THR K 22 26.60 -2.27 19.89
C THR K 22 26.60 -0.75 19.81
N GLU K 23 25.48 -0.12 20.21
CA GLU K 23 25.39 1.33 20.18
C GLU K 23 26.31 1.97 21.21
N ILE K 24 26.60 1.27 22.32
CA ILE K 24 27.54 1.80 23.29
C ILE K 24 28.94 1.89 22.70
N GLN K 25 29.32 0.89 21.89
CA GLN K 25 30.61 0.97 21.20
C GLN K 25 30.64 2.10 20.18
N VAL K 26 29.50 2.40 19.56
CA VAL K 26 29.41 3.56 18.67
C VAL K 26 29.78 4.82 19.44
N ALA K 27 29.15 5.03 20.61
CA ALA K 27 29.48 6.18 21.43
C ALA K 27 30.93 6.16 21.86
N PHE K 28 31.52 4.97 22.01
CA PHE K 28 32.92 4.86 22.41
C PHE K 28 33.85 5.33 21.32
N GLY K 29 33.79 4.70 20.15
CA GLY K 29 34.54 5.18 19.00
C GLY K 29 34.29 6.64 18.69
N ARG K 30 33.06 7.13 18.96
CA ARG K 30 32.73 8.54 18.75
C ARG K 30 33.37 9.43 19.79
N PHE K 31 33.33 9.03 21.05
CA PHE K 31 34.04 9.72 22.12
C PHE K 31 35.56 9.57 21.98
N ARG K 32 36.03 8.56 21.25
CA ARG K 32 37.45 8.50 20.94
C ARG K 32 37.83 9.53 19.87
N GLN K 33 36.96 9.73 18.89
CA GLN K 33 37.26 10.65 17.79
C GLN K 33 37.06 12.10 18.16
N ALA K 34 36.16 12.40 19.08
CA ALA K 34 35.79 13.77 19.42
C ALA K 34 36.89 14.79 19.61
N PRO K 35 37.86 14.50 20.46
CA PRO K 35 38.96 15.43 20.67
C PRO K 35 39.65 15.86 19.38
N ALA K 36 39.78 14.93 18.45
CA ALA K 36 40.36 15.14 17.13
C ALA K 36 39.49 16.04 16.26
N SER K 37 38.21 15.75 16.19
CA SER K 37 37.32 16.53 15.40
C SER K 37 37.21 17.94 15.90
N LEU K 38 37.15 18.11 17.19
CA LEU K 38 37.00 19.39 17.75
C LEU K 38 38.26 20.21 17.56
N GLN K 39 39.40 19.57 17.43
CA GLN K 39 40.62 20.28 17.24
C GLN K 39 40.59 20.85 15.83
N ALA K 40 40.26 20.04 14.85
CA ALA K 40 40.14 20.52 13.49
C ALA K 40 39.07 21.65 13.41
N ALA K 41 38.03 21.55 14.22
CA ALA K 41 37.00 22.58 14.22
C ALA K 41 37.46 23.91 14.79
N LYS K 42 38.24 23.87 15.86
CA LYS K 42 38.74 25.10 16.47
C LYS K 42 39.77 25.79 15.59
N SER K 43 40.56 25.01 14.85
CA SER K 43 41.55 25.59 13.95
C SER K 43 40.90 26.12 12.67
N LEU K 44 39.95 25.37 12.11
CA LEU K 44 39.25 25.83 10.92
C LEU K 44 38.42 27.08 11.19
N SER K 45 38.01 27.28 12.44
CA SER K 45 37.29 28.50 12.79
C SER K 45 38.22 29.70 12.87
N ALA K 46 39.39 29.55 13.49
CA ALA K 46 40.32 30.67 13.61
C ALA K 46 40.88 31.07 12.25
N ASN K 47 41.09 30.10 11.37
CA ASN K 47 41.63 30.33 10.04
C ASN K 47 40.54 30.53 8.99
N ALA K 48 39.27 30.64 9.41
CA ALA K 48 38.16 30.61 8.46
C ALA K 48 38.27 31.75 7.45
N SER K 49 38.62 32.95 7.91
CA SER K 49 38.66 34.11 7.03
C SER K 49 39.71 33.93 5.94
N ARG K 50 40.93 33.55 6.32
CA ARG K 50 42.00 33.36 5.33
C ARG K 50 41.71 32.18 4.42
N LEU K 51 41.08 31.13 4.94
CA LEU K 51 40.71 29.99 4.10
C LEU K 51 39.62 30.39 3.11
N THR K 52 38.64 31.16 3.56
CA THR K 52 37.53 31.52 2.68
C THR K 52 37.98 32.48 1.58
N GLU K 53 38.76 33.50 1.96
CA GLU K 53 39.28 34.44 0.95
C GLU K 53 40.18 33.72 -0.04
N GLY K 54 41.03 32.82 0.46
CA GLY K 54 41.97 32.14 -0.42
C GLY K 54 41.32 31.12 -1.33
N ALA K 55 40.25 30.47 -0.85
CA ALA K 55 39.55 29.49 -1.68
C ALA K 55 38.84 30.16 -2.84
N ALA K 56 38.16 31.28 -2.58
CA ALA K 56 37.54 32.04 -3.65
C ALA K 56 38.60 32.50 -4.65
N GLN K 57 39.71 33.05 -4.14
CA GLN K 57 40.77 33.51 -5.03
C GLN K 57 41.32 32.36 -5.88
N ALA K 58 41.41 31.17 -5.30
CA ALA K 58 41.87 30.01 -6.06
C ALA K 58 40.90 29.67 -7.18
N VAL K 59 39.60 29.95 -7.01
CA VAL K 59 38.66 29.76 -8.10
C VAL K 59 38.88 30.83 -9.17
N TYR K 60 39.17 32.06 -8.74
CA TYR K 60 39.36 33.14 -9.71
C TYR K 60 40.58 32.88 -10.59
N ASN K 61 41.63 32.29 -10.03
CA ASN K 61 42.83 32.02 -10.82
C ASN K 61 42.65 30.82 -11.74
N LYS K 62 41.86 29.83 -11.32
CA LYS K 62 41.66 28.66 -12.16
C LYS K 62 40.68 28.95 -13.29
N PHE K 63 39.58 29.65 -12.99
CA PHE K 63 38.57 30.03 -13.97
C PHE K 63 38.50 31.55 -14.00
N PRO K 64 39.42 32.21 -14.71
CA PRO K 64 39.45 33.68 -14.70
C PRO K 64 38.16 34.31 -15.20
N TYR K 65 37.38 33.61 -16.02
CA TYR K 65 36.16 34.19 -16.57
C TYR K 65 35.11 34.48 -15.50
N THR K 66 35.26 33.89 -14.31
CA THR K 66 34.29 34.14 -13.24
C THR K 66 34.40 35.55 -12.68
N THR K 67 35.54 36.22 -12.84
CA THR K 67 35.70 37.62 -12.49
C THR K 67 35.59 38.53 -13.70
N GLN K 68 35.14 38.03 -14.84
CA GLN K 68 35.14 38.82 -16.06
C GLN K 68 33.76 38.87 -16.71
N GLN K 69 33.17 37.70 -17.00
CA GLN K 69 31.87 37.67 -17.65
C GLN K 69 30.84 38.40 -16.79
N GLN K 70 30.07 39.28 -17.43
CA GLN K 70 29.18 40.18 -16.72
C GLN K 70 27.80 39.54 -16.66
N GLY K 71 27.50 38.93 -15.52
CA GLY K 71 26.24 38.27 -15.28
C GLY K 71 26.06 38.09 -13.79
N PRO K 72 24.83 37.89 -13.33
CA PRO K 72 24.60 37.81 -11.89
C PRO K 72 25.29 36.63 -11.23
N ASN K 73 25.43 35.51 -11.93
CA ASN K 73 26.08 34.34 -11.36
C ASN K 73 27.59 34.49 -11.21
N PHE K 74 28.18 35.55 -11.76
CA PHE K 74 29.62 35.69 -11.81
C PHE K 74 30.12 36.69 -10.77
N ALA K 75 31.40 36.57 -10.44
CA ALA K 75 32.07 37.45 -9.50
C ALA K 75 32.91 38.48 -10.22
N TYR K 76 32.31 39.15 -11.21
CA TYR K 76 33.00 40.21 -11.92
C TYR K 76 32.94 41.55 -11.20
N ASP K 77 32.00 41.70 -10.31
CA ASP K 77 31.85 42.91 -9.51
C ASP K 77 32.04 42.62 -8.05
N GLN K 78 31.89 43.60 -7.20
CA GLN K 78 32.11 43.39 -5.79
C GLN K 78 30.99 42.67 -5.14
N ARG K 79 29.82 42.81 -5.70
CA ARG K 79 28.68 42.11 -5.23
C ARG K 79 28.91 40.63 -5.45
N GLY K 80 29.40 40.28 -6.61
CA GLY K 80 29.62 38.88 -6.94
C GLY K 80 30.69 38.24 -6.09
N LYS K 81 31.73 38.94 -6.05
CA LYS K 81 32.82 38.46 -5.21
C LYS K 81 32.36 38.28 -3.76
N ALA K 82 31.51 39.18 -3.27
CA ALA K 82 31.01 39.03 -1.90
C ALA K 82 30.12 37.80 -1.76
N LYS K 83 29.19 37.62 -2.70
CA LYS K 83 28.39 36.40 -2.74
C LYS K 83 29.28 35.16 -2.74
N CYS K 84 30.36 35.21 -3.53
CA CYS K 84 31.23 34.05 -3.69
C CYS K 84 31.95 33.70 -2.39
N VAL K 85 32.55 34.69 -1.75
CA VAL K 85 33.20 34.47 -0.46
C VAL K 85 32.18 34.07 0.60
N ARG K 86 30.95 34.61 0.51
CA ARG K 86 29.89 34.16 1.40
C ARG K 86 29.62 32.67 1.23
N ASP K 87 29.56 32.19 -0.01
CA ASP K 87 29.28 30.78 -0.27
C ASP K 87 30.38 29.88 0.25
N VAL K 88 31.65 30.24 0.01
CA VAL K 88 32.76 29.45 0.52
C VAL K 88 32.70 29.37 2.04
N GLY K 89 32.37 30.49 2.70
CA GLY K 89 32.21 30.47 4.14
C GLY K 89 31.12 29.51 4.58
N TYR K 90 30.00 29.49 3.85
CA TYR K 90 28.95 28.53 4.14
C TYR K 90 29.48 27.10 4.08
N TYR K 91 30.20 26.77 3.01
CA TYR K 91 30.78 25.43 2.89
C TYR K 91 31.70 25.13 4.07
N LEU K 92 32.61 26.06 4.38
CA LEU K 92 33.59 25.82 5.42
C LEU K 92 32.93 25.72 6.79
N ARG K 93 32.04 26.68 7.11
CA ARG K 93 31.40 26.67 8.43
C ARG K 93 30.59 25.41 8.65
N ILE K 94 29.89 24.94 7.63
CA ILE K 94 29.08 23.74 7.81
C ILE K 94 29.95 22.49 7.85
N ILE K 95 31.12 22.52 7.19
CA ILE K 95 32.05 21.41 7.31
C ILE K 95 32.55 21.28 8.75
N THR K 96 32.88 22.41 9.38
CA THR K 96 33.29 22.35 10.79
C THR K 96 32.16 21.81 11.66
N TYR K 97 30.92 22.19 11.36
CA TYR K 97 29.77 21.59 12.04
C TYR K 97 29.81 20.07 11.95
N ALA K 98 30.16 19.54 10.77
CA ALA K 98 30.21 18.10 10.59
C ALA K 98 31.25 17.46 11.51
N LEU K 99 32.39 18.12 11.67
CA LEU K 99 33.40 17.64 12.62
C LEU K 99 32.88 17.68 14.04
N VAL K 100 32.20 18.77 14.43
CA VAL K 100 31.72 18.90 15.80
C VAL K 100 30.79 17.76 16.16
N VAL K 101 29.89 17.39 15.24
CA VAL K 101 28.94 16.31 15.50
C VAL K 101 29.47 14.94 15.09
N GLY K 102 30.63 14.88 14.44
CA GLY K 102 31.16 13.62 13.97
C GLY K 102 30.34 12.94 12.89
N GLY K 103 29.60 13.71 12.08
CA GLY K 103 28.77 13.12 11.06
C GLY K 103 28.45 14.13 9.98
N THR K 104 27.94 13.61 8.87
CA THR K 104 27.61 14.41 7.69
C THR K 104 26.29 15.14 7.82
N GLY K 105 25.55 14.95 8.92
CA GLY K 105 24.24 15.52 9.12
C GLY K 105 24.13 17.00 8.78
N PRO K 106 24.98 17.84 9.37
CA PRO K 106 24.95 19.27 9.04
C PRO K 106 25.15 19.54 7.56
N LEU K 107 26.07 18.82 6.93
CA LEU K 107 26.30 18.97 5.49
C LEU K 107 25.07 18.54 4.71
N ASP K 108 24.50 17.38 5.04
CA ASP K 108 23.30 16.91 4.37
C ASP K 108 22.17 17.91 4.51
N ASP K 109 21.94 18.41 5.73
CA ASP K 109 20.74 19.19 6.04
C ASP K 109 20.87 20.66 5.69
N TYR K 110 22.04 21.27 5.91
CA TYR K 110 22.19 22.72 5.76
C TYR K 110 22.78 23.14 4.42
N LEU K 111 23.36 22.21 3.66
CA LEU K 111 24.18 22.59 2.52
C LEU K 111 23.88 21.74 1.29
N ILE K 112 23.82 20.42 1.45
CA ILE K 112 23.75 19.52 0.29
C ILE K 112 22.33 19.32 -0.20
N SER K 113 21.36 19.18 0.69
CA SER K 113 19.98 18.99 0.25
C SER K 113 19.50 20.22 -0.48
N GLY K 114 19.07 20.05 -1.73
CA GLY K 114 18.68 21.17 -2.55
C GLY K 114 19.83 21.97 -3.12
N LEU K 115 21.07 21.56 -2.89
CA LEU K 115 22.22 22.29 -3.42
C LEU K 115 22.26 22.20 -4.95
N ALA K 116 22.05 21.00 -5.50
CA ALA K 116 22.12 20.84 -6.94
C ALA K 116 21.05 21.66 -7.64
N GLU K 117 19.89 21.82 -7.03
CA GLU K 117 18.84 22.63 -7.60
C GLU K 117 19.26 24.10 -7.67
N ILE K 118 19.97 24.56 -6.65
CA ILE K 118 20.38 25.97 -6.59
C ILE K 118 21.44 26.27 -7.63
N ASN K 119 22.45 25.39 -7.73
CA ASN K 119 23.54 25.63 -8.68
C ASN K 119 23.04 25.64 -10.12
N LYS K 120 22.00 24.86 -10.41
CA LYS K 120 21.45 24.86 -11.77
C LYS K 120 20.55 26.07 -12.00
N THR K 121 19.71 26.42 -11.01
CA THR K 121 18.82 27.56 -11.16
C THR K 121 19.61 28.86 -11.32
N PHE K 122 20.72 29.00 -10.58
CA PHE K 122 21.50 30.21 -10.58
C PHE K 122 22.76 30.12 -11.44
N ASP K 123 22.89 29.08 -12.27
CA ASP K 123 24.02 28.91 -13.18
C ASP K 123 25.36 28.99 -12.43
N LEU K 124 25.43 28.37 -11.26
CA LEU K 124 26.68 28.25 -10.52
C LEU K 124 27.31 26.92 -10.90
N SER K 125 28.56 26.96 -11.36
CA SER K 125 29.22 25.73 -11.78
C SER K 125 29.69 24.96 -10.55
N PRO K 126 29.46 23.65 -10.47
CA PRO K 126 30.01 22.86 -9.36
C PRO K 126 31.53 22.80 -9.37
N SER K 127 32.15 22.98 -10.52
CA SER K 127 33.61 22.98 -10.58
C SER K 127 34.20 24.15 -9.81
N TRP K 128 33.46 25.27 -9.72
CA TRP K 128 33.93 26.40 -8.94
C TRP K 128 34.10 26.02 -7.48
N TYR K 129 33.08 25.39 -6.90
CA TYR K 129 33.09 25.06 -5.48
C TYR K 129 33.98 23.86 -5.18
N ILE K 130 34.06 22.89 -6.09
CA ILE K 130 35.04 21.81 -5.96
C ILE K 130 36.44 22.39 -5.86
N GLU K 131 36.77 23.34 -6.74
CA GLU K 131 38.11 23.93 -6.72
C GLU K 131 38.36 24.69 -5.43
N ALA K 132 37.32 25.32 -4.87
CA ALA K 132 37.47 26.00 -3.58
C ALA K 132 37.72 25.00 -2.46
N LEU K 133 36.95 23.91 -2.44
CA LEU K 133 37.17 22.88 -1.44
C LEU K 133 38.56 22.26 -1.56
N LYS K 134 39.08 22.15 -2.78
CA LYS K 134 40.45 21.66 -2.97
C LYS K 134 41.45 22.62 -2.35
N TYR K 135 41.21 23.93 -2.46
CA TYR K 135 42.12 24.89 -1.85
C TYR K 135 42.08 24.76 -0.33
N ILE K 136 40.90 24.60 0.25
CA ILE K 136 40.79 24.44 1.70
C ILE K 136 41.50 23.18 2.15
N LYS K 137 41.34 22.09 1.40
CA LYS K 137 41.95 20.82 1.79
C LYS K 137 43.47 20.94 1.86
N ALA K 138 44.07 21.63 0.90
CA ALA K 138 45.52 21.74 0.82
C ALA K 138 46.08 22.90 1.64
N ASN K 139 45.25 23.60 2.42
CA ASN K 139 45.73 24.79 3.10
C ASN K 139 45.26 24.93 4.54
N HIS K 140 44.41 24.06 5.05
CA HIS K 140 44.00 24.22 6.45
C HIS K 140 45.12 23.88 7.42
N GLY K 141 46.18 23.20 6.96
CA GLY K 141 47.30 22.90 7.81
C GLY K 141 47.04 21.88 8.89
N LEU K 142 45.89 21.20 8.85
CA LEU K 142 45.60 20.18 9.84
C LEU K 142 46.54 18.98 9.66
N SER K 143 46.70 18.23 10.75
CA SER K 143 47.54 17.05 10.76
C SER K 143 46.88 15.98 11.61
N GLY K 144 47.35 14.75 11.45
CA GLY K 144 46.82 13.65 12.24
C GLY K 144 45.37 13.33 11.89
N ASP K 145 44.69 12.71 12.86
CA ASP K 145 43.28 12.37 12.68
C ASP K 145 42.40 13.58 12.35
N PRO K 146 42.59 14.75 12.96
CA PRO K 146 41.78 15.91 12.53
C PRO K 146 41.92 16.20 11.04
N ALA K 147 43.10 15.95 10.45
CA ALA K 147 43.27 16.19 9.03
C ALA K 147 42.37 15.30 8.20
N VAL K 148 42.42 13.99 8.43
CA VAL K 148 41.76 13.07 7.51
C VAL K 148 40.25 13.04 7.74
N GLU K 149 39.79 13.29 8.98
CA GLU K 149 38.34 13.43 9.15
C GLU K 149 37.83 14.73 8.54
N ALA K 150 38.63 15.80 8.59
CA ALA K 150 38.23 17.03 7.91
C ALA K 150 38.22 16.83 6.40
N ASN K 151 39.27 16.21 5.85
CA ASN K 151 39.31 15.95 4.42
C ASN K 151 38.22 14.99 3.96
N SER K 152 37.71 14.14 4.85
CA SER K 152 36.64 13.23 4.45
C SER K 152 35.35 14.00 4.19
N TYR K 153 35.01 14.94 5.07
CA TYR K 153 33.83 15.78 4.84
C TYR K 153 34.04 16.69 3.65
N ILE K 154 35.27 17.15 3.43
CA ILE K 154 35.57 17.94 2.23
C ILE K 154 35.32 17.10 0.99
N ASP K 155 35.92 15.91 0.93
CA ASP K 155 35.71 15.00 -0.19
C ASP K 155 34.27 14.50 -0.24
N TYR K 156 33.56 14.55 0.88
CA TYR K 156 32.14 14.21 0.88
C TYR K 156 31.36 15.22 0.06
N VAL K 157 31.60 16.51 0.28
CA VAL K 157 30.93 17.54 -0.50
C VAL K 157 31.36 17.48 -1.96
N ILE K 158 32.64 17.21 -2.21
CA ILE K 158 33.14 17.10 -3.58
C ILE K 158 32.43 15.96 -4.31
N ASN K 159 32.09 14.89 -3.59
CA ASN K 159 31.41 13.76 -4.23
C ASN K 159 29.99 14.12 -4.62
N THR K 160 29.26 14.83 -3.75
CA THR K 160 27.93 15.29 -4.13
C THR K 160 27.96 16.34 -5.22
N LEU K 161 29.12 16.94 -5.50
CA LEU K 161 29.23 17.92 -6.57
C LEU K 161 29.69 17.32 -7.90
N SER K 162 30.07 16.05 -7.91
CA SER K 162 30.56 15.43 -9.13
C SER K 162 30.03 14.00 -9.27
N MET L 1 16.74 12.45 16.77
CA MET L 1 16.96 13.41 15.70
C MET L 1 18.15 14.32 16.00
N LEU L 2 18.28 14.76 17.26
CA LEU L 2 19.40 15.58 17.68
C LEU L 2 20.09 14.94 18.87
N ASP L 3 21.41 15.04 18.90
CA ASP L 3 22.16 14.83 20.12
C ASP L 3 22.68 16.18 20.62
N ALA L 4 23.44 16.15 21.72
CA ALA L 4 23.91 17.39 22.32
C ALA L 4 24.80 18.17 21.37
N PHE L 5 25.52 17.49 20.49
CA PHE L 5 26.41 18.15 19.55
C PHE L 5 25.62 18.82 18.43
N ALA L 6 24.64 18.12 17.86
CA ALA L 6 23.84 18.69 16.79
C ALA L 6 22.99 19.86 17.27
N LYS L 7 22.57 19.84 18.54
CA LYS L 7 21.76 20.94 19.05
C LYS L 7 22.54 22.24 19.07
N VAL L 8 23.79 22.21 19.53
CA VAL L 8 24.63 23.39 19.53
C VAL L 8 24.92 23.84 18.09
N VAL L 9 25.17 22.88 17.20
CA VAL L 9 25.40 23.20 15.79
C VAL L 9 24.16 23.87 15.20
N ALA L 10 22.97 23.36 15.51
CA ALA L 10 21.75 23.90 14.94
C ALA L 10 21.52 25.34 15.38
N GLN L 11 21.86 25.67 16.63
CA GLN L 11 21.71 27.03 17.10
C GLN L 11 22.78 27.95 16.51
N ALA L 12 23.98 27.42 16.28
CA ALA L 12 25.03 28.24 15.68
C ALA L 12 24.75 28.52 14.20
N ASP L 13 24.12 27.57 13.50
CA ASP L 13 23.81 27.81 12.09
C ASP L 13 22.76 28.90 11.94
N THR L 14 21.75 28.91 12.81
CA THR L 14 20.73 29.96 12.75
C THR L 14 21.33 31.33 12.96
N ARG L 15 22.46 31.43 13.65
CA ARG L 15 23.21 32.67 13.75
C ARG L 15 24.31 32.78 12.71
N GLY L 16 24.53 31.74 11.92
CA GLY L 16 25.59 31.77 10.91
C GLY L 16 26.98 31.92 11.48
N GLU L 17 27.20 31.46 12.70
CA GLU L 17 28.48 31.60 13.37
C GLU L 17 29.12 30.23 13.57
N TYR L 18 30.45 30.22 13.62
CA TYR L 18 31.16 29.04 14.09
C TYR L 18 30.93 28.86 15.58
N LEU L 19 31.21 27.67 16.07
CA LEU L 19 31.18 27.44 17.51
C LEU L 19 32.35 28.14 18.17
N THR L 20 32.08 28.84 19.27
CA THR L 20 33.14 29.53 19.99
C THR L 20 34.03 28.51 20.69
N ASP L 21 35.19 29.00 21.17
CA ASP L 21 36.12 28.12 21.88
C ASP L 21 35.48 27.53 23.13
N ALA L 22 34.69 28.33 23.85
CA ALA L 22 34.02 27.82 25.04
C ALA L 22 33.02 26.73 24.69
N GLN L 23 32.23 26.94 23.62
CA GLN L 23 31.24 25.95 23.22
C GLN L 23 31.90 24.64 22.83
N LEU L 24 33.06 24.71 22.18
CA LEU L 24 33.80 23.49 21.87
C LEU L 24 34.31 22.82 23.15
N ASP L 25 34.87 23.61 24.07
CA ASP L 25 35.37 23.05 25.33
C ASP L 25 34.24 22.45 26.15
N ALA L 26 33.06 23.08 26.13
CA ALA L 26 31.91 22.52 26.84
C ALA L 26 31.50 21.17 26.25
N LEU L 27 31.46 21.08 24.92
CA LEU L 27 31.19 19.80 24.28
C LEU L 27 32.32 18.82 24.50
N SER L 28 33.53 19.32 24.70
CA SER L 28 34.66 18.45 25.02
C SER L 28 34.49 17.79 26.38
N GLU L 29 34.07 18.57 27.39
CA GLU L 29 33.88 18.02 28.72
C GLU L 29 32.72 17.05 28.77
N LEU L 30 31.74 17.21 27.89
CA LEU L 30 30.69 16.20 27.77
C LEU L 30 31.28 14.88 27.27
N VAL L 31 32.19 14.95 26.30
CA VAL L 31 32.84 13.74 25.81
C VAL L 31 33.66 13.09 26.91
N LYS L 32 34.34 13.89 27.74
CA LYS L 32 35.22 13.33 28.74
C LYS L 32 34.47 12.50 29.78
N GLU L 33 33.18 12.75 29.96
CA GLU L 33 32.36 11.96 30.86
C GLU L 33 31.38 11.06 30.11
N GLY L 34 31.79 10.61 28.92
CA GLY L 34 30.95 9.72 28.15
C GLY L 34 30.85 8.32 28.73
N ASN L 35 31.86 7.90 29.49
CA ASN L 35 31.82 6.58 30.11
C ASN L 35 30.68 6.49 31.12
N LYS L 36 30.51 7.52 31.95
CA LYS L 36 29.39 7.55 32.88
C LYS L 36 28.06 7.48 32.15
N ARG L 37 27.94 8.22 31.04
CA ARG L 37 26.73 8.20 30.25
C ARG L 37 26.48 6.81 29.65
N ALA L 38 27.54 6.13 29.22
CA ALA L 38 27.40 4.78 28.70
C ALA L 38 26.94 3.83 29.79
N ASP L 39 27.42 4.02 31.03
CA ASP L 39 26.94 3.19 32.12
C ASP L 39 25.46 3.45 32.39
N ALA L 40 25.06 4.72 32.45
CA ALA L 40 23.66 5.05 32.72
C ALA L 40 22.74 4.40 31.70
N VAL L 41 23.12 4.41 30.43
CA VAL L 41 22.35 3.74 29.39
C VAL L 41 22.34 2.23 29.61
N ASN L 42 23.53 1.65 29.84
CA ASN L 42 23.63 0.20 29.95
C ASN L 42 22.96 -0.33 31.21
N ARG L 43 23.09 0.38 32.33
CA ARG L 43 22.49 -0.09 33.58
C ARG L 43 20.96 -0.06 33.52
N ILE L 44 20.38 1.00 32.95
CA ILE L 44 18.93 1.07 32.83
C ILE L 44 18.43 0.04 31.82
N THR L 45 19.11 -0.05 30.67
CA THR L 45 18.71 -1.03 29.66
C THR L 45 18.82 -2.46 30.20
N SER L 46 19.90 -2.77 30.92
CA SER L 46 20.08 -4.13 31.42
C SER L 46 19.02 -4.53 32.43
N ASN L 47 18.38 -3.56 33.09
CA ASN L 47 17.36 -3.84 34.09
C ASN L 47 15.98 -3.39 33.66
N ALA L 48 15.77 -3.18 32.36
CA ALA L 48 14.54 -2.52 31.89
C ALA L 48 13.29 -3.30 32.27
N SER L 49 13.35 -4.63 32.22
CA SER L 49 12.19 -5.45 32.58
C SER L 49 11.82 -5.26 34.04
N ALA L 50 12.80 -5.33 34.93
CA ALA L 50 12.52 -5.20 36.36
C ALA L 50 12.02 -3.80 36.71
N ILE L 51 12.55 -2.78 36.05
CA ILE L 51 12.11 -1.41 36.31
C ILE L 51 10.65 -1.21 35.92
N VAL L 52 10.29 -1.67 34.72
CA VAL L 52 8.91 -1.54 34.26
C VAL L 52 7.98 -2.35 35.15
N ALA L 53 8.36 -3.59 35.47
CA ALA L 53 7.51 -4.46 36.28
C ALA L 53 7.31 -3.90 37.68
N ALA L 54 8.37 -3.39 38.29
CA ALA L 54 8.23 -2.75 39.60
C ALA L 54 7.39 -1.49 39.50
N ALA L 55 7.50 -0.76 38.38
CA ALA L 55 6.79 0.50 38.22
C ALA L 55 5.29 0.27 38.14
N VAL L 56 4.85 -0.66 37.29
CA VAL L 56 3.42 -0.97 37.21
C VAL L 56 2.93 -1.62 38.50
N ARG L 57 3.78 -2.46 39.13
CA ARG L 57 3.36 -3.15 40.35
C ARG L 57 3.05 -2.18 41.47
N ASP L 58 3.96 -1.24 41.73
CA ASP L 58 3.73 -0.26 42.78
C ASP L 58 2.64 0.73 42.38
N LEU L 59 2.58 1.11 41.10
CA LEU L 59 1.51 1.99 40.64
C LEU L 59 0.14 1.37 40.88
N TRP L 60 -0.01 0.09 40.51
CA TRP L 60 -1.29 -0.58 40.70
C TRP L 60 -1.57 -0.86 42.17
N ALA L 61 -0.52 -0.97 42.98
CA ALA L 61 -0.72 -1.09 44.43
C ALA L 61 -1.14 0.24 45.03
N GLU L 62 -0.68 1.36 44.48
CA GLU L 62 -1.10 2.67 44.95
C GLU L 62 -2.49 3.04 44.44
N GLN L 63 -2.84 2.61 43.24
CA GLN L 63 -4.12 2.93 42.61
C GLN L 63 -4.80 1.63 42.21
N PRO L 64 -5.49 0.98 43.14
CA PRO L 64 -6.09 -0.32 42.82
C PRO L 64 -7.22 -0.25 41.80
N GLN L 65 -7.95 0.87 41.74
CA GLN L 65 -9.02 0.98 40.76
C GLN L 65 -8.53 0.94 39.33
N LEU L 66 -7.22 1.05 39.12
CA LEU L 66 -6.66 0.89 37.78
C LEU L 66 -6.77 -0.56 37.30
N ILE L 67 -6.59 -1.52 38.20
CA ILE L 67 -6.64 -2.93 37.83
C ILE L 67 -7.90 -3.64 38.31
N ALA L 68 -8.71 -2.99 39.14
CA ALA L 68 -9.98 -3.58 39.52
C ALA L 68 -10.86 -3.77 38.29
N PRO L 69 -11.80 -4.71 38.34
CA PRO L 69 -12.73 -4.89 37.22
C PRO L 69 -13.33 -3.57 36.76
N GLY L 70 -13.32 -3.35 35.44
CA GLY L 70 -13.65 -2.07 34.87
C GLY L 70 -12.50 -1.09 34.81
N GLY L 71 -11.41 -1.35 35.51
CA GLY L 71 -10.26 -0.45 35.52
C GLY L 71 -9.65 -0.22 34.15
N MEN L 72 -8.90 0.86 34.02
CA MEN L 72 -8.27 1.19 32.76
C MEN L 72 -7.13 0.21 32.46
O MEN L 72 -6.71 0.01 31.33
CB MEN L 72 -7.71 2.61 32.57
CG MEN L 72 -7.51 2.91 31.09
OD1 MEN L 72 -6.34 2.94 30.60
ND2 MEN L 72 -8.63 3.15 30.33
CE2 MEN L 72 -8.62 3.45 28.94
N ALA L 73 -6.63 -0.40 33.52
CA ALA L 73 -5.60 -1.43 33.37
C ALA L 73 -6.13 -2.81 33.79
N TYR L 74 -7.44 -3.00 33.70
CA TYR L 74 -8.05 -4.30 33.88
C TYR L 74 -8.19 -4.99 32.53
N THR L 75 -8.30 -6.33 32.58
CA THR L 75 -8.14 -7.26 31.45
C THR L 75 -6.66 -7.39 31.08
N SER L 76 -6.32 -8.49 30.43
CA SER L 76 -4.92 -8.71 30.05
C SER L 76 -4.47 -7.71 29.00
N ARG L 77 -5.33 -7.42 28.02
CA ARG L 77 -4.96 -6.50 26.95
C ARG L 77 -4.58 -5.13 27.51
N ARG L 78 -5.44 -4.57 28.37
CA ARG L 78 -5.13 -3.28 28.96
C ARG L 78 -3.95 -3.36 29.93
N ALA L 79 -3.82 -4.46 30.66
CA ALA L 79 -2.68 -4.61 31.55
C ALA L 79 -1.37 -4.69 30.77
N ALA L 80 -1.37 -5.45 29.67
CA ALA L 80 -0.19 -5.50 28.81
C ALA L 80 0.05 -4.14 28.13
N ALA L 81 -1.03 -3.49 27.68
CA ALA L 81 -0.90 -2.18 27.08
C ALA L 81 -0.31 -1.17 28.06
N CYS L 82 -0.69 -1.29 29.34
CA CYS L 82 -0.13 -0.40 30.36
C CYS L 82 1.35 -0.67 30.58
N ILE L 83 1.73 -1.95 30.65
CA ILE L 83 3.13 -2.32 30.76
C ILE L 83 3.91 -1.80 29.56
N ARG L 84 3.34 -1.99 28.37
CA ARG L 84 4.01 -1.58 27.14
C ARG L 84 4.30 -0.08 27.12
N ASP L 85 3.32 0.73 27.55
CA ASP L 85 3.51 2.19 27.52
C ASP L 85 4.69 2.63 28.37
N LEU L 86 4.83 2.07 29.57
CA LEU L 86 5.96 2.43 30.43
C LEU L 86 7.27 1.93 29.83
N ASP L 87 7.25 0.75 29.20
CA ASP L 87 8.43 0.23 28.53
C ASP L 87 8.84 1.12 27.35
N ILE L 88 7.87 1.60 26.58
CA ILE L 88 8.17 2.49 25.45
C ILE L 88 8.80 3.78 25.93
N ILE L 89 8.21 4.38 26.97
CA ILE L 89 8.75 5.63 27.51
C ILE L 89 10.15 5.43 28.06
N LEU L 90 10.36 4.33 28.79
CA LEU L 90 11.68 4.05 29.35
C LEU L 90 12.72 3.92 28.25
N ARG L 91 12.37 3.24 27.14
CA ARG L 91 13.29 3.11 26.02
C ARG L 91 13.62 4.47 25.42
N TYR L 92 12.60 5.30 25.20
CA TYR L 92 12.84 6.63 24.65
C TYR L 92 13.61 7.52 25.62
N VAL L 93 13.49 7.26 26.92
CA VAL L 93 14.32 8.00 27.88
C VAL L 93 15.78 7.60 27.75
N THR L 94 16.05 6.30 27.62
CA THR L 94 17.44 5.86 27.40
C THR L 94 17.96 6.35 26.06
N TYR L 95 17.06 6.56 25.08
CA TYR L 95 17.47 7.23 23.85
C TYR L 95 17.95 8.65 24.14
N ALA L 96 17.20 9.39 24.96
CA ALA L 96 17.59 10.76 25.29
C ALA L 96 18.89 10.80 26.07
N ILE L 97 19.08 9.87 27.00
CA ILE L 97 20.33 9.82 27.77
C ILE L 97 21.51 9.60 26.84
N PHE L 98 21.35 8.70 25.86
CA PHE L 98 22.43 8.40 24.93
C PHE L 98 22.79 9.63 24.10
N ALA L 99 21.79 10.34 23.59
CA ALA L 99 22.04 11.53 22.78
C ALA L 99 22.41 12.74 23.63
N GLY L 100 22.16 12.70 24.93
CA GLY L 100 22.29 13.91 25.73
C GLY L 100 21.39 15.02 25.23
N ASP L 101 20.16 14.68 24.84
CA ASP L 101 19.21 15.62 24.27
C ASP L 101 17.83 14.98 24.24
N SER L 102 16.81 15.80 24.45
CA SER L 102 15.45 15.31 24.62
C SER L 102 14.64 15.29 23.33
N SER L 103 15.28 15.55 22.18
CA SER L 103 14.54 15.65 20.93
C SER L 103 13.88 14.32 20.56
N VAL L 104 14.63 13.22 20.66
CA VAL L 104 14.07 11.92 20.27
C VAL L 104 12.90 11.56 21.16
N LEU L 105 12.95 11.92 22.44
CA LEU L 105 11.83 11.65 23.34
C LEU L 105 10.65 12.57 23.05
N ASP L 106 10.93 13.82 22.74
CA ASP L 106 9.89 14.74 22.46
C ASP L 106 9.23 14.49 21.10
N ASP L 107 10.03 14.27 20.08
CA ASP L 107 9.49 14.14 18.73
C ASP L 107 8.72 12.83 18.56
N ARG L 108 9.26 11.73 19.06
CA ARG L 108 8.74 10.42 18.71
C ARG L 108 7.89 9.77 19.79
N ALA L 109 8.00 10.19 21.05
CA ALA L 109 7.30 9.55 22.15
C ALA L 109 6.27 10.46 22.80
N LEU L 110 6.62 11.70 23.12
CA LEU L 110 5.73 12.59 23.84
C LEU L 110 4.80 13.38 22.92
N ASN L 111 5.18 13.55 21.66
CA ASN L 111 4.39 14.32 20.71
C ASN L 111 3.02 13.69 20.48
N GLY L 112 1.99 14.28 21.05
CA GLY L 112 0.64 13.78 20.88
C GLY L 112 0.21 12.72 21.87
N LEU L 113 0.99 12.48 22.93
CA LEU L 113 0.66 11.43 23.87
C LEU L 113 -0.47 11.83 24.80
N ARG L 114 -0.44 13.06 25.33
CA ARG L 114 -1.50 13.52 26.21
C ARG L 114 -2.85 13.50 25.52
N GLU L 115 -2.88 13.91 24.24
CA GLU L 115 -4.12 13.85 23.47
C GLU L 115 -4.59 12.40 23.34
N THR L 116 -3.67 11.47 23.12
CA THR L 116 -4.03 10.07 22.97
C THR L 116 -4.68 9.54 24.23
N TYR L 117 -4.08 9.80 25.39
CA TYR L 117 -4.64 9.34 26.65
C TYR L 117 -5.99 9.98 26.95
N LEU L 118 -6.28 11.09 26.31
CA LEU L 118 -7.57 11.74 26.47
C LEU L 118 -8.61 11.16 25.54
N ALA L 119 -8.18 10.68 24.39
CA ALA L 119 -9.08 10.09 23.47
C ALA L 119 -9.42 8.71 23.97
N LEU L 120 -8.52 8.12 24.75
CA LEU L 120 -8.73 6.81 25.25
C LEU L 120 -9.44 6.74 26.53
N GLY L 121 -9.23 7.70 27.41
CA GLY L 121 -9.83 7.66 28.71
C GLY L 121 -8.84 7.20 29.76
N THR L 122 -7.58 7.12 29.36
CA THR L 122 -6.50 6.72 30.23
C THR L 122 -6.05 7.89 31.03
N PRO L 123 -5.93 7.67 32.32
CA PRO L 123 -5.51 8.67 33.28
C PRO L 123 -4.06 9.13 33.19
N GLY L 124 -3.79 10.16 32.40
CA GLY L 124 -2.48 10.70 32.25
C GLY L 124 -1.71 10.85 33.53
N ALA L 125 -2.44 11.19 34.57
CA ALA L 125 -1.90 11.37 35.87
C ALA L 125 -1.45 10.08 36.45
N SER L 126 -2.14 8.98 36.12
CA SER L 126 -1.73 7.70 36.64
C SER L 126 -0.53 7.34 35.84
N VAL L 127 -0.52 7.63 34.54
CA VAL L 127 0.66 7.38 33.71
C VAL L 127 1.85 8.17 34.22
N ALA L 128 1.61 9.42 34.66
CA ALA L 128 2.71 10.25 35.15
C ALA L 128 3.35 9.64 36.39
N VAL L 129 2.57 8.94 37.21
CA VAL L 129 3.15 8.29 38.39
C VAL L 129 3.99 7.10 37.98
N GLY L 130 3.48 6.29 37.05
CA GLY L 130 4.27 5.18 36.55
C GLY L 130 5.60 5.63 35.97
N ILE L 131 5.60 6.75 35.26
CA ILE L 131 6.83 7.35 34.76
C ILE L 131 7.74 7.72 35.93
N GLN L 132 7.17 8.37 36.95
CA GLN L 132 7.95 8.73 38.12
C GLN L 132 8.54 7.51 38.80
N LYS L 133 7.81 6.39 38.80
CA LYS L 133 8.37 5.16 39.35
C LYS L 133 9.44 4.56 38.45
N LEU L 134 9.28 4.70 37.12
CA LEU L 134 10.38 4.39 36.22
C LEU L 134 11.62 5.21 36.58
N LYS L 135 11.41 6.51 36.83
CA LYS L 135 12.53 7.36 37.22
C LYS L 135 13.16 6.89 38.53
N ASP L 136 12.33 6.62 39.53
CA ASP L 136 12.79 6.19 40.84
C ASP L 136 13.71 4.98 40.73
N ALA L 137 13.22 3.90 40.10
CA ALA L 137 14.01 2.68 40.00
C ALA L 137 15.26 2.90 39.15
N SER L 138 15.12 3.60 38.02
CA SER L 138 16.25 3.84 37.14
C SER L 138 17.36 4.60 37.84
N LEU L 139 17.00 5.64 38.61
CA LEU L 139 18.01 6.48 39.25
C LEU L 139 18.76 5.72 40.34
N LYS L 140 18.06 4.85 41.07
CA LYS L 140 18.74 4.03 42.07
C LYS L 140 19.64 3.00 41.43
N ILE L 141 19.35 2.60 40.19
CA ILE L 141 20.21 1.65 39.48
C ILE L 141 21.41 2.37 38.88
N VAL L 142 21.22 3.60 38.40
CA VAL L 142 22.35 4.36 37.87
C VAL L 142 23.31 4.71 39.00
N ASN L 143 22.78 5.11 40.16
CA ASN L 143 23.60 5.58 41.28
C ASN L 143 24.21 4.46 42.10
N ASP L 144 23.84 3.21 41.83
CA ASP L 144 24.36 2.06 42.58
C ASP L 144 25.89 2.03 42.52
N PRO L 145 26.59 2.11 43.66
CA PRO L 145 28.05 2.21 43.63
C PRO L 145 28.78 0.89 43.38
N ASN L 146 28.09 -0.24 43.41
CA ASN L 146 28.77 -1.52 43.30
C ASN L 146 29.03 -1.88 41.85
N GLY L 147 30.14 -2.59 41.62
CA GLY L 147 30.48 -3.08 40.31
C GLY L 147 30.73 -2.00 39.27
N ILE L 148 31.31 -0.87 39.68
CA ILE L 148 31.58 0.23 38.77
C ILE L 148 32.69 1.08 39.38
N THR L 149 33.39 1.83 38.53
CA THR L 149 34.46 2.70 39.01
C THR L 149 33.86 3.89 39.75
N ARG L 150 34.25 4.06 41.01
CA ARG L 150 33.64 5.08 41.85
C ARG L 150 33.90 6.47 41.31
N GLY L 151 32.84 7.27 41.25
CA GLY L 151 32.97 8.63 40.76
C GLY L 151 31.68 9.41 40.98
N ASP L 152 31.65 10.60 40.40
CA ASP L 152 30.54 11.53 40.58
C ASP L 152 29.73 11.58 39.29
N CYS L 153 28.49 11.09 39.37
CA CYS L 153 27.55 11.13 38.25
C CYS L 153 26.35 12.04 38.55
N SER L 154 26.51 12.96 39.49
CA SER L 154 25.38 13.80 39.92
C SER L 154 24.84 14.62 38.75
N ALA L 155 25.72 15.25 37.98
CA ALA L 155 25.27 16.04 36.84
C ALA L 155 24.51 15.17 35.84
N LEU L 156 25.05 13.98 35.54
CA LEU L 156 24.36 13.08 34.63
C LEU L 156 23.05 12.60 35.23
N ALA L 157 23.04 12.30 36.54
CA ALA L 157 21.81 11.84 37.19
C ALA L 157 20.74 12.93 37.19
N ALA L 158 21.16 14.18 37.34
CA ALA L 158 20.21 15.29 37.20
C ALA L 158 19.65 15.33 35.79
N GLU L 159 20.51 15.10 34.79
CA GLU L 159 20.04 15.10 33.40
C GLU L 159 19.05 13.97 33.16
N ILE L 160 19.32 12.79 33.71
CA ILE L 160 18.43 11.65 33.51
C ILE L 160 17.06 11.94 34.10
N ALA L 161 17.02 12.59 35.27
CA ALA L 161 15.74 12.90 35.91
C ALA L 161 14.90 13.82 35.04
N SER L 162 15.52 14.86 34.47
CA SER L 162 14.74 15.81 33.67
C SER L 162 14.07 15.15 32.47
N TYR L 163 14.69 14.11 31.90
CA TYR L 163 14.05 13.38 30.80
C TYR L 163 12.80 12.66 31.29
N PHE L 164 12.90 11.91 32.39
CA PHE L 164 11.72 11.27 32.96
C PHE L 164 10.66 12.30 33.31
N ASP L 165 11.09 13.39 33.91
CA ASP L 165 10.21 14.46 34.30
C ASP L 165 9.53 15.12 33.11
N ARG L 166 10.26 15.19 32.03
CA ARG L 166 9.78 15.73 30.82
C ARG L 166 8.63 14.83 30.30
N ALA L 167 8.85 13.54 30.34
CA ALA L 167 7.86 12.60 29.95
C ALA L 167 6.62 12.57 30.85
N ALA L 168 6.79 12.72 32.16
CA ALA L 168 5.70 12.73 33.11
C ALA L 168 4.84 13.94 32.93
N ALA L 169 5.47 15.07 32.63
CA ALA L 169 4.81 16.33 32.43
C ALA L 169 3.93 16.40 31.24
N ALA L 170 4.34 15.81 30.15
CA ALA L 170 3.61 15.83 28.93
C ALA L 170 2.42 14.91 28.93
N VAL L 171 2.19 14.17 30.02
CA VAL L 171 1.01 13.29 30.03
C VAL L 171 0.02 13.63 31.08
N ALA L 172 0.42 14.44 32.00
CA ALA L 172 -0.48 14.88 33.05
C ALA L 172 -1.29 16.00 32.38
CHA CYC M . -30.43 -14.75 -23.74
NA CYC M . -30.08 -15.47 -21.28
C1A CYC M . -29.71 -15.05 -22.67
C2A CYC M . -28.17 -15.01 -22.71
C3A CYC M . -27.63 -15.36 -21.39
C4A CYC M . -28.82 -15.66 -20.51
CMA CYC M . -26.12 -15.40 -21.05
CAA CYC M . -27.35 -14.62 -23.96
CBA CYC M . -26.60 -15.84 -24.54
CGA CYC M . -27.58 -16.94 -24.97
O1A CYC M . -28.28 -16.81 -26.02
O2A CYC M . -27.68 -17.99 -24.27
CHB CYC M . -28.85 -16.06 -19.02
NB CYC M . -26.74 -17.55 -19.04
C1B CYC M . -27.97 -16.87 -18.43
C2B CYC M . -28.03 -17.28 -17.01
C3B CYC M . -26.94 -18.15 -16.70
C4B CYC M . -26.08 -18.36 -17.92
CMB CYC M . -29.14 -16.80 -16.06
CAB CYC M . -26.68 -18.75 -15.31
CBB CYC M . -26.51 -20.28 -15.46
OB CYC M . -25.10 -19.02 -18.03
NC CYC M . -36.73 -13.18 -23.59
C1C CYC M . -38.06 -12.97 -23.50
C2C CYC M . -38.62 -13.78 -22.23
C3C CYC M . -37.50 -13.96 -21.41
C4C CYC M . -36.30 -14.13 -22.45
CMC CYC M . -39.68 -12.88 -21.55
CAC CYC M . -37.67 -15.19 -20.47
CBC CYC M . -38.01 -14.75 -19.02
OC CYC M . -38.71 -12.28 -24.23
CHD CYC M . -35.17 -14.90 -22.38
ND CYC M . -32.60 -14.82 -23.06
C1D CYC M . -33.97 -14.82 -23.38
C2D CYC M . -34.05 -14.72 -24.78
C3D CYC M . -32.80 -14.68 -25.25
C4D CYC M . -31.91 -14.75 -24.24
CMD CYC M . -35.28 -14.67 -25.72
CAD CYC M . -32.33 -14.56 -26.71
CBD CYC M . -31.37 -13.35 -26.71
CGD CYC M . -30.54 -13.26 -28.00
O1D CYC M . -30.20 -14.30 -28.61
O2D CYC M . -30.20 -12.13 -28.45
NA NA N . -31.12 -4.18 -4.94
NA NA O . -34.98 -3.80 -19.98
CHA CYC P . 9.56 -22.04 6.92
NA CYC P . 7.14 -23.00 6.64
C1A CYC P . 8.34 -22.11 6.39
C2A CYC P . 7.91 -21.14 5.30
C3A CYC P . 6.52 -21.42 4.88
C4A CYC P . 6.04 -22.57 5.72
CMA CYC P . 5.78 -20.63 3.78
CAA CYC P . 8.84 -20.04 4.72
CBA CYC P . 8.49 -18.68 5.40
CGA CYC P . 8.80 -18.75 6.92
O1A CYC P . 7.86 -18.60 7.75
O2A CYC P . 9.98 -18.94 7.33
CHB CYC P . 4.64 -23.24 5.66
NB CYC P . 3.30 -21.04 5.53
C1B CYC P . 3.50 -22.56 5.51
C2B CYC P . 2.14 -23.13 5.28
C3B CYC P . 1.16 -22.10 5.17
C4B CYC P . 1.80 -20.75 5.32
CMB CYC P . 1.83 -24.64 5.18
CAB CYC P . -0.34 -22.40 4.92
CBB CYC P . -1.27 -21.25 5.38
OB CYC P . 1.30 -19.67 5.28
NC CYC P . 11.77 -27.75 9.30
C1C CYC P . 12.07 -28.98 9.74
C2C CYC P . 10.73 -29.78 10.04
C3C CYC P . 9.65 -28.95 9.76
C4C CYC P . 10.23 -27.53 9.27
CMC CYC P . 10.74 -31.04 9.14
CAC CYC P . 8.79 -28.78 11.04
CBC CYC P . 7.89 -30.02 10.88
OC CYC P . 13.17 -29.41 9.86
CHD CYC P . 9.54 -26.38 9.07
ND CYC P . 9.59 -24.01 7.91
C1D CYC P . 10.15 -24.96 8.74
C2D CYC P . 11.34 -24.41 9.23
C3D CYC P . 11.47 -23.19 8.71
C4D CYC P . 10.42 -22.92 7.90
CMD CYC P . 12.38 -25.01 10.20
CAD CYC P . 12.63 -22.20 8.94
CBD CYC P . 13.47 -22.12 7.65
CGD CYC P . 14.50 -20.99 7.81
O1D CYC P . 15.68 -21.14 7.39
O2D CYC P . 14.15 -19.92 8.38
CHA CYC Q . -23.34 -37.49 20.25
NA CYC Q . -22.06 -35.27 19.91
C1A CYC Q . -23.26 -36.16 20.09
C2A CYC Q . -24.46 -35.20 20.19
C3A CYC Q . -24.00 -33.81 20.04
C4A CYC Q . -22.51 -33.86 19.87
CMA CYC Q . -24.93 -32.58 20.05
CAA CYC Q . -25.93 -35.63 20.40
CBA CYC Q . -26.21 -35.72 21.92
CGA CYC Q . -25.35 -36.86 22.51
O1A CYC Q . -25.64 -38.06 22.24
O2A CYC Q . -24.36 -36.61 23.25
CHB CYC Q . -21.54 -32.66 19.67
NB CYC Q . -22.60 -31.15 21.47
C1B CYC Q . -21.54 -31.59 20.46
C2B CYC Q . -20.47 -30.54 20.52
C3B CYC Q . -20.80 -29.54 21.47
C4B CYC Q . -22.12 -29.83 22.11
CMB CYC Q . -19.17 -30.56 19.67
CAB CYC Q . -19.93 -28.30 21.79
CBB CYC Q . -20.28 -27.17 20.81
OB CYC Q . -22.69 -29.20 22.94
NC CYC Q . -19.16 -41.75 19.83
C1C CYC Q . -18.19 -42.68 19.98
C2C CYC Q . -16.87 -42.19 19.22
C3C CYC Q . -17.10 -40.92 18.70
C4C CYC Q . -18.64 -40.56 18.98
CMC CYC Q . -15.67 -42.17 20.20
CAC CYC Q . -16.79 -41.01 17.18
CBC CYC Q . -16.46 -39.64 16.55
OC CYC Q . -18.30 -43.71 20.56
CHD CYC Q . -19.38 -39.52 18.53
ND CYC Q . -21.60 -38.44 19.46
C1D CYC Q . -20.92 -39.44 18.82
C2D CYC Q . -21.85 -40.41 18.46
C3D CYC Q . -23.07 -39.99 18.86
C4D CYC Q . -22.93 -38.78 19.46
CMD CYC Q . -21.56 -41.74 17.71
CAD CYC Q . -24.42 -40.74 18.70
CBD CYC Q . -25.18 -40.40 17.38
CGD CYC Q . -25.27 -38.89 17.09
O1D CYC Q . -24.54 -38.39 16.19
O2D CYC Q . -26.07 -38.15 17.72
C1 GOL R . -19.94 -35.59 28.37
O1 GOL R . -19.64 -35.28 29.71
C2 GOL R . -21.03 -36.65 28.31
O2 GOL R . -22.01 -36.39 29.30
C3 GOL R . -21.70 -36.64 26.93
O3 GOL R . -22.76 -37.57 26.90
NA NA S . 4.70 -37.06 -2.23
CHA CYC T . 13.39 -29.04 25.46
NA CYC T . 14.84 -26.94 24.95
C1A CYC T . 13.87 -28.06 24.70
C2A CYC T . 13.39 -27.89 23.25
C3A CYC T . 14.05 -26.73 22.64
C4A CYC T . 14.94 -26.15 23.69
CMA CYC T . 13.79 -26.28 21.19
CAA CYC T . 12.37 -28.82 22.54
CBA CYC T . 13.06 -29.70 21.47
CGA CYC T . 14.23 -30.51 22.05
O1A CYC T . 14.02 -31.58 22.69
O2A CYC T . 15.42 -30.11 21.88
CHB CYC T . 15.86 -24.91 23.58
NB CYC T . 16.62 -25.36 21.14
C1B CYC T . 16.53 -24.59 22.47
C2B CYC T . 17.34 -23.36 22.29
C3B CYC T . 17.91 -23.32 20.98
C4B CYC T . 17.50 -24.53 20.19
CMB CYC T . 17.53 -22.30 23.39
CAB CYC T . 18.81 -22.19 20.46
CBB CYC T . 20.18 -22.79 20.09
OB CYC T . 17.79 -24.81 19.08
NC CYC T . 13.84 -28.82 31.94
C1C CYC T . 14.14 -28.82 33.27
C2C CYC T . 15.54 -28.09 33.45
C3C CYC T . 15.62 -27.22 32.35
C4C CYC T . 14.99 -28.11 31.18
CMC CYC T . 15.55 -27.33 34.81
CAC CYC T . 17.08 -26.81 32.07
CBC CYC T . 17.27 -25.30 32.39
OC CYC T . 13.48 -29.27 34.15
CHD CYC T . 15.39 -28.26 29.89
ND CYC T . 14.33 -28.64 27.48
C1D CYC T . 14.61 -29.05 28.78
C2D CYC T . 14.09 -30.34 28.92
C3D CYC T . 13.52 -30.67 27.76
C4D CYC T . 13.65 -29.66 26.87
CMD CYC T . 14.12 -31.28 30.15
CAD CYC T . 12.75 -31.94 27.34
CBD CYC T . 11.34 -31.37 27.01
CGD CYC T . 10.48 -32.37 26.22
O1D CYC T . 9.24 -32.16 26.12
O2D CYC T . 11.00 -33.39 25.67
C1 GOL U . 18.57 -3.96 1.75
O1 GOL U . 18.19 -3.59 3.05
C2 GOL U . 18.25 -2.84 0.75
O2 GOL U . 18.44 -1.58 1.37
C3 GOL U . 19.16 -2.95 -0.46
O3 GOL U . 18.72 -2.02 -1.42
CHA CYC V . 19.81 -1.51 -15.77
NA CYC V . 21.28 -2.18 -13.70
C1A CYC V . 20.04 -2.03 -14.56
C2A CYC V . 18.90 -2.64 -13.75
C3A CYC V . 19.40 -3.15 -12.47
C4A CYC V . 20.86 -2.86 -12.43
CMA CYC V . 18.52 -3.84 -11.40
CAA CYC V . 17.43 -2.72 -14.27
CBA CYC V . 16.56 -1.66 -13.53
CGA CYC V . 17.06 -0.23 -13.85
O1A CYC V . 17.36 0.54 -12.89
O2A CYC V . 17.17 0.16 -15.04
CHB CYC V . 21.83 -3.21 -11.27
NB CYC V . 20.28 -2.23 -9.45
C1B CYC V . 21.51 -2.99 -9.98
C2B CYC V . 22.27 -3.43 -8.79
C3B CYC V . 21.63 -3.00 -7.59
C4B CYC V . 20.37 -2.25 -7.90
CMB CYC V . 23.59 -4.22 -8.84
CAB CYC V . 22.14 -3.28 -6.15
CBB CYC V . 21.03 -3.97 -5.33
OB CYC V . 19.59 -1.78 -7.14
NC CYC V . 24.99 -0.91 -19.71
C1C CYC V . 26.15 -0.96 -20.40
C2C CYC V . 27.37 -1.02 -19.37
C3C CYC V . 26.85 -1.09 -18.08
C4C CYC V . 25.26 -0.92 -18.19
CMC CYC V . 28.22 -2.27 -19.71
CAC CYC V . 27.45 0.07 -17.24
CBC CYC V . 28.91 -0.28 -16.86
OC CYC V . 26.26 -0.98 -21.59
CHD CYC V . 24.37 -0.76 -17.18
ND CYC V . 21.88 -1.16 -16.43
C1D CYC V . 22.80 -0.62 -17.30
C2D CYC V . 22.10 0.05 -18.30
C3D CYC V . 20.79 -0.08 -18.02
C4D CYC V . 20.63 -0.81 -16.89
CMD CYC V . 22.60 0.83 -19.52
CAD CYC V . 19.60 0.47 -18.83
CBD CYC V . 19.02 -0.74 -19.60
CGD CYC V . 17.73 -0.37 -20.33
O1D CYC V . 17.09 -1.25 -20.97
O2D CYC V . 17.31 0.83 -20.29
CHA CYC W . 47.29 4.67 10.69
NA CYC W . 44.86 5.27 9.96
C1A CYC W . 46.01 5.04 10.91
C2A CYC W . 45.46 5.43 12.29
C3A CYC W . 44.05 5.84 12.18
C4A CYC W . 43.67 5.74 10.73
CMA CYC W . 43.16 6.27 13.37
CAA CYC W . 46.26 5.38 13.61
CBA CYC W . 46.89 6.77 13.89
CGA CYC W . 47.66 7.27 12.64
O1A CYC W . 48.79 6.77 12.37
O2A CYC W . 47.16 8.16 11.90
CHB CYC W . 42.30 6.06 10.06
NB CYC W . 41.80 8.23 11.40
C1B CYC W . 41.57 7.15 10.33
C2B CYC W . 40.31 7.56 9.62
C3B CYC W . 39.78 8.77 10.17
C4B CYC W . 40.66 9.26 11.29
CMB CYC W . 39.65 6.78 8.46
CAB CYC W . 38.50 9.48 9.67
CBB CYC W . 37.36 9.33 10.71
OB CYC W . 40.52 10.23 11.95
NC CYC W . 49.71 3.12 5.37
C1C CYC W . 50.28 2.95 4.15
C2C CYC W . 49.18 2.38 3.14
C3C CYC W . 47.94 2.45 3.76
C4C CYC W . 48.22 2.69 5.33
CMC CYC W . 49.21 3.25 1.85
CAC CYC W . 47.19 1.11 3.55
CBC CYC W . 45.66 1.36 3.45
OC CYC W . 51.41 3.18 3.87
CHD CYC W . 47.37 2.57 6.37
ND CYC W . 47.34 3.70 8.77
C1D CYC W . 47.85 2.82 7.83
C2D CYC W . 48.91 2.14 8.43
C3D CYC W . 49.03 2.60 9.70
C4D CYC W . 48.07 3.55 9.93
CMD CYC W . 49.78 1.04 7.79
CAD CYC W . 50.09 2.14 10.75
CBD CYC W . 49.78 0.78 11.38
CGD CYC W . 48.29 0.61 11.71
O1D CYC W . 47.64 -0.34 11.18
O2D CYC W . 47.71 1.41 12.49
C1 GOL X . 17.36 -5.95 -8.38
O1 GOL X . 16.22 -6.04 -9.20
C2 GOL X . 18.27 -7.16 -8.61
O2 GOL X . 18.64 -7.22 -9.96
C3 GOL X . 19.51 -7.05 -7.73
O3 GOL X . 20.54 -7.90 -8.19
C1 GOL Y . 36.87 -25.43 20.57
O1 GOL Y . 36.82 -24.22 21.29
C2 GOL Y . 35.44 -25.84 20.21
O2 GOL Y . 35.49 -26.96 19.36
C3 GOL Y . 34.68 -26.19 21.48
O3 GOL Y . 33.29 -26.15 21.25
NA NA Z . 29.06 11.36 -6.90
CHA CYC AA . 31.12 13.56 -22.90
NA CYC AA . 28.67 13.88 -23.68
C1A CYC AA . 29.84 13.24 -22.99
C2A CYC AA . 29.32 11.97 -22.32
C3A CYC AA . 27.89 11.83 -22.57
C4A CYC AA . 27.49 13.01 -23.42
CMA CYC AA . 27.04 10.66 -22.03
CAA CYC AA . 30.22 11.00 -21.51
CBA CYC AA . 30.41 9.66 -22.26
CGA CYC AA . 30.91 9.88 -23.70
O1A CYC AA . 32.14 10.06 -23.91
O2A CYC AA . 30.09 9.87 -24.66
CHB CYC AA . 26.09 13.36 -23.96
NB CYC AA . 25.43 10.92 -24.53
C1B CYC AA . 25.23 12.43 -24.36
C2B CYC AA . 23.80 12.70 -24.73
C3B CYC AA . 23.15 11.50 -25.09
C4B CYC AA . 24.09 10.33 -25.00
CMB CYC AA . 23.17 14.11 -24.71
CAB CYC AA . 21.67 11.42 -25.54
CBB CYC AA . 21.61 11.02 -27.03
OB CYC AA . 23.87 9.19 -25.23
NC CYC AA . 32.93 19.79 -23.52
C1C CYC AA . 33.30 21.03 -23.92
C2C CYC AA . 32.23 21.52 -24.99
C3C CYC AA . 31.08 20.77 -24.74
C4C CYC AA . 31.66 19.34 -24.28
CMC CYC AA . 31.98 23.05 -24.80
CAC CYC AA . 30.21 20.71 -26.02
CBC CYC AA . 28.95 21.57 -25.79
OC CYC AA . 34.23 21.66 -23.54
CHD CYC AA . 31.35 18.11 -24.75
ND CYC AA . 31.17 15.64 -23.75
C1D CYC AA . 31.91 16.75 -24.16
C2D CYC AA . 33.26 16.46 -23.96
C3D CYC AA . 33.32 15.21 -23.46
C4D CYC AA . 32.07 14.70 -23.32
CMD CYC AA . 34.52 17.31 -24.26
CAD CYC AA . 34.51 14.35 -23.01
CBD CYC AA . 34.16 14.12 -21.52
CGD CYC AA . 35.04 13.08 -20.81
O1D CYC AA . 35.51 12.09 -21.43
O2D CYC AA . 35.28 13.26 -19.59
C1 GOL BA . 42.36 15.80 -22.39
O1 GOL BA . 42.45 15.20 -21.11
C2 GOL BA . 43.07 17.15 -22.38
O2 GOL BA . 44.45 16.94 -22.54
C3 GOL BA . 42.56 18.03 -23.53
O3 GOL BA . 41.70 19.04 -23.06
CHA CYC CA . -10.96 -14.71 -18.30
NA CYC CA . -9.93 -12.99 -19.99
C1A CYC CA . -10.10 -13.77 -18.71
C2A CYC CA . -8.98 -13.29 -17.77
C3A CYC CA . -8.16 -12.28 -18.46
C4A CYC CA . -8.74 -12.09 -19.83
CMA CYC CA . -6.93 -11.57 -17.83
CAA CYC CA . -8.78 -13.85 -16.34
CBA CYC CA . -9.34 -12.82 -15.30
CGA CYC CA . -10.88 -12.74 -15.36
O1A CYC CA . -11.44 -11.61 -15.38
O2A CYC CA . -11.59 -13.78 -15.36
CHB CYC CA . -8.22 -11.12 -20.93
NB CYC CA . -8.03 -9.07 -19.36
C1B CYC CA . -7.85 -9.86 -20.66
C2B CYC CA . -7.15 -8.94 -21.60
C3B CYC CA . -6.90 -7.67 -20.99
C4B CYC CA . -7.42 -7.67 -19.58
CMB CYC CA . -6.75 -9.29 -23.05
CAB CYC CA . -6.18 -6.52 -21.74
CBB CYC CA . -6.18 -5.18 -20.98
OB CYC CA . -7.39 -6.80 -18.76
NC CYC CA . -14.69 -17.74 -22.80
C1C CYC CA . -15.30 -18.28 -23.89
C2C CYC CA . -15.19 -17.26 -25.11
C3C CYC CA . -14.45 -16.16 -24.69
C4C CYC CA . -14.14 -16.33 -23.13
CMC CYC CA . -14.50 -17.99 -26.30
CAC CYC CA . -15.28 -14.88 -24.94
CBC CYC CA . -15.21 -14.52 -26.46
OC CYC CA . -15.82 -19.35 -23.94
CHD CYC CA . -13.58 -15.41 -22.30
ND CYC CA . -12.16 -15.04 -20.11
C1D CYC CA . -13.26 -15.56 -20.77
C2D CYC CA . -14.05 -16.20 -19.82
C3D CYC CA . -13.42 -16.07 -18.63
C4D CYC CA . -12.28 -15.37 -18.79
CMD CYC CA . -15.38 -16.95 -19.98
CAD CYC CA . -13.84 -16.62 -17.25
CBD CYC CA . -12.76 -17.64 -16.84
CGD CYC CA . -13.06 -18.24 -15.45
O1D CYC CA . -12.11 -18.68 -14.73
O2D CYC CA . -14.24 -18.27 -15.01
CHA CYC DA . -14.10 13.57 -44.33
NA CYC DA . -14.17 12.92 -41.81
C1A CYC DA . -13.99 13.81 -43.01
C2A CYC DA . -13.72 15.21 -42.42
C3A CYC DA . -13.70 15.13 -40.96
C4A CYC DA . -14.00 13.71 -40.57
CMA CYC DA . -13.43 16.36 -40.05
CAA CYC DA . -13.47 16.49 -43.26
CBA CYC DA . -14.83 17.20 -43.47
CGA CYC DA . -15.82 16.19 -44.09
O1A CYC DA . -15.78 15.97 -45.33
O2A CYC DA . -16.65 15.59 -43.36
CHB CYC DA . -14.09 13.08 -39.16
NB CYC DA . -15.32 15.06 -38.01
C1B CYC DA . -14.72 13.65 -38.12
C2B CYC DA . -14.97 13.01 -36.79
C3B CYC DA . -15.65 13.91 -35.92
C4B CYC DA . -15.91 15.22 -36.60
CMB CYC DA . -14.54 11.58 -36.42
CAB CYC DA . -16.07 13.59 -34.46
CBB CYC DA . -15.31 14.56 -33.52
OB CYC DA . -16.45 16.17 -36.16
NC CYC DA . -15.40 8.12 -46.70
C1C CYC DA . -15.91 6.95 -47.17
C2C CYC DA . -15.56 5.77 -46.16
C3C CYC DA . -14.92 6.32 -45.04
C4C CYC DA . -14.67 7.86 -45.37
CMC CYC DA . -16.88 5.07 -45.74
CAC CYC DA . -13.58 5.55 -44.82
CBC CYC DA . -13.32 5.31 -43.30
OC CYC DA . -16.54 6.84 -48.17
CHD CYC DA . -14.01 8.79 -44.62
ND CYC DA . -14.04 11.42 -44.49
C1D CYC DA . -13.76 10.24 -45.15
C2D CYC DA . -13.21 10.57 -46.39
C3D CYC DA . -13.15 11.92 -46.47
C4D CYC DA . -13.65 12.45 -45.31
CMD CYC DA . -12.73 9.59 -47.49
CAD CYC DA . -12.62 12.77 -47.63
CBD CYC DA . -11.12 13.14 -47.44
CGD CYC DA . -10.79 13.64 -46.01
O1D CYC DA . -10.00 12.99 -45.28
O2D CYC DA . -11.31 14.71 -45.58
NA NA EA . -21.25 -0.84 -23.52
CHA CYC FA . -0.45 -11.00 39.68
NA CYC FA . -2.28 -11.78 37.99
C1A CYC FA . -1.23 -10.89 38.61
C2A CYC FA . -1.16 -9.64 37.74
C3A CYC FA . -2.11 -9.74 36.63
C4A CYC FA . -2.81 -11.07 36.79
CMA CYC FA . -2.30 -8.65 35.54
CAA CYC FA . -0.20 -8.45 38.00
CBA CYC FA . -0.99 -7.20 38.49
CGA CYC FA . -1.84 -7.54 39.73
O1A CYC FA . -1.28 -7.90 40.79
O2A CYC FA . -3.10 -7.45 39.68
CHB CYC FA . -3.90 -11.69 35.89
NB CYC FA . -5.18 -9.50 35.32
C1B CYC FA . -4.90 -11.00 35.30
C2B CYC FA . -5.97 -11.62 34.47
C3B CYC FA . -6.86 -10.61 33.99
C4B CYC FA . -6.43 -9.25 34.46
CMB CYC FA . -6.09 -13.12 34.18
CAB CYC FA . -8.08 -10.88 33.10
CBB CYC FA . -9.33 -10.32 33.81
OB CYC FA . -6.94 -8.20 34.24
NC CYC FA . 0.96 -16.93 42.11
C1C CYC FA . 1.09 -18.18 42.60
C2C CYC FA . -0.27 -18.97 42.29
C3C CYC FA . -0.88 -18.27 41.26
C4C CYC FA . -0.42 -16.74 41.47
CMC CYC FA . 0.09 -20.42 41.86
CAC CYC FA . -2.42 -18.41 41.35
CBC CYC FA . -2.95 -19.28 40.18
OC CYC FA . 2.04 -18.63 43.15
CHD CYC FA . -1.12 -15.59 41.22
ND CYC FA . -0.77 -13.12 40.37
C1D CYC FA . -0.53 -14.14 41.27
C2D CYC FA . 0.33 -13.63 42.25
C3D CYC FA . 0.58 -12.35 41.93
C4D CYC FA . -0.07 -12.01 40.79
CMD CYC FA . 0.93 -14.30 43.50
CAD CYC FA . 1.47 -11.30 42.62
CBD CYC FA . 2.49 -10.86 41.53
CGD CYC FA . 3.25 -9.56 41.90
O1D CYC FA . 4.34 -9.27 41.33
O2D CYC FA . 2.78 -8.77 42.77
C1 GOL GA . 11.17 -20.94 53.23
O1 GOL GA . 11.43 -22.20 52.65
C2 GOL GA . 9.93 -21.02 54.10
O2 GOL GA . 10.27 -20.87 55.46
C3 GOL GA . 8.94 -19.92 53.72
O3 GOL GA . 7.94 -20.44 52.85
CHA CYC HA . -23.02 11.47 0.01
NA CYC HA . -23.64 9.88 1.99
C1A CYC HA . -22.77 10.72 1.09
C2A CYC HA . -21.34 10.58 1.62
C3A CYC HA . -21.34 9.70 2.79
C4A CYC HA . -22.75 9.27 3.03
CMA CYC HA . -20.07 9.34 3.59
CAA CYC HA . -20.11 11.28 0.99
CBA CYC HA . -19.38 10.27 0.06
CGA CYC HA . -19.92 10.34 -1.38
O1A CYC HA . -19.97 9.30 -2.09
O2A CYC HA . -20.34 11.43 -1.85
CHB CYC HA . -23.25 8.32 4.16
NB CYC HA . -21.45 6.59 3.56
C1B CYC HA . -22.62 7.16 4.37
C2B CYC HA . -22.89 6.15 5.44
C3B CYC HA . -21.98 5.04 5.33
C4B CYC HA . -21.05 5.24 4.18
CMB CYC HA . -23.99 6.27 6.53
CAB CYC HA . -21.98 3.82 6.27
CBB CYC HA . -20.54 3.59 6.77
OB CYC HA . -20.18 4.51 3.81
NC CYC HA . -29.10 13.71 -0.36
C1C CYC HA . -30.40 14.09 -0.34
C2C CYC HA . -31.27 12.94 0.38
C3C CYC HA . -30.38 11.98 0.88
C4C CYC HA . -28.93 12.32 0.29
CMC CYC HA . -32.09 13.60 1.51
CAC CYC HA . -30.84 10.58 0.40
CBC CYC HA . -32.08 10.11 1.21
OC CYC HA . -30.83 15.11 -0.76
CHD CYC HA . -27.84 11.50 0.28
ND CYC HA . -25.21 11.49 0.11
C1D CYC HA . -26.46 11.80 -0.39
C2D CYC HA . -26.26 12.43 -1.62
C3D CYC HA . -24.94 12.50 -1.85
C4D CYC HA . -24.28 11.93 -0.80
CMD CYC HA . -27.29 12.98 -2.62
CAD CYC HA . -24.23 13.12 -3.07
CBD CYC HA . -22.88 13.70 -2.61
CGD CYC HA . -22.15 14.35 -3.79
O1D CYC HA . -21.99 15.61 -3.81
O2D CYC HA . -21.72 13.64 -4.74
CHA CYC IA . -42.58 -19.07 13.38
NA CYC IA . -40.49 -18.36 12.04
C1A CYC IA . -41.32 -19.26 12.93
C2A CYC IA . -40.46 -20.51 13.16
C3A CYC IA . -39.16 -20.36 12.46
C4A CYC IA . -39.18 -19.04 11.78
CMA CYC IA . -38.01 -21.38 12.46
CAA CYC IA . -40.90 -21.74 14.01
CBA CYC IA . -41.62 -22.76 13.09
CGA CYC IA . -42.84 -22.08 12.44
O1A CYC IA . -43.91 -21.96 13.10
O2A CYC IA . -42.76 -21.64 11.26
CHB CYC IA . -38.04 -18.42 10.93
NB CYC IA . -37.68 -20.44 9.33
C1B CYC IA . -37.52 -19.00 9.83
C2B CYC IA . -36.62 -18.33 8.85
C3B CYC IA . -36.22 -19.23 7.83
C4B CYC IA . -36.84 -20.57 8.04
CMB CYC IA . -36.16 -16.85 8.95
CAB CYC IA . -35.29 -18.88 6.64
CBB CYC IA . -33.98 -19.68 6.78
OB CYC IA . -36.71 -21.54 7.36
NC CYC IA . -45.90 -14.19 13.56
C1C CYC IA . -46.71 -13.12 13.45
C2C CYC IA . -45.83 -11.80 13.19
C3C CYC IA . -44.51 -12.19 13.00
C4C CYC IA . -44.43 -13.73 13.41
CMC CYC IA . -46.38 -11.09 11.93
CAC CYC IA . -43.57 -11.35 13.91
CBC CYC IA . -42.22 -11.14 13.20
OC CYC IA . -47.90 -13.14 13.52
CHD CYC IA . -43.32 -14.45 13.69
ND CYC IA . -42.94 -17.04 13.60
C1D CYC IA . -43.42 -15.91 14.21
C2D CYC IA . -44.03 -16.29 15.41
C3D CYC IA . -43.90 -17.64 15.52
C4D CYC IA . -43.23 -18.10 14.41
CMD CYC IA . -44.70 -15.37 16.43
CAD CYC IA . -44.43 -18.53 16.67
CBD CYC IA . -43.50 -18.42 17.91
CGD CYC IA . -42.03 -18.60 17.49
O1D CYC IA . -41.18 -17.70 17.79
O2D CYC IA . -41.66 -19.64 16.87
C1 GOL JA . -31.81 -8.53 27.51
O1 GOL JA . -31.02 -8.32 28.66
C2 GOL JA . -32.24 -7.20 26.91
O2 GOL JA . -32.82 -7.43 25.64
C3 GOL JA . -33.29 -6.56 27.82
O3 GOL JA . -34.34 -7.45 28.04
C1 GOL KA . -25.17 -1.01 32.92
O1 GOL KA . -26.54 -1.09 32.58
C2 GOL KA . -24.95 -1.77 34.23
O2 GOL KA . -25.83 -2.88 34.27
C3 GOL KA . -23.50 -2.26 34.31
O3 GOL KA . -23.33 -3.09 35.43
CHA CYC LA . -38.17 8.43 -12.74
NA CYC LA . -36.07 9.31 -14.02
C1A CYC LA . -36.91 8.86 -12.86
C2A CYC LA . -36.05 8.97 -11.61
C3A CYC LA . -34.71 9.45 -11.98
C4A CYC LA . -34.73 9.67 -13.46
CMA CYC LA . -33.56 9.67 -10.97
CAA CYC LA . -36.55 8.61 -10.19
CBA CYC LA . -36.68 9.87 -9.30
CGA CYC LA . -37.60 10.93 -9.90
O1A CYC LA . -38.86 10.79 -9.89
O2A CYC LA . -37.09 11.97 -10.42
CHB CYC LA . -33.58 10.16 -14.37
NB CYC LA . -32.62 11.92 -12.73
C1B CYC LA . -32.71 11.11 -14.03
C2B CYC LA . -31.62 11.61 -14.90
C3B CYC LA . -30.86 12.63 -14.24
C4B CYC LA . -31.43 12.88 -12.87
CMB CYC LA . -31.35 11.06 -16.31
CAB CYC LA . -29.66 13.36 -14.86
CBB CYC LA . -29.89 14.89 -14.80
OB CYC LA . -31.06 13.65 -12.06
NC CYC LA . -41.19 5.62 -17.93
C1C CYC LA . -41.83 5.32 -19.10
C2C CYC LA . -41.19 6.22 -20.25
C3C CYC LA . -39.92 6.55 -19.78
C4C CYC LA . -40.13 6.72 -18.20
CMC CYC LA . -41.16 5.36 -21.54
CAC CYC LA . -39.41 7.86 -20.45
CBC CYC LA . -38.42 7.52 -21.59
OC CYC LA . -42.69 4.52 -19.24
CHD CYC LA . -39.68 7.71 -17.38
ND CYC LA . -38.81 8.11 -14.89
C1D CYC LA . -39.81 7.77 -15.80
C2D CYC LA . -40.97 7.49 -15.07
C3D CYC LA . -40.66 7.66 -13.78
C4D CYC LA . -39.38 8.03 -13.64
CMD CYC LA . -42.37 7.07 -15.56
CAD CYC LA . -41.53 7.48 -12.51
CBD CYC LA . -40.81 6.36 -11.72
CGD CYC LA . -41.34 6.24 -10.28
O1D CYC LA . -41.12 5.18 -9.61
O2D CYC LA . -41.98 7.19 -9.77
CHA CYC MA . 7.75 24.66 2.25
NA CYC MA . 5.93 25.14 0.44
C1A CYC MA . 6.62 24.43 1.59
C2A CYC MA . 5.71 23.24 1.93
C3A CYC MA . 4.54 23.22 1.05
C4A CYC MA . 4.67 24.40 0.13
CMA CYC MA . 3.42 22.16 1.12
CAA CYC MA . 6.01 22.21 3.05
CBA CYC MA . 6.44 20.86 2.43
CGA CYC MA . 7.89 20.95 1.95
O1A CYC MA . 8.15 20.91 0.72
O2A CYC MA . 8.82 21.07 2.80
CHB CYC MA . 3.69 24.83 -0.99
NB CYC MA . 3.46 22.44 -1.89
C1B CYC MA . 3.19 23.95 -1.85
C2B CYC MA . 2.24 24.21 -2.97
C3B CYC MA . 1.93 23.00 -3.67
C4B CYC MA . 2.64 21.84 -3.05
CMB CYC MA . 1.66 25.60 -3.35
CAB CYC MA . 0.98 22.92 -4.88
CBB CYC MA . 0.08 21.68 -4.71
OB CYC MA . 2.62 20.70 -3.37
NC CYC MA . 10.25 30.74 2.20
C1C CYC MA . 10.56 32.05 2.15
C2C CYC MA . 10.00 32.68 0.78
C3C CYC MA . 9.39 31.64 0.06
C4C CYC MA . 9.46 30.31 0.92
CMC CYC MA . 8.96 33.76 1.14
CAC CYC MA . 10.19 31.46 -1.25
CBC CYC MA . 9.40 32.00 -2.46
OC CYC MA . 11.16 32.65 2.97
CHD CYC MA . 9.05 29.07 0.55
ND CYC MA . 8.33 26.68 1.46
C1D CYC MA . 9.24 27.73 1.36
C2D CYC MA . 10.35 27.39 2.11
C3D CYC MA . 10.13 26.18 2.63
C4D CYC MA . 8.90 25.72 2.26
CMD CYC MA . 11.66 28.16 2.36
CAD CYC MA . 11.07 25.38 3.55
CBD CYC MA . 10.28 25.23 4.88
CGD CYC MA . 11.03 24.33 5.86
O1D CYC MA . 11.06 24.61 7.09
O2D CYC MA . 11.62 23.30 5.42
CHA CYC NA . -0.92 34.34 -34.27
NA CYC NA . -0.23 32.40 -32.73
C1A CYC NA . -0.88 33.04 -33.94
C2A CYC NA . -1.39 31.86 -34.79
C3A CYC NA . -1.10 30.59 -34.11
C4A CYC NA . -0.38 30.92 -32.84
CMA CYC NA . -1.49 29.19 -34.63
CAA CYC NA . -2.14 31.94 -36.14
CBA CYC NA . -1.10 31.96 -37.29
CGA CYC NA . -0.22 33.20 -37.10
O1A CYC NA . -0.71 34.35 -37.32
O2A CYC NA . 0.97 33.09 -36.71
CHB CYC NA . 0.13 29.92 -31.78
NB CYC NA . 1.31 28.31 -33.42
C1B CYC NA . 0.96 28.91 -32.05
C2B CYC NA . 1.75 28.13 -31.05
C3B CYC NA . 2.52 27.12 -31.69
C4B CYC NA . 2.31 27.16 -33.17
CMB CYC NA . 1.70 28.41 -29.53
CAB CYC NA . 3.46 26.14 -30.96
CBB CYC NA . 2.63 24.96 -30.37
OB CYC NA . 2.80 26.46 -33.99
NC CYC NA . 0.41 39.04 -30.95
C1C CYC NA . 0.77 40.15 -30.28
C2C CYC NA . 0.66 39.87 -28.71
C3C CYC NA . 0.50 38.51 -28.52
C4C CYC NA . 0.02 37.93 -29.95
CMC CYC NA . 1.95 40.38 -28.02
CAC CYC NA . -0.60 38.26 -27.45
CBC CYC NA . -0.23 37.02 -26.58
OC CYC NA . 1.13 41.17 -30.78
CHD CYC NA . -0.59 36.76 -30.22
ND CYC NA . -0.83 35.45 -32.49
C1D CYC NA . -1.15 36.49 -31.66
C2D CYC NA . -2.09 37.27 -32.30
C3D CYC NA . -2.34 36.74 -33.52
C4D CYC NA . -1.58 35.60 -33.64
CMD CYC NA . -2.74 38.56 -31.73
CAD CYC NA . -3.31 37.26 -34.61
CBD CYC NA . -4.78 36.83 -34.37
CGD CYC NA . -4.89 35.32 -34.09
O1D CYC NA . -5.42 34.95 -33.01
O2D CYC NA . -4.46 34.48 -34.92
C1 GOL OA . -1.37 41.23 -3.21
O1 GOL OA . -2.17 41.59 -2.11
C2 GOL OA . -2.26 40.93 -4.41
O2 GOL OA . -3.25 40.00 -4.05
C3 GOL OA . -2.93 42.21 -4.93
O3 GOL OA . -2.20 42.70 -6.03
C1 GOL PA . -10.57 29.44 -3.57
O1 GOL PA . -11.34 28.56 -2.77
C2 GOL PA . -9.27 29.78 -2.86
O2 GOL PA . -8.48 28.61 -2.75
C3 GOL PA . -8.52 30.84 -3.67
O3 GOL PA . -9.39 31.92 -3.90
CHA CYC QA . 24.25 32.98 -5.45
NA CYC QA . 24.83 31.12 -3.78
C1A CYC QA . 23.95 32.04 -4.58
C2A CYC QA . 22.50 31.70 -4.21
C3A CYC QA . 22.50 30.60 -3.22
C4A CYC QA . 23.93 30.26 -2.96
CMA CYC QA . 21.23 29.98 -2.62
CAA CYC QA . 21.27 32.42 -4.82
CBA CYC QA . 20.59 33.41 -3.84
CGA CYC QA . 21.63 34.31 -3.15
O1A CYC QA . 22.06 35.34 -3.74
O2A CYC QA . 22.03 34.02 -1.99
CHB CYC QA . 24.51 29.19 -2.02
NB CYC QA . 22.86 29.53 -0.06
C1B CYC QA . 24.03 28.90 -0.81
C2B CYC QA . 24.58 27.84 0.08
C3B CYC QA . 23.84 27.78 1.30
C4B CYC QA . 22.74 28.80 1.29
CMB CYC QA . 25.78 26.96 -0.31
CAB CYC QA . 24.13 26.80 2.46
CBB CYC QA . 24.08 27.54 3.81
OB CYC QA . 21.94 29.03 2.14
NC CYC QA . 29.93 32.91 -8.45
C1C CYC QA . 31.19 33.09 -8.89
C2C CYC QA . 32.21 32.55 -7.77
C3C CYC QA . 31.45 31.74 -6.94
C4C CYC QA . 29.96 32.28 -7.04
CMC CYC QA . 33.36 31.75 -8.46
CAC CYC QA . 32.00 31.82 -5.50
CBC CYC QA . 32.69 30.49 -5.22
OC CYC QA . 31.53 33.55 -9.93
CHD CYC QA . 29.13 32.56 -6.01
ND CYC QA . 26.52 32.74 -5.68
C1D CYC QA . 27.72 33.22 -6.19
C2D CYC QA . 27.44 34.40 -6.88
C3D CYC QA . 26.12 34.60 -6.77
C4D CYC QA . 25.54 33.62 -6.06
CMD CYC QA . 28.39 35.37 -7.63
CAD CYC QA . 25.22 35.71 -7.33
CBD CYC QA . 24.24 34.91 -8.22
CGD CYC QA . 22.98 35.70 -8.62
O1D CYC QA . 22.22 35.22 -9.51
O2D CYC QA . 22.70 36.79 -8.05
C1 GOL RA . 46.03 30.08 4.42
O1 GOL RA . 47.19 30.20 3.63
C2 GOL RA . 46.24 29.11 5.59
O2 GOL RA . 45.62 29.62 6.76
C3 GOL RA . 47.73 28.92 5.89
O3 GOL RA . 48.22 27.81 5.16
CHA CYC SA . -3.35 2.68 24.82
NA CYC SA . -0.96 3.73 24.68
C1A CYC SA . -2.30 3.24 24.20
C2A CYC SA . -2.36 3.55 22.70
C3A CYC SA . -1.10 4.19 22.28
C4A CYC SA . -0.22 4.30 23.51
CMA CYC SA . -0.80 4.63 20.83
CAA CYC SA . -3.57 3.22 21.78
CBA CYC SA . -3.25 2.00 20.86
CGA CYC SA . -3.43 0.65 21.59
O1A CYC SA . -3.00 -0.41 21.05
O2A CYC SA . -3.99 0.59 22.70
CHB CYC SA . 1.19 4.90 23.61
NB CYC SA . 2.12 4.00 21.36
C1B CYC SA . 2.12 4.86 22.65
C2B CYC SA . 3.39 5.63 22.60
C3B CYC SA . 4.15 5.34 21.43
C4B CYC SA . 3.42 4.33 20.59
CMB CYC SA . 3.85 6.63 23.70
CAB CYC SA . 5.52 6.01 21.11
CBB CYC SA . 6.40 5.13 20.21
OB CYC SA . 3.74 3.85 19.55
NC CYC SA . -3.72 2.68 31.22
C1C CYC SA . -3.70 2.70 32.58
C2C CYC SA . -2.21 2.95 33.08
C3C CYC SA . -1.39 3.12 31.96
C4C CYC SA . -2.29 2.86 30.65
CMC CYC SA . -2.19 4.23 33.96
CAC CYC SA . -0.24 2.07 32.03
CBC CYC SA . 0.87 2.60 32.97
OC CYC SA . -4.65 2.58 33.28
CHD CYC SA . -1.84 2.56 29.41
ND CYC SA . -2.66 2.62 26.90
C1D CYC SA . -2.74 2.14 28.20
C2D CYC SA . -3.76 1.19 28.23
C3D CYC SA . -4.28 1.11 27.00
C4D CYC SA . -3.62 1.97 26.17
CMD CYC SA . -4.26 0.35 29.41
CAD CYC SA . -5.44 0.21 26.52
CBD CYC SA . -6.67 1.13 26.31
CGD CYC SA . -7.79 0.33 25.64
O1D CYC SA . -8.96 0.80 25.59
O2D CYC SA . -7.56 -0.81 25.14
CHA CYC TA . 34.30 3.96 34.28
NA CYC TA . 32.50 2.98 32.67
C1A CYC TA . 33.87 3.46 33.09
C2A CYC TA . 34.79 3.18 31.88
C3A CYC TA . 34.00 2.58 30.79
C4A CYC TA . 32.58 2.46 31.27
CMA CYC TA . 34.58 2.19 29.41
CAA CYC TA . 36.31 3.48 31.83
CBA CYC TA . 37.06 2.23 32.34
CGA CYC TA . 36.70 1.99 33.82
O1A CYC TA . 37.08 2.82 34.69
O2A CYC TA . 36.00 1.00 34.16
CHB CYC TA . 31.38 1.89 30.47
NB CYC TA . 32.63 -0.19 29.54
C1B CYC TA . 31.41 0.70 29.83
C2B CYC TA . 30.25 -0.01 29.23
C3B CYC TA . 30.66 -1.24 28.61
C4B CYC TA . 32.14 -1.43 28.76
CMB CYC TA . 28.79 0.50 29.27
CAB CYC TA . 29.73 -2.24 27.90
CBB CYC TA . 30.00 -2.16 26.38
OB CYC TA . 32.79 -2.33 28.35
NC CYC TA . 30.68 5.53 38.88
C1C CYC TA . 29.85 5.69 39.93
C2C CYC TA . 28.36 5.95 39.41
C3C CYC TA . 28.35 5.75 38.03
C4C CYC TA . 29.88 5.67 37.57
CMC CYC TA . 27.40 4.96 40.12
CAC CYC TA . 27.65 6.97 37.37
CBC CYC TA . 27.02 6.55 36.01
OC CYC TA . 30.16 5.63 41.09
CHD CYC TA . 30.36 5.60 36.31
ND CYC TA . 32.58 4.76 35.20
C1D CYC TA . 31.89 5.63 36.00
C2D CYC TA . 32.79 6.58 36.46
C3D CYC TA . 34.01 6.28 35.97
C4D CYC TA . 33.89 5.17 35.17
CMD CYC TA . 32.47 7.77 37.38
CAD CYC TA . 35.34 7.05 36.22
CBD CYC TA . 35.53 8.24 35.25
CGD CYC TA . 35.20 7.82 33.80
O1D CYC TA . 34.16 8.27 33.24
O2D CYC TA . 35.97 7.06 33.16
#